data_2VGE
# 
_entry.id   2VGE 
# 
_audit_conform.dict_name       mmcif_pdbx.dic 
_audit_conform.dict_version    5.382 
_audit_conform.dict_location   http://mmcif.pdb.org/dictionaries/ascii/mmcif_pdbx.dic 
# 
loop_
_database_2.database_id 
_database_2.database_code 
_database_2.pdbx_database_accession 
_database_2.pdbx_DOI 
PDB   2VGE         pdb_00002vge 10.2210/pdb2vge/pdb 
PDBE  EBI-34403    ?            ?                   
WWPDB D_1290034403 ?            ?                   
# 
_pdbx_database_status.status_code                     REL 
_pdbx_database_status.entry_id                        2VGE 
_pdbx_database_status.deposit_site                    PDBE 
_pdbx_database_status.process_site                    PDBE 
_pdbx_database_status.SG_entry                        . 
_pdbx_database_status.recvd_initial_deposition_date   2007-11-12 
_pdbx_database_status.pdb_format_compatible           Y 
_pdbx_database_status.status_code_sf                  REL 
_pdbx_database_status.status_code_mr                  ? 
_pdbx_database_status.status_code_cs                  ? 
_pdbx_database_status.methods_development_category    ? 
_pdbx_database_status.status_code_nmr_data            ? 
# 
loop_
_audit_author.name 
_audit_author.pdbx_ordinal 
'Robinson, R.A.' 1 
'Lu, X.'         2 
'Jones, E.Y.'    3 
'Siebold, C.'    4 
# 
_citation.id                        primary 
_citation.title                     
'Biochemical and Structural Studies of Aspp Proteins Reveal Differential Binding to P53, P63 and P73' 
_citation.journal_abbrev            Structure 
_citation.journal_volume            16 
_citation.page_first                259 
_citation.page_last                 ? 
_citation.year                      2008 
_citation.journal_id_ASTM           STRUE6 
_citation.country                   UK 
_citation.journal_id_ISSN           0969-2126 
_citation.journal_id_CSD            2005 
_citation.book_publisher            ? 
_citation.pdbx_database_id_PubMed   18275817 
_citation.pdbx_database_id_DOI      10.1016/J.STR.2007.11.012 
# 
loop_
_citation_author.citation_id 
_citation_author.name 
_citation_author.ordinal 
_citation_author.identifier_ORCID 
primary 'Robinson, R.A.' 1 ? 
primary 'Lu, X.'         2 ? 
primary 'Jones, E.Y.'    3 ? 
primary 'Siebold, C.'    4 ? 
# 
_cell.entry_id           2VGE 
_cell.length_a           59.969 
_cell.length_b           67.545 
_cell.length_c           50.490 
_cell.angle_alpha        90.00 
_cell.angle_beta         90.00 
_cell.angle_gamma        90.00 
_cell.Z_PDB              4 
_cell.pdbx_unique_axis   ? 
# 
_symmetry.entry_id                         2VGE 
_symmetry.space_group_name_H-M             'P 21 21 2' 
_symmetry.pdbx_full_space_group_name_H-M   ? 
_symmetry.cell_setting                     ? 
_symmetry.Int_Tables_number                18 
# 
loop_
_entity.id 
_entity.type 
_entity.src_method 
_entity.pdbx_description 
_entity.formula_weight 
_entity.pdbx_number_of_molecules 
_entity.pdbx_ec 
_entity.pdbx_mutation 
_entity.pdbx_fragment 
_entity.details 
1 polymer man 'RELA-ASSOCIATED INHIBITOR' 25314.373 1   ? ? 'P53 (CORE) BINDING DOMAIN, RESIDUES 607-828' ? 
2 water   nat water                       18.015    153 ? ? ?                                             ? 
# 
_entity_name_com.entity_id   1 
_entity_name_com.name        'INHIBITOR OF ASPP PROTEIN, PROTEIN IASPP, PPP1R13B-LIKE PROTEIN, NFKB-INTERACTING PROTEIN 1, IASPP' 
# 
_entity_poly.entity_id                      1 
_entity_poly.type                           'polypeptide(L)' 
_entity_poly.nstd_linkage                   no 
_entity_poly.nstd_monomer                   no 
_entity_poly.pdbx_seq_one_letter_code       
;MRSVLRKAGSPRKARRARLNPLVLLLDAALTGELEVVQQAVKEMNDPSQPNEEGITALHNAICGANYSIVDFLITAGANV
NSPDSHGWTPLHCAASCNDTVICMALVQHGAAIFATTLSDGATAFEKCDPYREGYADCATYLADVEQSMGLMNSGAVYAL
WDYSAEFGDELSFREGESVTVLRRDGPEETDWWWAALHGQEGYVPRNYFGLFPRVKPQRSKVKHHHHHH
;
_entity_poly.pdbx_seq_one_letter_code_can   
;MRSVLRKAGSPRKARRARLNPLVLLLDAALTGELEVVQQAVKEMNDPSQPNEEGITALHNAICGANYSIVDFLITAGANV
NSPDSHGWTPLHCAASCNDTVICMALVQHGAAIFATTLSDGATAFEKCDPYREGYADCATYLADVEQSMGLMNSGAVYAL
WDYSAEFGDELSFREGESVTVLRRDGPEETDWWWAALHGQEGYVPRNYFGLFPRVKPQRSKVKHHHHHH
;
_entity_poly.pdbx_strand_id                 A 
_entity_poly.pdbx_target_identifier         ? 
# 
loop_
_entity_poly_seq.entity_id 
_entity_poly_seq.num 
_entity_poly_seq.mon_id 
_entity_poly_seq.hetero 
1 1   MET n 
1 2   ARG n 
1 3   SER n 
1 4   VAL n 
1 5   LEU n 
1 6   ARG n 
1 7   LYS n 
1 8   ALA n 
1 9   GLY n 
1 10  SER n 
1 11  PRO n 
1 12  ARG n 
1 13  LYS n 
1 14  ALA n 
1 15  ARG n 
1 16  ARG n 
1 17  ALA n 
1 18  ARG n 
1 19  LEU n 
1 20  ASN n 
1 21  PRO n 
1 22  LEU n 
1 23  VAL n 
1 24  LEU n 
1 25  LEU n 
1 26  LEU n 
1 27  ASP n 
1 28  ALA n 
1 29  ALA n 
1 30  LEU n 
1 31  THR n 
1 32  GLY n 
1 33  GLU n 
1 34  LEU n 
1 35  GLU n 
1 36  VAL n 
1 37  VAL n 
1 38  GLN n 
1 39  GLN n 
1 40  ALA n 
1 41  VAL n 
1 42  LYS n 
1 43  GLU n 
1 44  MET n 
1 45  ASN n 
1 46  ASP n 
1 47  PRO n 
1 48  SER n 
1 49  GLN n 
1 50  PRO n 
1 51  ASN n 
1 52  GLU n 
1 53  GLU n 
1 54  GLY n 
1 55  ILE n 
1 56  THR n 
1 57  ALA n 
1 58  LEU n 
1 59  HIS n 
1 60  ASN n 
1 61  ALA n 
1 62  ILE n 
1 63  CYS n 
1 64  GLY n 
1 65  ALA n 
1 66  ASN n 
1 67  TYR n 
1 68  SER n 
1 69  ILE n 
1 70  VAL n 
1 71  ASP n 
1 72  PHE n 
1 73  LEU n 
1 74  ILE n 
1 75  THR n 
1 76  ALA n 
1 77  GLY n 
1 78  ALA n 
1 79  ASN n 
1 80  VAL n 
1 81  ASN n 
1 82  SER n 
1 83  PRO n 
1 84  ASP n 
1 85  SER n 
1 86  HIS n 
1 87  GLY n 
1 88  TRP n 
1 89  THR n 
1 90  PRO n 
1 91  LEU n 
1 92  HIS n 
1 93  CYS n 
1 94  ALA n 
1 95  ALA n 
1 96  SER n 
1 97  CYS n 
1 98  ASN n 
1 99  ASP n 
1 100 THR n 
1 101 VAL n 
1 102 ILE n 
1 103 CYS n 
1 104 MET n 
1 105 ALA n 
1 106 LEU n 
1 107 VAL n 
1 108 GLN n 
1 109 HIS n 
1 110 GLY n 
1 111 ALA n 
1 112 ALA n 
1 113 ILE n 
1 114 PHE n 
1 115 ALA n 
1 116 THR n 
1 117 THR n 
1 118 LEU n 
1 119 SER n 
1 120 ASP n 
1 121 GLY n 
1 122 ALA n 
1 123 THR n 
1 124 ALA n 
1 125 PHE n 
1 126 GLU n 
1 127 LYS n 
1 128 CYS n 
1 129 ASP n 
1 130 PRO n 
1 131 TYR n 
1 132 ARG n 
1 133 GLU n 
1 134 GLY n 
1 135 TYR n 
1 136 ALA n 
1 137 ASP n 
1 138 CYS n 
1 139 ALA n 
1 140 THR n 
1 141 TYR n 
1 142 LEU n 
1 143 ALA n 
1 144 ASP n 
1 145 VAL n 
1 146 GLU n 
1 147 GLN n 
1 148 SER n 
1 149 MET n 
1 150 GLY n 
1 151 LEU n 
1 152 MET n 
1 153 ASN n 
1 154 SER n 
1 155 GLY n 
1 156 ALA n 
1 157 VAL n 
1 158 TYR n 
1 159 ALA n 
1 160 LEU n 
1 161 TRP n 
1 162 ASP n 
1 163 TYR n 
1 164 SER n 
1 165 ALA n 
1 166 GLU n 
1 167 PHE n 
1 168 GLY n 
1 169 ASP n 
1 170 GLU n 
1 171 LEU n 
1 172 SER n 
1 173 PHE n 
1 174 ARG n 
1 175 GLU n 
1 176 GLY n 
1 177 GLU n 
1 178 SER n 
1 179 VAL n 
1 180 THR n 
1 181 VAL n 
1 182 LEU n 
1 183 ARG n 
1 184 ARG n 
1 185 ASP n 
1 186 GLY n 
1 187 PRO n 
1 188 GLU n 
1 189 GLU n 
1 190 THR n 
1 191 ASP n 
1 192 TRP n 
1 193 TRP n 
1 194 TRP n 
1 195 ALA n 
1 196 ALA n 
1 197 LEU n 
1 198 HIS n 
1 199 GLY n 
1 200 GLN n 
1 201 GLU n 
1 202 GLY n 
1 203 TYR n 
1 204 VAL n 
1 205 PRO n 
1 206 ARG n 
1 207 ASN n 
1 208 TYR n 
1 209 PHE n 
1 210 GLY n 
1 211 LEU n 
1 212 PHE n 
1 213 PRO n 
1 214 ARG n 
1 215 VAL n 
1 216 LYS n 
1 217 PRO n 
1 218 GLN n 
1 219 ARG n 
1 220 SER n 
1 221 LYS n 
1 222 VAL n 
1 223 LYS n 
1 224 HIS n 
1 225 HIS n 
1 226 HIS n 
1 227 HIS n 
1 228 HIS n 
1 229 HIS n 
# 
_entity_src_gen.entity_id                          1 
_entity_src_gen.pdbx_src_id                        1 
_entity_src_gen.pdbx_alt_source_flag               sample 
_entity_src_gen.pdbx_seq_type                      ? 
_entity_src_gen.pdbx_beg_seq_num                   ? 
_entity_src_gen.pdbx_end_seq_num                   ? 
_entity_src_gen.gene_src_common_name               HUMAN 
_entity_src_gen.gene_src_genus                     ? 
_entity_src_gen.pdbx_gene_src_gene                 ? 
_entity_src_gen.gene_src_species                   ? 
_entity_src_gen.gene_src_strain                    ? 
_entity_src_gen.gene_src_tissue                    ? 
_entity_src_gen.gene_src_tissue_fraction           ? 
_entity_src_gen.gene_src_details                   ? 
_entity_src_gen.pdbx_gene_src_fragment             ? 
_entity_src_gen.pdbx_gene_src_scientific_name      'HOMO SAPIENS' 
_entity_src_gen.pdbx_gene_src_ncbi_taxonomy_id     9606 
_entity_src_gen.pdbx_gene_src_variant              ? 
_entity_src_gen.pdbx_gene_src_cell_line            ? 
_entity_src_gen.pdbx_gene_src_atcc                 ? 
_entity_src_gen.pdbx_gene_src_organ                ? 
_entity_src_gen.pdbx_gene_src_organelle            ? 
_entity_src_gen.pdbx_gene_src_cell                 ? 
_entity_src_gen.pdbx_gene_src_cellular_location    ? 
_entity_src_gen.host_org_common_name               ? 
_entity_src_gen.pdbx_host_org_scientific_name      'ESCHERICHIA COLI' 
_entity_src_gen.pdbx_host_org_ncbi_taxonomy_id     562 
_entity_src_gen.host_org_genus                     ? 
_entity_src_gen.pdbx_host_org_gene                 ? 
_entity_src_gen.pdbx_host_org_organ                ? 
_entity_src_gen.host_org_species                   ? 
_entity_src_gen.pdbx_host_org_tissue               ? 
_entity_src_gen.pdbx_host_org_tissue_fraction      ? 
_entity_src_gen.pdbx_host_org_strain               'ROSETTA (DE3) PLYSS' 
_entity_src_gen.pdbx_host_org_variant              ? 
_entity_src_gen.pdbx_host_org_cell_line            ? 
_entity_src_gen.pdbx_host_org_atcc                 ? 
_entity_src_gen.pdbx_host_org_culture_collection   ? 
_entity_src_gen.pdbx_host_org_cell                 ? 
_entity_src_gen.pdbx_host_org_organelle            ? 
_entity_src_gen.pdbx_host_org_cellular_location    ? 
_entity_src_gen.pdbx_host_org_vector_type          ? 
_entity_src_gen.pdbx_host_org_vector               ? 
_entity_src_gen.host_org_details                   ? 
_entity_src_gen.expression_system_id               ? 
_entity_src_gen.plasmid_name                       'PET 22B' 
_entity_src_gen.plasmid_details                    ? 
_entity_src_gen.pdbx_description                   ? 
# 
loop_
_struct_ref.id 
_struct_ref.db_name 
_struct_ref.db_code 
_struct_ref.entity_id 
_struct_ref.pdbx_seq_one_letter_code 
_struct_ref.pdbx_align_begin 
_struct_ref.pdbx_db_accession 
_struct_ref.pdbx_db_isoform 
1 UNP IASPP_HUMAN 1 ? ? Q8WUF5 ? 
2 PDB 2VGE        1 ? ? 2VGE   ? 
# 
loop_
_struct_ref_seq.align_id 
_struct_ref_seq.ref_id 
_struct_ref_seq.pdbx_PDB_id_code 
_struct_ref_seq.pdbx_strand_id 
_struct_ref_seq.seq_align_beg 
_struct_ref_seq.pdbx_seq_align_beg_ins_code 
_struct_ref_seq.seq_align_end 
_struct_ref_seq.pdbx_seq_align_end_ins_code 
_struct_ref_seq.pdbx_db_accession 
_struct_ref_seq.db_align_beg 
_struct_ref_seq.pdbx_db_align_beg_ins_code 
_struct_ref_seq.db_align_end 
_struct_ref_seq.pdbx_db_align_end_ins_code 
_struct_ref_seq.pdbx_auth_seq_align_beg 
_struct_ref_seq.pdbx_auth_seq_align_end 
1 1 2VGE A 1   ? 222 ? Q8WUF5 607 ? 828 ? 607 828 
2 2 2VGE A 223 ? 229 ? 2VGE   829 ? 835 ? 829 835 
# 
loop_
_chem_comp.id 
_chem_comp.type 
_chem_comp.mon_nstd_flag 
_chem_comp.name 
_chem_comp.pdbx_synonyms 
_chem_comp.formula 
_chem_comp.formula_weight 
ALA 'L-peptide linking' y ALANINE         ? 'C3 H7 N O2'     89.093  
ARG 'L-peptide linking' y ARGININE        ? 'C6 H15 N4 O2 1' 175.209 
ASN 'L-peptide linking' y ASPARAGINE      ? 'C4 H8 N2 O3'    132.118 
ASP 'L-peptide linking' y 'ASPARTIC ACID' ? 'C4 H7 N O4'     133.103 
CYS 'L-peptide linking' y CYSTEINE        ? 'C3 H7 N O2 S'   121.158 
GLN 'L-peptide linking' y GLUTAMINE       ? 'C5 H10 N2 O3'   146.144 
GLU 'L-peptide linking' y 'GLUTAMIC ACID' ? 'C5 H9 N O4'     147.129 
GLY 'peptide linking'   y GLYCINE         ? 'C2 H5 N O2'     75.067  
HIS 'L-peptide linking' y HISTIDINE       ? 'C6 H10 N3 O2 1' 156.162 
HOH non-polymer         . WATER           ? 'H2 O'           18.015  
ILE 'L-peptide linking' y ISOLEUCINE      ? 'C6 H13 N O2'    131.173 
LEU 'L-peptide linking' y LEUCINE         ? 'C6 H13 N O2'    131.173 
LYS 'L-peptide linking' y LYSINE          ? 'C6 H15 N2 O2 1' 147.195 
MET 'L-peptide linking' y METHIONINE      ? 'C5 H11 N O2 S'  149.211 
PHE 'L-peptide linking' y PHENYLALANINE   ? 'C9 H11 N O2'    165.189 
PRO 'L-peptide linking' y PROLINE         ? 'C5 H9 N O2'     115.130 
SER 'L-peptide linking' y SERINE          ? 'C3 H7 N O3'     105.093 
THR 'L-peptide linking' y THREONINE       ? 'C4 H9 N O3'     119.119 
TRP 'L-peptide linking' y TRYPTOPHAN      ? 'C11 H12 N2 O2'  204.225 
TYR 'L-peptide linking' y TYROSINE        ? 'C9 H11 N O3'    181.189 
VAL 'L-peptide linking' y VALINE          ? 'C5 H11 N O2'    117.146 
# 
_exptl.entry_id          2VGE 
_exptl.method            'X-RAY DIFFRACTION' 
_exptl.crystals_number   1 
# 
_exptl_crystal.id                    1 
_exptl_crystal.density_meas          ? 
_exptl_crystal.density_Matthews      2.09 
_exptl_crystal.density_percent_sol   40.73 
_exptl_crystal.description           NONE 
# 
_exptl_crystal_grow.crystal_id      1 
_exptl_crystal_grow.method          ? 
_exptl_crystal_grow.temp            ? 
_exptl_crystal_grow.temp_details    ? 
_exptl_crystal_grow.pH              ? 
_exptl_crystal_grow.pdbx_pH_range   ? 
_exptl_crystal_grow.pdbx_details    '22% PEG3350, 0.3 M KCL2, 17.5% MPD' 
# 
_diffrn.id                     1 
_diffrn.ambient_temp           100 
_diffrn.ambient_temp_details   ? 
_diffrn.crystal_id             1 
# 
_diffrn_detector.diffrn_id              1 
_diffrn_detector.detector               CCD 
_diffrn_detector.type                   'ADSC CCD' 
_diffrn_detector.pdbx_collection_date   2003-12-15 
_diffrn_detector.details                ? 
# 
_diffrn_radiation.diffrn_id                        1 
_diffrn_radiation.wavelength_id                    1 
_diffrn_radiation.pdbx_monochromatic_or_laue_m_l   M 
_diffrn_radiation.monochromator                    ? 
_diffrn_radiation.pdbx_diffrn_protocol             'SINGLE WAVELENGTH' 
_diffrn_radiation.pdbx_scattering_type             x-ray 
# 
_diffrn_radiation_wavelength.id           1 
_diffrn_radiation_wavelength.wavelength   0.97566 
_diffrn_radiation_wavelength.wt           1.0 
# 
_diffrn_source.diffrn_id                   1 
_diffrn_source.source                      SYNCHROTRON 
_diffrn_source.type                        'ESRF BEAMLINE ID14-2' 
_diffrn_source.pdbx_synchrotron_site       ESRF 
_diffrn_source.pdbx_synchrotron_beamline   ID14-2 
_diffrn_source.pdbx_wavelength             0.97566 
_diffrn_source.pdbx_wavelength_list        ? 
# 
_reflns.pdbx_diffrn_id               1 
_reflns.pdbx_ordinal                 1 
_reflns.entry_id                     2VGE 
_reflns.observed_criterion_sigma_I   0.0 
_reflns.observed_criterion_sigma_F   ? 
_reflns.d_resolution_low             30.00 
_reflns.d_resolution_high            2.10 
_reflns.number_obs                   12454 
_reflns.number_all                   ? 
_reflns.percent_possible_obs         99.1 
_reflns.pdbx_Rmerge_I_obs            0.12 
_reflns.pdbx_Rsym_value              ? 
_reflns.pdbx_netI_over_sigmaI        10.30 
_reflns.B_iso_Wilson_estimate        15.1 
_reflns.pdbx_redundancy              4.3 
# 
_reflns_shell.pdbx_diffrn_id         1 
_reflns_shell.pdbx_ordinal           1 
_reflns_shell.d_res_high             2.10 
_reflns_shell.d_res_low              2.20 
_reflns_shell.percent_possible_all   96.0 
_reflns_shell.Rmerge_I_obs           0.72 
_reflns_shell.pdbx_Rsym_value        ? 
_reflns_shell.meanI_over_sigI_obs    1.90 
_reflns_shell.pdbx_redundancy        2.7 
# 
_refine.pdbx_refine_id                           'X-RAY DIFFRACTION' 
_refine.entry_id                                 2VGE 
_refine.pdbx_diffrn_id                           1 
_refine.pdbx_TLS_residual_ADP_flag               ? 
_refine.ls_number_reflns_obs                     11554 
_refine.ls_number_reflns_all                     ? 
_refine.pdbx_ls_sigma_I                          ? 
_refine.pdbx_ls_sigma_F                          0.0 
_refine.pdbx_data_cutoff_high_absF               219304.74 
_refine.pdbx_data_cutoff_low_absF                ? 
_refine.pdbx_data_cutoff_high_rms_absF           ? 
_refine.ls_d_res_low                             29.43 
_refine.ls_d_res_high                            2.10 
_refine.ls_percent_reflns_obs                    92.6 
_refine.ls_R_factor_obs                          0.208 
_refine.ls_R_factor_all                          ? 
_refine.ls_R_factor_R_work                       0.208 
_refine.ls_R_factor_R_free                       0.257 
_refine.ls_R_factor_R_free_error                 0.011 
_refine.ls_R_factor_R_free_error_details         ? 
_refine.ls_percent_reflns_R_free                 5.1 
_refine.ls_number_reflns_R_free                  587 
_refine.ls_number_parameters                     ? 
_refine.ls_number_restraints                     ? 
_refine.occupancy_min                            ? 
_refine.occupancy_max                            ? 
_refine.correlation_coeff_Fo_to_Fc               ? 
_refine.correlation_coeff_Fo_to_Fc_free          ? 
_refine.B_iso_mean                               32.8 
_refine.aniso_B[1][1]                            -6.16 
_refine.aniso_B[2][2]                            8.64 
_refine.aniso_B[3][3]                            -2.48 
_refine.aniso_B[1][2]                            0.00 
_refine.aniso_B[1][3]                            0.00 
_refine.aniso_B[2][3]                            0.00 
_refine.solvent_model_details                    'FLAT MODEL' 
_refine.solvent_model_param_ksol                 0.361446 
_refine.solvent_model_param_bsol                 46.9959 
_refine.pdbx_solvent_vdw_probe_radii             ? 
_refine.pdbx_solvent_ion_probe_radii             ? 
_refine.pdbx_solvent_shrinkage_radii             ? 
_refine.pdbx_ls_cross_valid_method               THROUGHOUT 
_refine.details                                  ? 
_refine.pdbx_starting_model                      'PDB ENTRY 1YCS' 
_refine.pdbx_method_to_determine_struct          'MOLECULAR REPLACEMENT' 
_refine.pdbx_isotropic_thermal_model             RESTRAINED 
_refine.pdbx_stereochemistry_target_values       ? 
_refine.pdbx_stereochem_target_val_spec_case     ? 
_refine.pdbx_R_Free_selection_details            RANDOM 
_refine.pdbx_overall_ESU_R                       ? 
_refine.pdbx_overall_ESU_R_Free                  ? 
_refine.overall_SU_ML                            ? 
_refine.pdbx_overall_phase_error                 ? 
_refine.overall_SU_B                             ? 
_refine.overall_SU_R_Cruickshank_DPI             ? 
_refine.pdbx_overall_SU_R_free_Cruickshank_DPI   ? 
_refine.pdbx_overall_SU_R_Blow_DPI               ? 
_refine.pdbx_overall_SU_R_free_Blow_DPI          ? 
# 
_refine_analyze.pdbx_refine_id                  'X-RAY DIFFRACTION' 
_refine_analyze.entry_id                        2VGE 
_refine_analyze.Luzzati_coordinate_error_obs    0.26 
_refine_analyze.Luzzati_sigma_a_obs             0.34 
_refine_analyze.Luzzati_d_res_low_obs           5.00 
_refine_analyze.Luzzati_coordinate_error_free   0.35 
_refine_analyze.Luzzati_sigma_a_free            0.40 
_refine_analyze.Luzzati_d_res_low_free          ? 
_refine_analyze.number_disordered_residues      ? 
_refine_analyze.occupancy_sum_hydrogen          ? 
_refine_analyze.occupancy_sum_non_hydrogen      ? 
# 
_refine_hist.pdbx_refine_id                   'X-RAY DIFFRACTION' 
_refine_hist.cycle_id                         LAST 
_refine_hist.pdbx_number_atoms_protein        1592 
_refine_hist.pdbx_number_atoms_nucleic_acid   0 
_refine_hist.pdbx_number_atoms_ligand         0 
_refine_hist.number_atoms_solvent             153 
_refine_hist.number_atoms_total               1745 
_refine_hist.d_res_high                       2.10 
_refine_hist.d_res_low                        29.43 
# 
loop_
_refine_ls_restr.type 
_refine_ls_restr.dev_ideal 
_refine_ls_restr.dev_ideal_target 
_refine_ls_restr.weight 
_refine_ls_restr.number 
_refine_ls_restr.pdbx_refine_id 
_refine_ls_restr.pdbx_restraint_function 
c_bond_d                0.006 ?    ? ? 'X-RAY DIFFRACTION' ? 
c_bond_d_na             ?     ?    ? ? 'X-RAY DIFFRACTION' ? 
c_bond_d_prot           ?     ?    ? ? 'X-RAY DIFFRACTION' ? 
c_angle_d               ?     ?    ? ? 'X-RAY DIFFRACTION' ? 
c_angle_d_na            ?     ?    ? ? 'X-RAY DIFFRACTION' ? 
c_angle_d_prot          ?     ?    ? ? 'X-RAY DIFFRACTION' ? 
c_angle_deg             1.2   ?    ? ? 'X-RAY DIFFRACTION' ? 
c_angle_deg_na          ?     ?    ? ? 'X-RAY DIFFRACTION' ? 
c_angle_deg_prot        ?     ?    ? ? 'X-RAY DIFFRACTION' ? 
c_dihedral_angle_d      22.4  ?    ? ? 'X-RAY DIFFRACTION' ? 
c_dihedral_angle_d_na   ?     ?    ? ? 'X-RAY DIFFRACTION' ? 
c_dihedral_angle_d_prot ?     ?    ? ? 'X-RAY DIFFRACTION' ? 
c_improper_angle_d      0.86  ?    ? ? 'X-RAY DIFFRACTION' ? 
c_improper_angle_d_na   ?     ?    ? ? 'X-RAY DIFFRACTION' ? 
c_improper_angle_d_prot ?     ?    ? ? 'X-RAY DIFFRACTION' ? 
c_mcbond_it             1.44  1.50 ? ? 'X-RAY DIFFRACTION' ? 
c_mcangle_it            2.39  2.00 ? ? 'X-RAY DIFFRACTION' ? 
c_scbond_it             2.39  2.00 ? ? 'X-RAY DIFFRACTION' ? 
c_scangle_it            3.54  2.50 ? ? 'X-RAY DIFFRACTION' ? 
# 
_refine_ls_shell.pdbx_refine_id                   'X-RAY DIFFRACTION' 
_refine_ls_shell.pdbx_total_number_of_bins_used   6 
_refine_ls_shell.d_res_high                       2.10 
_refine_ls_shell.d_res_low                        2.23 
_refine_ls_shell.number_reflns_R_work             1600 
_refine_ls_shell.R_factor_R_work                  0.330 
_refine_ls_shell.percent_reflns_obs               82.8 
_refine_ls_shell.R_factor_R_free                  0.374 
_refine_ls_shell.R_factor_R_free_error            0.042 
_refine_ls_shell.percent_reflns_R_free            4.7 
_refine_ls_shell.number_reflns_R_free             79 
_refine_ls_shell.number_reflns_all                ? 
_refine_ls_shell.R_factor_all                     ? 
# 
loop_
_pdbx_xplor_file.pdbx_refine_id 
_pdbx_xplor_file.serial_no 
_pdbx_xplor_file.param_file 
_pdbx_xplor_file.topol_file 
'X-RAY DIFFRACTION' 1 PROTEIN_REP.PARAM PROTEIN.TOP 
'X-RAY DIFFRACTION' 2 WATER_REP.PARAM   WATER.TOP   
# 
_struct.entry_id                  2VGE 
_struct.title                     'Crystal structure of the C-terminal region of human iASPP' 
_struct.pdbx_model_details        ? 
_struct.pdbx_CASP_flag            ? 
_struct.pdbx_model_type_details   ? 
# 
_struct_keywords.entry_id        2VGE 
_struct_keywords.pdbx_keywords   TRANSCRIPTION 
_struct_keywords.text            
;IASPP, NUCLEUS, APOPTOSIS, REPRESSOR, CYTOPLASM, PHOSPHORYLATION, P53 BINDING PROTEIN, ANK REPEAT, SH3 DOMAIN, TRANSCRIPTION, ANKYRIN REPEATS, ALTERNATIVE SPLICING, TRANSCRIPTION REGULATION
;
# 
loop_
_struct_asym.id 
_struct_asym.pdbx_blank_PDB_chainid_flag 
_struct_asym.pdbx_modified 
_struct_asym.entity_id 
_struct_asym.details 
A N N 1 ? 
B N N 2 ? 
# 
_struct_biol.id   1 
# 
loop_
_struct_conf.conf_type_id 
_struct_conf.id 
_struct_conf.pdbx_PDB_helix_id 
_struct_conf.beg_label_comp_id 
_struct_conf.beg_label_asym_id 
_struct_conf.beg_label_seq_id 
_struct_conf.pdbx_beg_PDB_ins_code 
_struct_conf.end_label_comp_id 
_struct_conf.end_label_asym_id 
_struct_conf.end_label_seq_id 
_struct_conf.pdbx_end_PDB_ins_code 
_struct_conf.beg_auth_comp_id 
_struct_conf.beg_auth_asym_id 
_struct_conf.beg_auth_seq_id 
_struct_conf.end_auth_comp_id 
_struct_conf.end_auth_asym_id 
_struct_conf.end_auth_seq_id 
_struct_conf.pdbx_PDB_helix_class 
_struct_conf.details 
_struct_conf.pdbx_PDB_helix_length 
HELX_P HELX_P1 1 ASN A 20  ? GLY A 32  ? ASN A 626 GLY A 638 1 ? 13 
HELX_P HELX_P2 2 GLU A 33  ? MET A 44  ? GLU A 639 MET A 650 1 ? 12 
HELX_P HELX_P3 3 THR A 56  ? GLY A 64  ? THR A 662 GLY A 670 1 ? 9  
HELX_P HELX_P4 4 ASN A 66  ? ALA A 76  ? ASN A 672 ALA A 682 1 ? 11 
HELX_P HELX_P5 5 THR A 89  ? CYS A 97  ? THR A 695 CYS A 703 1 ? 9  
HELX_P HELX_P6 6 ASP A 99  ? GLN A 108 ? ASP A 705 GLN A 714 1 ? 10 
HELX_P HELX_P7 7 ALA A 124 ? CYS A 128 ? ALA A 730 CYS A 734 5 ? 5  
HELX_P HELX_P8 8 GLY A 134 ? MET A 149 ? GLY A 740 MET A 755 1 ? 16 
HELX_P HELX_P9 9 MET A 152 ? SER A 154 ? MET A 758 SER A 760 5 ? 3  
# 
_struct_conf_type.id          HELX_P 
_struct_conf_type.criteria    ? 
_struct_conf_type.reference   ? 
# 
_struct_sheet.id               AA 
_struct_sheet.type             ? 
_struct_sheet.number_strands   5 
_struct_sheet.details          ? 
# 
loop_
_struct_sheet_order.sheet_id 
_struct_sheet_order.range_id_1 
_struct_sheet_order.range_id_2 
_struct_sheet_order.offset 
_struct_sheet_order.sense 
AA 1 2 ? anti-parallel 
AA 2 3 ? anti-parallel 
AA 3 4 ? anti-parallel 
AA 4 5 ? anti-parallel 
# 
loop_
_struct_sheet_range.sheet_id 
_struct_sheet_range.id 
_struct_sheet_range.beg_label_comp_id 
_struct_sheet_range.beg_label_asym_id 
_struct_sheet_range.beg_label_seq_id 
_struct_sheet_range.pdbx_beg_PDB_ins_code 
_struct_sheet_range.end_label_comp_id 
_struct_sheet_range.end_label_asym_id 
_struct_sheet_range.end_label_seq_id 
_struct_sheet_range.pdbx_end_PDB_ins_code 
_struct_sheet_range.beg_auth_comp_id 
_struct_sheet_range.beg_auth_asym_id 
_struct_sheet_range.beg_auth_seq_id 
_struct_sheet_range.end_auth_comp_id 
_struct_sheet_range.end_auth_asym_id 
_struct_sheet_range.end_auth_seq_id 
AA 1 GLN A 200 ? PRO A 205 ? GLN A 806 PRO A 811 
AA 2 TRP A 192 ? LEU A 197 ? TRP A 798 LEU A 803 
AA 3 SER A 178 ? ARG A 183 ? SER A 784 ARG A 789 
AA 4 ALA A 156 ? ALA A 159 ? ALA A 762 ALA A 765 
AA 5 PHE A 209 ? GLY A 210 ? PHE A 815 GLY A 816 
# 
loop_
_pdbx_struct_sheet_hbond.sheet_id 
_pdbx_struct_sheet_hbond.range_id_1 
_pdbx_struct_sheet_hbond.range_id_2 
_pdbx_struct_sheet_hbond.range_1_label_atom_id 
_pdbx_struct_sheet_hbond.range_1_label_comp_id 
_pdbx_struct_sheet_hbond.range_1_label_asym_id 
_pdbx_struct_sheet_hbond.range_1_label_seq_id 
_pdbx_struct_sheet_hbond.range_1_PDB_ins_code 
_pdbx_struct_sheet_hbond.range_1_auth_atom_id 
_pdbx_struct_sheet_hbond.range_1_auth_comp_id 
_pdbx_struct_sheet_hbond.range_1_auth_asym_id 
_pdbx_struct_sheet_hbond.range_1_auth_seq_id 
_pdbx_struct_sheet_hbond.range_2_label_atom_id 
_pdbx_struct_sheet_hbond.range_2_label_comp_id 
_pdbx_struct_sheet_hbond.range_2_label_asym_id 
_pdbx_struct_sheet_hbond.range_2_label_seq_id 
_pdbx_struct_sheet_hbond.range_2_PDB_ins_code 
_pdbx_struct_sheet_hbond.range_2_auth_atom_id 
_pdbx_struct_sheet_hbond.range_2_auth_comp_id 
_pdbx_struct_sheet_hbond.range_2_auth_asym_id 
_pdbx_struct_sheet_hbond.range_2_auth_seq_id 
AA 1 2 N VAL A 204 ? N VAL A 810 O TRP A 193 ? O TRP A 799 
AA 2 3 N ALA A 196 ? N ALA A 802 O THR A 180 ? O THR A 786 
AA 3 4 N VAL A 179 ? N VAL A 785 O VAL A 157 ? O VAL A 763 
AA 4 5 N TYR A 158 ? N TYR A 764 O GLY A 210 ? O GLY A 816 
# 
_atom_sites.entry_id                    2VGE 
_atom_sites.fract_transf_matrix[1][1]   0.00534458 
_atom_sites.fract_transf_matrix[1][2]   0.00893487 
_atom_sites.fract_transf_matrix[1][3]   0.01302533 
_atom_sites.fract_transf_matrix[2][1]   -0.01282799 
_atom_sites.fract_transf_matrix[2][2]   0.00738868 
_atom_sites.fract_transf_matrix[2][3]   0.00019526 
_atom_sites.fract_transf_matrix[3][1]   -0.00758112 
_atom_sites.fract_transf_matrix[3][2]   -0.01348881 
_atom_sites.fract_transf_matrix[3][3]   0.01236350 
_atom_sites.fract_transf_vector[1]      0.791521 
_atom_sites.fract_transf_vector[2]      0.232251 
_atom_sites.fract_transf_vector[3]      0.714584 
# 
loop_
_atom_type.symbol 
C 
N 
O 
S 
# 
loop_
_atom_site.group_PDB 
_atom_site.id 
_atom_site.type_symbol 
_atom_site.label_atom_id 
_atom_site.label_alt_id 
_atom_site.label_comp_id 
_atom_site.label_asym_id 
_atom_site.label_entity_id 
_atom_site.label_seq_id 
_atom_site.pdbx_PDB_ins_code 
_atom_site.Cartn_x 
_atom_site.Cartn_y 
_atom_site.Cartn_z 
_atom_site.occupancy 
_atom_site.B_iso_or_equiv 
_atom_site.pdbx_formal_charge 
_atom_site.auth_seq_id 
_atom_site.auth_comp_id 
_atom_site.auth_asym_id 
_atom_site.auth_atom_id 
_atom_site.pdbx_PDB_model_num 
ATOM   1    N N   . SER A 1 10  ? -12.714 29.325  -8.305  1.00 59.62 ? 616  SER A N   1 
ATOM   2    C CA  . SER A 1 10  ? -11.376 28.669  -8.376  1.00 57.81 ? 616  SER A CA  1 
ATOM   3    C C   . SER A 1 10  ? -11.449 27.328  -9.109  1.00 56.35 ? 616  SER A C   1 
ATOM   4    O O   . SER A 1 10  ? -10.869 26.334  -8.663  1.00 57.41 ? 616  SER A O   1 
ATOM   5    C CB  . SER A 1 10  ? -10.824 28.460  -6.959  1.00 58.14 ? 616  SER A CB  1 
ATOM   6    O OG  . SER A 1 10  ? -9.570  27.796  -6.981  1.00 58.84 ? 616  SER A OG  1 
ATOM   7    N N   . PRO A 1 11  ? -12.161 27.281  -10.247 1.00 54.01 ? 617  PRO A N   1 
ATOM   8    C CA  . PRO A 1 11  ? -12.267 26.027  -10.994 1.00 52.21 ? 617  PRO A CA  1 
ATOM   9    C C   . PRO A 1 11  ? -10.930 25.661  -11.629 1.00 51.17 ? 617  PRO A C   1 
ATOM   10   O O   . PRO A 1 11  ? -9.979  26.443  -11.606 1.00 50.81 ? 617  PRO A O   1 
ATOM   11   C CB  . PRO A 1 11  ? -13.320 26.349  -12.041 1.00 51.71 ? 617  PRO A CB  1 
ATOM   12   C CG  . PRO A 1 11  ? -13.001 27.760  -12.372 1.00 52.19 ? 617  PRO A CG  1 
ATOM   13   C CD  . PRO A 1 11  ? -12.804 28.377  -10.991 1.00 52.94 ? 617  PRO A CD  1 
ATOM   14   N N   . ARG A 1 12  ? -10.866 24.466  -12.197 1.00 50.33 ? 618  ARG A N   1 
ATOM   15   C CA  . ARG A 1 12  ? -9.655  23.995  -12.851 1.00 49.79 ? 618  ARG A CA  1 
ATOM   16   C C   . ARG A 1 12  ? -9.532  24.672  -14.212 1.00 47.99 ? 618  ARG A C   1 
ATOM   17   O O   . ARG A 1 12  ? -10.525 25.107  -14.792 1.00 48.51 ? 618  ARG A O   1 
ATOM   18   C CB  . ARG A 1 12  ? -9.728  22.479  -13.025 1.00 51.17 ? 618  ARG A CB  1 
ATOM   19   C CG  . ARG A 1 12  ? -10.994 22.031  -13.724 1.00 51.69 ? 618  ARG A CG  1 
ATOM   20   C CD  . ARG A 1 12  ? -11.193 20.534  -13.642 1.00 53.00 ? 618  ARG A CD  1 
ATOM   21   N NE  . ARG A 1 12  ? -12.499 20.157  -14.172 1.00 54.50 ? 618  ARG A NE  1 
ATOM   22   C CZ  . ARG A 1 12  ? -12.865 20.309  -15.441 1.00 55.40 ? 618  ARG A CZ  1 
ATOM   23   N NH1 . ARG A 1 12  ? -12.018 20.825  -16.322 1.00 55.11 ? 618  ARG A NH1 1 
ATOM   24   N NH2 . ARG A 1 12  ? -14.087 19.963  -15.823 1.00 55.76 ? 618  ARG A NH2 1 
ATOM   25   N N   . LYS A 1 13  ? -8.310  24.766  -14.718 1.00 45.49 ? 619  LYS A N   1 
ATOM   26   C CA  . LYS A 1 13  ? -8.082  25.383  -16.014 1.00 42.98 ? 619  LYS A CA  1 
ATOM   27   C C   . LYS A 1 13  ? -6.929  24.716  -16.732 1.00 41.09 ? 619  LYS A C   1 
ATOM   28   O O   . LYS A 1 13  ? -6.106  24.046  -16.105 1.00 39.60 ? 619  LYS A O   1 
ATOM   29   C CB  . LYS A 1 13  ? -7.803  26.880  -15.854 1.00 43.41 ? 619  LYS A CB  1 
ATOM   30   C CG  . LYS A 1 13  ? -6.982  27.253  -14.629 1.00 44.88 ? 619  LYS A CG  1 
ATOM   31   C CD  . LYS A 1 13  ? -5.521  26.885  -14.761 1.00 44.93 ? 619  LYS A CD  1 
ATOM   32   C CE  . LYS A 1 13  ? -4.740  27.377  -13.550 1.00 45.45 ? 619  LYS A CE  1 
ATOM   33   N NZ  . LYS A 1 13  ? -3.294  27.056  -13.651 1.00 46.34 ? 619  LYS A NZ  1 
ATOM   34   N N   . ALA A 1 14  ? -6.889  24.891  -18.052 1.00 37.82 ? 620  ALA A N   1 
ATOM   35   C CA  . ALA A 1 14  ? -5.828  24.318  -18.861 1.00 35.25 ? 620  ALA A CA  1 
ATOM   36   C C   . ALA A 1 14  ? -4.505  24.927  -18.420 1.00 33.16 ? 620  ALA A C   1 
ATOM   37   O O   . ALA A 1 14  ? -4.389  26.137  -18.237 1.00 33.28 ? 620  ALA A O   1 
ATOM   38   C CB  . ALA A 1 14  ? -6.072  24.598  -20.329 1.00 35.61 ? 620  ALA A CB  1 
ATOM   39   N N   . ARG A 1 15  ? -3.515  24.064  -18.249 1.00 30.88 ? 621  ARG A N   1 
ATOM   40   C CA  . ARG A 1 15  ? -2.181  24.450  -17.815 1.00 29.17 ? 621  ARG A CA  1 
ATOM   41   C C   . ARG A 1 15  ? -1.462  25.255  -18.876 1.00 27.05 ? 621  ARG A C   1 
ATOM   42   O O   . ARG A 1 15  ? -1.877  25.288  -20.028 1.00 25.43 ? 621  ARG A O   1 
ATOM   43   C CB  . ARG A 1 15  ? -1.353  23.196  -17.539 1.00 28.13 ? 621  ARG A CB  1 
ATOM   44   C CG  . ARG A 1 15  ? -1.210  22.305  -18.765 1.00 29.23 ? 621  ARG A CG  1 
ATOM   45   C CD  . ARG A 1 15  ? -0.130  21.252  -18.572 1.00 35.94 ? 621  ARG A CD  1 
ATOM   46   N NE  . ARG A 1 15  ? 0.097   20.449  -19.774 1.00 37.65 ? 621  ARG A NE  1 
ATOM   47   C CZ  . ARG A 1 15  ? -0.698  19.467  -20.193 1.00 38.65 ? 621  ARG A CZ  1 
ATOM   48   N NH1 . ARG A 1 15  ? -1.793  19.145  -19.509 1.00 37.72 ? 621  ARG A NH1 1 
ATOM   49   N NH2 . ARG A 1 15  ? -0.394  18.803  -21.303 1.00 37.42 ? 621  ARG A NH2 1 
ATOM   50   N N   . ARG A 1 16  ? -0.379  25.907  -18.473 1.00 27.32 ? 622  ARG A N   1 
ATOM   51   C CA  . ARG A 1 16  ? 0.439   26.649  -19.416 1.00 26.63 ? 622  ARG A CA  1 
ATOM   52   C C   . ARG A 1 16  ? 1.044   25.557  -20.310 1.00 27.91 ? 622  ARG A C   1 
ATOM   53   O O   . ARG A 1 16  ? 1.520   24.529  -19.823 1.00 26.39 ? 622  ARG A O   1 
ATOM   54   C CB  . ARG A 1 16  ? 1.530   27.425  -18.675 1.00 24.52 ? 622  ARG A CB  1 
ATOM   55   C CG  . ARG A 1 16  ? 0.994   28.592  -17.849 1.00 23.72 ? 622  ARG A CG  1 
ATOM   56   C CD  . ARG A 1 16  ? 0.483   29.730  -18.743 1.00 22.66 ? 622  ARG A CD  1 
ATOM   57   N NE  . ARG A 1 16  ? 1.555   30.386  -19.496 1.00 22.13 ? 622  ARG A NE  1 
ATOM   58   C CZ  . ARG A 1 16  ? 2.442   31.226  -18.964 1.00 24.68 ? 622  ARG A CZ  1 
ATOM   59   N NH1 . ARG A 1 16  ? 2.387   31.522  -17.670 1.00 24.89 ? 622  ARG A NH1 1 
ATOM   60   N NH2 . ARG A 1 16  ? 3.397   31.760  -19.719 1.00 22.64 ? 622  ARG A NH2 1 
ATOM   61   N N   . ALA A 1 17  ? 1.001   25.788  -21.615 1.00 29.22 ? 623  ALA A N   1 
ATOM   62   C CA  . ALA A 1 17  ? 1.484   24.840  -22.616 1.00 30.99 ? 623  ALA A CA  1 
ATOM   63   C C   . ALA A 1 17  ? 2.825   24.121  -22.403 1.00 31.21 ? 623  ALA A C   1 
ATOM   64   O O   . ALA A 1 17  ? 2.957   22.959  -22.785 1.00 31.99 ? 623  ALA A O   1 
ATOM   65   C CB  . ALA A 1 17  ? 1.490   25.521  -23.986 1.00 30.19 ? 623  ALA A CB  1 
ATOM   66   N N   . ARG A 1 18  ? 3.816   24.784  -21.811 1.00 30.03 ? 624  ARG A N   1 
ATOM   67   C CA  . ARG A 1 18  ? 5.124   24.143  -21.647 1.00 31.73 ? 624  ARG A CA  1 
ATOM   68   C C   . ARG A 1 18  ? 5.418   23.504  -20.291 1.00 30.73 ? 624  ARG A C   1 
ATOM   69   O O   . ARG A 1 18  ? 6.550   23.093  -20.028 1.00 30.40 ? 624  ARG A O   1 
ATOM   70   C CB  . ARG A 1 18  ? 6.237   25.141  -22.005 1.00 33.17 ? 624  ARG A CB  1 
ATOM   71   C CG  . ARG A 1 18  ? 6.082   25.723  -23.417 1.00 37.32 ? 624  ARG A CG  1 
ATOM   72   C CD  . ARG A 1 18  ? 7.212   26.671  -23.816 1.00 41.25 ? 624  ARG A CD  1 
ATOM   73   N NE  . ARG A 1 18  ? 8.501   25.987  -23.919 1.00 44.35 ? 624  ARG A NE  1 
ATOM   74   C CZ  . ARG A 1 18  ? 9.448   26.015  -22.982 1.00 46.08 ? 624  ARG A CZ  1 
ATOM   75   N NH1 . ARG A 1 18  ? 9.271   26.705  -21.857 1.00 43.58 ? 624  ARG A NH1 1 
ATOM   76   N NH2 . ARG A 1 18  ? 10.568  25.330  -23.163 1.00 45.67 ? 624  ARG A NH2 1 
ATOM   77   N N   . LEU A 1 19  ? 4.408   23.417  -19.433 1.00 29.67 ? 625  LEU A N   1 
ATOM   78   C CA  . LEU A 1 19  ? 4.591   22.811  -18.117 1.00 29.51 ? 625  LEU A CA  1 
ATOM   79   C C   . LEU A 1 19  ? 4.316   21.313  -18.189 1.00 27.40 ? 625  LEU A C   1 
ATOM   80   O O   . LEU A 1 19  ? 3.446   20.870  -18.934 1.00 28.33 ? 625  LEU A O   1 
ATOM   81   C CB  . LEU A 1 19  ? 3.650   23.458  -17.099 1.00 29.92 ? 625  LEU A CB  1 
ATOM   82   C CG  . LEU A 1 19  ? 3.912   24.936  -16.835 1.00 31.67 ? 625  LEU A CG  1 
ATOM   83   C CD1 . LEU A 1 19  ? 2.859   25.493  -15.891 1.00 33.70 ? 625  LEU A CD1 1 
ATOM   84   C CD2 . LEU A 1 19  ? 5.304   25.093  -16.250 1.00 33.30 ? 625  LEU A CD2 1 
ATOM   85   N N   . ASN A 1 20  ? 5.056   20.531  -17.415 1.00 26.07 ? 626  ASN A N   1 
ATOM   86   C CA  . ASN A 1 20  ? 4.861   19.089  -17.423 1.00 26.25 ? 626  ASN A CA  1 
ATOM   87   C C   . ASN A 1 20  ? 3.685   18.733  -16.517 1.00 25.54 ? 626  ASN A C   1 
ATOM   88   O O   . ASN A 1 20  ? 3.718   18.972  -15.313 1.00 24.61 ? 626  ASN A O   1 
ATOM   89   C CB  . ASN A 1 20  ? 6.157   18.395  -16.989 1.00 28.80 ? 626  ASN A CB  1 
ATOM   90   C CG  . ASN A 1 20  ? 7.326   18.732  -17.919 1.00 32.76 ? 626  ASN A CG  1 
ATOM   91   O OD1 . ASN A 1 20  ? 7.208   18.615  -19.139 1.00 34.68 ? 626  ASN A OD1 1 
ATOM   92   N ND2 . ASN A 1 20  ? 8.449   19.161  -17.349 1.00 31.96 ? 626  ASN A ND2 1 
ATOM   93   N N   . PRO A 1 21  ? 2.612   18.170  -17.101 1.00 25.49 ? 627  PRO A N   1 
ATOM   94   C CA  . PRO A 1 21  ? 1.406   17.787  -16.355 1.00 25.62 ? 627  PRO A CA  1 
ATOM   95   C C   . PRO A 1 21  ? 1.589   16.901  -15.119 1.00 24.50 ? 627  PRO A C   1 
ATOM   96   O O   . PRO A 1 21  ? 0.907   17.103  -14.122 1.00 23.28 ? 627  PRO A O   1 
ATOM   97   C CB  . PRO A 1 21  ? 0.523   17.138  -17.429 1.00 27.21 ? 627  PRO A CB  1 
ATOM   98   C CG  . PRO A 1 21  ? 1.502   16.661  -18.465 1.00 27.23 ? 627  PRO A CG  1 
ATOM   99   C CD  . PRO A 1 21  ? 2.492   17.791  -18.521 1.00 25.77 ? 627  PRO A CD  1 
ATOM   100  N N   . LEU A 1 22  ? 2.498   15.932  -15.167 1.00 23.38 ? 628  LEU A N   1 
ATOM   101  C CA  . LEU A 1 22  ? 2.702   15.061  -14.009 1.00 23.47 ? 628  LEU A CA  1 
ATOM   102  C C   . LEU A 1 22  ? 3.217   15.866  -12.813 1.00 25.01 ? 628  LEU A C   1 
ATOM   103  O O   . LEU A 1 22  ? 2.829   15.621  -11.662 1.00 25.40 ? 628  LEU A O   1 
ATOM   104  C CB  . LEU A 1 22  ? 3.690   13.937  -14.341 1.00 21.69 ? 628  LEU A CB  1 
ATOM   105  C CG  . LEU A 1 22  ? 3.977   12.951  -13.203 1.00 21.86 ? 628  LEU A CG  1 
ATOM   106  C CD1 . LEU A 1 22  ? 2.684   12.236  -12.804 1.00 20.07 ? 628  LEU A CD1 1 
ATOM   107  C CD2 . LEU A 1 22  ? 5.039   11.946  -13.642 1.00 20.55 ? 628  LEU A CD2 1 
ATOM   108  N N   . VAL A 1 23  ? 4.086   16.830  -13.096 1.00 24.60 ? 629  VAL A N   1 
ATOM   109  C CA  . VAL A 1 23  ? 4.649   17.679  -12.058 1.00 24.66 ? 629  VAL A CA  1 
ATOM   110  C C   . VAL A 1 23  ? 3.548   18.501  -11.405 1.00 23.89 ? 629  VAL A C   1 
ATOM   111  O O   . VAL A 1 23  ? 3.531   18.665  -10.195 1.00 25.44 ? 629  VAL A O   1 
ATOM   112  C CB  . VAL A 1 23  ? 5.713   18.634  -12.634 1.00 25.27 ? 629  VAL A CB  1 
ATOM   113  C CG1 . VAL A 1 23  ? 6.265   19.542  -11.533 1.00 25.56 ? 629  VAL A CG1 1 
ATOM   114  C CG2 . VAL A 1 23  ? 6.831   17.826  -13.258 1.00 24.45 ? 629  VAL A CG2 1 
ATOM   115  N N   . LEU A 1 24  ? 2.626   19.009  -12.210 1.00 24.94 ? 630  LEU A N   1 
ATOM   116  C CA  . LEU A 1 24  ? 1.528   19.807  -11.683 1.00 25.33 ? 630  LEU A CA  1 
ATOM   117  C C   . LEU A 1 24  ? 0.606   18.919  -10.854 1.00 26.21 ? 630  LEU A C   1 
ATOM   118  O O   . LEU A 1 24  ? 0.037   19.360  -9.851  1.00 23.55 ? 630  LEU A O   1 
ATOM   119  C CB  . LEU A 1 24  ? 0.744   20.452  -12.826 1.00 25.22 ? 630  LEU A CB  1 
ATOM   120  C CG  . LEU A 1 24  ? 1.554   21.345  -13.772 1.00 28.41 ? 630  LEU A CG  1 
ATOM   121  C CD1 . LEU A 1 24  ? 0.620   22.011  -14.770 1.00 28.72 ? 630  LEU A CD1 1 
ATOM   122  C CD2 . LEU A 1 24  ? 2.304   22.397  -12.986 1.00 29.39 ? 630  LEU A CD2 1 
ATOM   123  N N   . LEU A 1 25  ? 0.464   17.666  -11.284 1.00 26.89 ? 631  LEU A N   1 
ATOM   124  C CA  . LEU A 1 25  ? -0.373  16.705  -10.582 1.00 26.56 ? 631  LEU A CA  1 
ATOM   125  C C   . LEU A 1 25  ? 0.182   16.451  -9.190  1.00 26.58 ? 631  LEU A C   1 
ATOM   126  O O   . LEU A 1 25  ? -0.541  16.536  -8.198  1.00 25.84 ? 631  LEU A O   1 
ATOM   127  C CB  . LEU A 1 25  ? -0.427  15.378  -11.346 1.00 25.85 ? 631  LEU A CB  1 
ATOM   128  C CG  . LEU A 1 25  ? -1.029  14.183  -10.584 1.00 27.80 ? 631  LEU A CG  1 
ATOM   129  C CD1 . LEU A 1 25  ? -2.457  14.507  -10.130 1.00 26.05 ? 631  LEU A CD1 1 
ATOM   130  C CD2 . LEU A 1 25  ? -1.018  12.944  -11.479 1.00 24.96 ? 631  LEU A CD2 1 
ATOM   131  N N   . LEU A 1 26  ? 1.473   16.144  -9.120  1.00 27.61 ? 632  LEU A N   1 
ATOM   132  C CA  . LEU A 1 26  ? 2.099   15.854  -7.836  1.00 29.04 ? 632  LEU A CA  1 
ATOM   133  C C   . LEU A 1 26  ? 2.048   17.042  -6.873  1.00 30.14 ? 632  LEU A C   1 
ATOM   134  O O   . LEU A 1 26  ? 1.846   16.865  -5.666  1.00 31.08 ? 632  LEU A O   1 
ATOM   135  C CB  . LEU A 1 26  ? 3.544   15.399  -8.052  1.00 27.88 ? 632  LEU A CB  1 
ATOM   136  C CG  . LEU A 1 26  ? 3.700   14.106  -8.859  1.00 28.05 ? 632  LEU A CG  1 
ATOM   137  C CD1 . LEU A 1 26  ? 5.170   13.704  -8.907  1.00 27.49 ? 632  LEU A CD1 1 
ATOM   138  C CD2 . LEU A 1 26  ? 2.882   13.006  -8.219  1.00 27.95 ? 632  LEU A CD2 1 
ATOM   139  N N   . ASP A 1 27  ? 2.225   18.250  -7.397  1.00 30.34 ? 633  ASP A N   1 
ATOM   140  C CA  . ASP A 1 27  ? 2.163   19.431  -6.547  1.00 31.48 ? 633  ASP A CA  1 
ATOM   141  C C   . ASP A 1 27  ? 0.740   19.613  -6.027  1.00 30.30 ? 633  ASP A C   1 
ATOM   142  O O   . ASP A 1 27  ? 0.531   19.880  -4.846  1.00 31.20 ? 633  ASP A O   1 
ATOM   143  C CB  . ASP A 1 27  ? 2.606   20.675  -7.316  1.00 35.48 ? 633  ASP A CB  1 
ATOM   144  C CG  . ASP A 1 27  ? 4.059   20.592  -7.765  1.00 41.52 ? 633  ASP A CG  1 
ATOM   145  O OD1 . ASP A 1 27  ? 4.899   20.128  -6.961  1.00 43.52 ? 633  ASP A OD1 1 
ATOM   146  O OD2 . ASP A 1 27  ? 4.366   21.001  -8.911  1.00 44.79 ? 633  ASP A OD2 1 
ATOM   147  N N   . ALA A 1 28  ? -0.240  19.450  -6.909  1.00 28.46 ? 634  ALA A N   1 
ATOM   148  C CA  . ALA A 1 28  ? -1.639  19.593  -6.521  1.00 27.39 ? 634  ALA A CA  1 
ATOM   149  C C   . ALA A 1 28  ? -2.012  18.551  -5.473  1.00 26.49 ? 634  ALA A C   1 
ATOM   150  O O   . ALA A 1 28  ? -2.837  18.809  -4.599  1.00 26.49 ? 634  ALA A O   1 
ATOM   151  C CB  . ALA A 1 28  ? -2.537  19.446  -7.740  1.00 25.61 ? 634  ALA A CB  1 
ATOM   152  N N   . ALA A 1 29  ? -1.411  17.369  -5.565  1.00 26.02 ? 635  ALA A N   1 
ATOM   153  C CA  . ALA A 1 29  ? -1.705  16.310  -4.608  1.00 26.79 ? 635  ALA A CA  1 
ATOM   154  C C   . ALA A 1 29  ? -1.042  16.623  -3.276  1.00 27.22 ? 635  ALA A C   1 
ATOM   155  O O   . ALA A 1 29  ? -1.557  16.266  -2.223  1.00 29.49 ? 635  ALA A O   1 
ATOM   156  C CB  . ALA A 1 29  ? -1.221  14.963  -5.134  1.00 25.15 ? 635  ALA A CB  1 
ATOM   157  N N   . LEU A 1 30  ? 0.097   17.305  -3.336  1.00 28.91 ? 636  LEU A N   1 
ATOM   158  C CA  . LEU A 1 30  ? 0.855   17.673  -2.147  1.00 30.85 ? 636  LEU A CA  1 
ATOM   159  C C   . LEU A 1 30  ? 0.263   18.871  -1.406  1.00 32.57 ? 636  LEU A C   1 
ATOM   160  O O   . LEU A 1 30  ? 0.280   18.912  -0.175  1.00 33.03 ? 636  LEU A O   1 
ATOM   161  C CB  . LEU A 1 30  ? 2.301   17.983  -2.540  1.00 31.22 ? 636  LEU A CB  1 
ATOM   162  C CG  . LEU A 1 30  ? 3.295   18.325  -1.429  1.00 32.56 ? 636  LEU A CG  1 
ATOM   163  C CD1 . LEU A 1 30  ? 3.408   17.155  -0.458  1.00 32.49 ? 636  LEU A CD1 1 
ATOM   164  C CD2 . LEU A 1 30  ? 4.653   18.625  -2.045  1.00 32.00 ? 636  LEU A CD2 1 
ATOM   165  N N   . THR A 1 31  ? -0.261  19.841  -2.154  1.00 33.71 ? 637  THR A N   1 
ATOM   166  C CA  . THR A 1 31  ? -0.841  21.042  -1.558  1.00 35.62 ? 637  THR A CA  1 
ATOM   167  C C   . THR A 1 31  ? -2.333  20.910  -1.248  1.00 36.88 ? 637  THR A C   1 
ATOM   168  O O   . THR A 1 31  ? -2.843  21.595  -0.365  1.00 38.09 ? 637  THR A O   1 
ATOM   169  C CB  . THR A 1 31  ? -0.617  22.280  -2.460  1.00 36.00 ? 637  THR A CB  1 
ATOM   170  O OG1 . THR A 1 31  ? -1.336  22.119  -3.688  1.00 36.57 ? 637  THR A OG1 1 
ATOM   171  C CG2 . THR A 1 31  ? 0.866   22.451  -2.768  1.00 35.07 ? 637  THR A CG2 1 
ATOM   172  N N   . GLY A 1 32  ? -3.036  20.052  -1.984  1.00 37.96 ? 638  GLY A N   1 
ATOM   173  C CA  . GLY A 1 32  ? -4.448  19.845  -1.710  1.00 39.40 ? 638  GLY A CA  1 
ATOM   174  C C   . GLY A 1 32  ? -5.492  20.316  -2.705  1.00 40.71 ? 638  GLY A C   1 
ATOM   175  O O   . GLY A 1 32  ? -6.655  20.491  -2.336  1.00 41.86 ? 638  GLY A O   1 
ATOM   176  N N   . GLU A 1 33  ? -5.108  20.508  -3.961  1.00 41.02 ? 639  GLU A N   1 
ATOM   177  C CA  . GLU A 1 33  ? -6.063  20.959  -4.968  1.00 41.27 ? 639  GLU A CA  1 
ATOM   178  C C   . GLU A 1 33  ? -6.767  19.790  -5.659  1.00 40.72 ? 639  GLU A C   1 
ATOM   179  O O   . GLU A 1 33  ? -6.317  19.291  -6.696  1.00 40.33 ? 639  GLU A O   1 
ATOM   180  C CB  . GLU A 1 33  ? -5.350  21.850  -5.982  1.00 43.46 ? 639  GLU A CB  1 
ATOM   181  C CG  . GLU A 1 33  ? -4.792  23.133  -5.361  1.00 47.68 ? 639  GLU A CG  1 
ATOM   182  C CD  . GLU A 1 33  ? -5.878  24.032  -4.764  1.00 50.11 ? 639  GLU A CD  1 
ATOM   183  O OE1 . GLU A 1 33  ? -5.534  25.116  -4.242  1.00 50.86 ? 639  GLU A OE1 1 
ATOM   184  O OE2 . GLU A 1 33  ? -7.072  23.661  -4.816  1.00 51.25 ? 639  GLU A OE2 1 
ATOM   185  N N   . LEU A 1 34  ? -7.887  19.379  -5.070  1.00 39.00 ? 640  LEU A N   1 
ATOM   186  C CA  . LEU A 1 34  ? -8.691  18.259  -5.542  1.00 39.35 ? 640  LEU A CA  1 
ATOM   187  C C   . LEU A 1 34  ? -9.156  18.267  -6.993  1.00 41.14 ? 640  LEU A C   1 
ATOM   188  O O   . LEU A 1 34  ? -8.968  17.280  -7.712  1.00 41.00 ? 640  LEU A O   1 
ATOM   189  C CB  . LEU A 1 34  ? -9.909  18.095  -4.639  1.00 39.22 ? 640  LEU A CB  1 
ATOM   190  C CG  . LEU A 1 34  ? -10.812 16.901  -4.948  1.00 40.97 ? 640  LEU A CG  1 
ATOM   191  C CD1 . LEU A 1 34  ? -10.028 15.597  -4.799  1.00 41.00 ? 640  LEU A CD1 1 
ATOM   192  C CD2 . LEU A 1 34  ? -12.004 16.924  -4.006  1.00 40.88 ? 640  LEU A CD2 1 
ATOM   193  N N   . GLU A 1 35  ? -9.780  19.357  -7.425  1.00 42.22 ? 641  GLU A N   1 
ATOM   194  C CA  . GLU A 1 35  ? -10.277 19.440  -8.797  1.00 43.40 ? 641  GLU A CA  1 
ATOM   195  C C   . GLU A 1 35  ? -9.146  19.221  -9.795  1.00 41.77 ? 641  GLU A C   1 
ATOM   196  O O   . GLU A 1 35  ? -9.323  18.537  -10.807 1.00 40.88 ? 641  GLU A O   1 
ATOM   197  C CB  . GLU A 1 35  ? -10.954 20.794  -9.047  1.00 45.72 ? 641  GLU A CB  1 
ATOM   198  C CG  . GLU A 1 35  ? -10.030 21.998  -8.934  1.00 51.05 ? 641  GLU A CG  1 
ATOM   199  C CD  . GLU A 1 35  ? -9.288  22.044  -7.611  1.00 54.88 ? 641  GLU A CD  1 
ATOM   200  O OE1 . GLU A 1 35  ? -9.946  21.961  -6.550  1.00 56.46 ? 641  GLU A OE1 1 
ATOM   201  O OE2 . GLU A 1 35  ? -8.045  22.166  -7.636  1.00 57.92 ? 641  GLU A OE2 1 
ATOM   202  N N   . VAL A 1 36  ? -7.981  19.798  -9.504  1.00 39.21 ? 642  VAL A N   1 
ATOM   203  C CA  . VAL A 1 36  ? -6.826  19.639  -10.377 1.00 37.74 ? 642  VAL A CA  1 
ATOM   204  C C   . VAL A 1 36  ? -6.503  18.146  -10.480 1.00 35.03 ? 642  VAL A C   1 
ATOM   205  O O   . VAL A 1 36  ? -6.331  17.616  -11.578 1.00 35.17 ? 642  VAL A O   1 
ATOM   206  C CB  . VAL A 1 36  ? -5.600  20.418  -9.830  1.00 38.34 ? 642  VAL A CB  1 
ATOM   207  C CG1 . VAL A 1 36  ? -4.377  20.172  -10.708 1.00 36.96 ? 642  VAL A CG1 1 
ATOM   208  C CG2 . VAL A 1 36  ? -5.926  21.905  -9.776  1.00 36.15 ? 642  VAL A CG2 1 
ATOM   209  N N   . VAL A 1 37  ? -6.436  17.474  -9.333  1.00 32.37 ? 643  VAL A N   1 
ATOM   210  C CA  . VAL A 1 37  ? -6.164  16.038  -9.303  1.00 29.84 ? 643  VAL A CA  1 
ATOM   211  C C   . VAL A 1 37  ? -7.210  15.293  -10.137 1.00 30.10 ? 643  VAL A C   1 
ATOM   212  O O   . VAL A 1 37  ? -6.873  14.419  -10.948 1.00 26.83 ? 643  VAL A O   1 
ATOM   213  C CB  . VAL A 1 37  ? -6.210  15.490  -7.858  1.00 28.68 ? 643  VAL A CB  1 
ATOM   214  C CG1 . VAL A 1 37  ? -6.141  13.970  -7.878  1.00 26.82 ? 643  VAL A CG1 1 
ATOM   215  C CG2 . VAL A 1 37  ? -5.064  16.067  -7.041  1.00 25.18 ? 643  VAL A CG2 1 
ATOM   216  N N   . GLN A 1 38  ? -8.476  15.648  -9.931  1.00 30.59 ? 644  GLN A N   1 
ATOM   217  C CA  . GLN A 1 38  ? -9.582  15.025  -10.651 1.00 33.76 ? 644  GLN A CA  1 
ATOM   218  C C   . GLN A 1 38  ? -9.436  15.163  -12.159 1.00 33.78 ? 644  GLN A C   1 
ATOM   219  O O   . GLN A 1 38  ? -9.743  14.239  -12.910 1.00 33.78 ? 644  GLN A O   1 
ATOM   220  C CB  . GLN A 1 38  ? -10.912 15.644  -10.231 1.00 36.84 ? 644  GLN A CB  1 
ATOM   221  C CG  . GLN A 1 38  ? -11.413 15.217  -8.867  1.00 42.84 ? 644  GLN A CG  1 
ATOM   222  C CD  . GLN A 1 38  ? -12.791 15.783  -8.572  1.00 46.53 ? 644  GLN A CD  1 
ATOM   223  O OE1 . GLN A 1 38  ? -13.664 15.797  -9.442  1.00 50.27 ? 644  GLN A OE1 1 
ATOM   224  N NE2 . GLN A 1 38  ? -12.998 16.241  -7.341  1.00 48.31 ? 644  GLN A NE2 1 
ATOM   225  N N   . GLN A 1 39  ? -8.979  16.329  -12.600 1.00 31.77 ? 645  GLN A N   1 
ATOM   226  C CA  . GLN A 1 39  ? -8.794  16.576  -14.018 1.00 31.74 ? 645  GLN A CA  1 
ATOM   227  C C   . GLN A 1 39  ? -7.670  15.694  -14.544 1.00 30.54 ? 645  GLN A C   1 
ATOM   228  O O   . GLN A 1 39  ? -7.836  14.977  -15.532 1.00 28.40 ? 645  GLN A O   1 
ATOM   229  C CB  . GLN A 1 39  ? -8.471  18.058  -14.248 1.00 33.08 ? 645  GLN A CB  1 
ATOM   230  C CG  . GLN A 1 39  ? -7.986  18.411  -15.654 1.00 37.58 ? 645  GLN A CG  1 
ATOM   231  C CD  . GLN A 1 39  ? -8.876  17.839  -16.745 1.00 41.63 ? 645  GLN A CD  1 
ATOM   232  O OE1 . GLN A 1 39  ? -10.097 17.745  -16.585 1.00 44.50 ? 645  GLN A OE1 1 
ATOM   233  N NE2 . GLN A 1 39  ? -8.269  17.466  -17.867 1.00 42.57 ? 645  GLN A NE2 1 
ATOM   234  N N   . ALA A 1 40  ? -6.526  15.752  -13.870 1.00 31.60 ? 646  ALA A N   1 
ATOM   235  C CA  . ALA A 1 40  ? -5.356  14.966  -14.258 1.00 31.72 ? 646  ALA A CA  1 
ATOM   236  C C   . ALA A 1 40  ? -5.698  13.480  -14.384 1.00 32.13 ? 646  ALA A C   1 
ATOM   237  O O   . ALA A 1 40  ? -5.350  12.835  -15.372 1.00 32.43 ? 646  ALA A O   1 
ATOM   238  C CB  . ALA A 1 40  ? -4.236  15.169  -13.235 1.00 30.48 ? 646  ALA A CB  1 
ATOM   239  N N   . VAL A 1 41  ? -6.394  12.950  -13.383 1.00 33.68 ? 647  VAL A N   1 
ATOM   240  C CA  . VAL A 1 41  ? -6.784  11.541  -13.357 1.00 36.26 ? 647  VAL A CA  1 
ATOM   241  C C   . VAL A 1 41  ? -7.621  11.108  -14.565 1.00 38.97 ? 647  VAL A C   1 
ATOM   242  O O   . VAL A 1 41  ? -7.476  9.985   -15.061 1.00 38.63 ? 647  VAL A O   1 
ATOM   243  C CB  . VAL A 1 41  ? -7.548  11.217  -12.051 1.00 35.92 ? 647  VAL A CB  1 
ATOM   244  C CG1 . VAL A 1 41  ? -8.193  9.849   -12.137 1.00 35.71 ? 647  VAL A CG1 1 
ATOM   245  C CG2 . VAL A 1 41  ? -6.582  11.264  -10.873 1.00 35.44 ? 647  VAL A CG2 1 
ATOM   246  N N   . LYS A 1 42  ? -8.495  11.989  -15.039 1.00 40.27 ? 648  LYS A N   1 
ATOM   247  C CA  . LYS A 1 42  ? -9.314  11.666  -16.200 1.00 41.07 ? 648  LYS A CA  1 
ATOM   248  C C   . LYS A 1 42  ? -8.476  11.705  -17.474 1.00 40.96 ? 648  LYS A C   1 
ATOM   249  O O   . LYS A 1 42  ? -8.632  10.863  -18.357 1.00 41.53 ? 648  LYS A O   1 
ATOM   250  C CB  . LYS A 1 42  ? -10.488 12.645  -16.317 1.00 42.91 ? 648  LYS A CB  1 
ATOM   251  C CG  . LYS A 1 42  ? -11.672 12.299  -15.418 1.00 47.39 ? 648  LYS A CG  1 
ATOM   252  C CD  . LYS A 1 42  ? -11.278 12.277  -13.945 1.00 50.19 ? 648  LYS A CD  1 
ATOM   253  C CE  . LYS A 1 42  ? -12.399 11.733  -13.070 1.00 52.28 ? 648  LYS A CE  1 
ATOM   254  N NZ  . LYS A 1 42  ? -13.668 12.490  -13.256 1.00 55.16 ? 648  LYS A NZ  1 
ATOM   255  N N   . GLU A 1 43  ? -7.571  12.673  -17.553 1.00 40.37 ? 649  GLU A N   1 
ATOM   256  C CA  . GLU A 1 43  ? -6.726  12.832  -18.730 1.00 40.43 ? 649  GLU A CA  1 
ATOM   257  C C   . GLU A 1 43  ? -5.659  11.750  -18.870 1.00 38.04 ? 649  GLU A C   1 
ATOM   258  O O   . GLU A 1 43  ? -5.460  11.196  -19.948 1.00 37.62 ? 649  GLU A O   1 
ATOM   259  C CB  . GLU A 1 43  ? -6.048  14.204  -18.698 1.00 42.31 ? 649  GLU A CB  1 
ATOM   260  C CG  . GLU A 1 43  ? -5.417  14.612  -20.017 1.00 47.36 ? 649  GLU A CG  1 
ATOM   261  C CD  . GLU A 1 43  ? -4.549  15.851  -19.887 1.00 50.77 ? 649  GLU A CD  1 
ATOM   262  O OE1 . GLU A 1 43  ? -4.964  16.804  -19.190 1.00 52.44 ? 649  GLU A OE1 1 
ATOM   263  O OE2 . GLU A 1 43  ? -3.455  15.872  -20.491 1.00 52.35 ? 649  GLU A OE2 1 
ATOM   264  N N   . MET A 1 44  ? -4.968  11.459  -17.775 1.00 36.58 ? 650  MET A N   1 
ATOM   265  C CA  . MET A 1 44  ? -3.908  10.462  -17.785 1.00 35.48 ? 650  MET A CA  1 
ATOM   266  C C   . MET A 1 44  ? -4.495  9.068   -17.921 1.00 35.34 ? 650  MET A C   1 
ATOM   267  O O   . MET A 1 44  ? -5.661  8.844   -17.617 1.00 33.92 ? 650  MET A O   1 
ATOM   268  C CB  . MET A 1 44  ? -3.083  10.559  -16.498 1.00 33.78 ? 650  MET A CB  1 
ATOM   269  C CG  . MET A 1 44  ? -3.862  10.196  -15.241 1.00 30.06 ? 650  MET A CG  1 
ATOM   270  S SD  . MET A 1 44  ? -3.111  10.852  -13.739 1.00 29.65 ? 650  MET A SD  1 
ATOM   271  C CE  . MET A 1 44  ? -1.423  10.170  -13.858 1.00 24.86 ? 650  MET A CE  1 
ATOM   272  N N   . ASN A 1 45  ? -3.676  8.130   -18.377 1.00 36.29 ? 651  ASN A N   1 
ATOM   273  C CA  . ASN A 1 45  ? -4.134  6.761   -18.545 1.00 38.06 ? 651  ASN A CA  1 
ATOM   274  C C   . ASN A 1 45  ? -4.002  5.950   -17.274 1.00 36.26 ? 651  ASN A C   1 
ATOM   275  O O   . ASN A 1 45  ? -4.798  5.049   -17.021 1.00 36.03 ? 651  ASN A O   1 
ATOM   276  C CB  . ASN A 1 45  ? -3.359  6.081   -19.670 1.00 40.76 ? 651  ASN A CB  1 
ATOM   277  C CG  . ASN A 1 45  ? -3.751  6.605   -21.030 1.00 44.39 ? 651  ASN A CG  1 
ATOM   278  O OD1 . ASN A 1 45  ? -4.921  6.540   -21.413 1.00 44.97 ? 651  ASN A OD1 1 
ATOM   279  N ND2 . ASN A 1 45  ? -2.777  7.134   -21.771 1.00 44.83 ? 651  ASN A ND2 1 
ATOM   280  N N   . ASP A 1 46  ? -3.008  6.285   -16.465 1.00 35.24 ? 652  ASP A N   1 
ATOM   281  C CA  . ASP A 1 46  ? -2.770  5.558   -15.229 1.00 35.68 ? 652  ASP A CA  1 
ATOM   282  C C   . ASP A 1 46  ? -2.643  6.505   -14.039 1.00 33.99 ? 652  ASP A C   1 
ATOM   283  O O   . ASP A 1 46  ? -1.681  7.262   -13.943 1.00 34.74 ? 652  ASP A O   1 
ATOM   284  C CB  . ASP A 1 46  ? -1.486  4.728   -15.372 1.00 37.48 ? 652  ASP A CB  1 
ATOM   285  C CG  . ASP A 1 46  ? -1.275  3.769   -14.216 1.00 38.55 ? 652  ASP A CG  1 
ATOM   286  O OD1 . ASP A 1 46  ? -1.925  3.938   -13.163 1.00 37.39 ? 652  ASP A OD1 1 
ATOM   287  O OD2 . ASP A 1 46  ? -0.441  2.851   -14.361 1.00 42.31 ? 652  ASP A OD2 1 
ATOM   288  N N   . PRO A 1 47  ? -3.614  6.474   -13.112 1.00 33.49 ? 653  PRO A N   1 
ATOM   289  C CA  . PRO A 1 47  ? -3.539  7.362   -11.946 1.00 32.46 ? 653  PRO A CA  1 
ATOM   290  C C   . PRO A 1 47  ? -2.345  7.049   -11.036 1.00 31.74 ? 653  PRO A C   1 
ATOM   291  O O   . PRO A 1 47  ? -2.027  7.823   -10.135 1.00 29.74 ? 653  PRO A O   1 
ATOM   292  C CB  . PRO A 1 47  ? -4.883  7.141   -11.251 1.00 32.32 ? 653  PRO A CB  1 
ATOM   293  C CG  . PRO A 1 47  ? -5.239  5.731   -11.629 1.00 33.87 ? 653  PRO A CG  1 
ATOM   294  C CD  . PRO A 1 47  ? -4.847  5.665   -13.085 1.00 32.86 ? 653  PRO A CD  1 
ATOM   295  N N   . SER A 1 48  ? -1.684  5.922   -11.297 1.00 31.76 ? 654  SER A N   1 
ATOM   296  C CA  . SER A 1 48  ? -0.525  5.490   -10.513 1.00 31.50 ? 654  SER A CA  1 
ATOM   297  C C   . SER A 1 48  ? 0.792   5.868   -11.187 1.00 31.61 ? 654  SER A C   1 
ATOM   298  O O   . SER A 1 48  ? 1.859   5.385   -10.799 1.00 30.29 ? 654  SER A O   1 
ATOM   299  C CB  . SER A 1 48  ? -0.563  3.974   -10.319 1.00 32.10 ? 654  SER A CB  1 
ATOM   300  O OG  . SER A 1 48  ? -1.812  3.560   -9.796  1.00 34.74 ? 654  SER A OG  1 
ATOM   301  N N   . GLN A 1 49  ? 0.708   6.726   -12.201 1.00 30.14 ? 655  GLN A N   1 
ATOM   302  C CA  . GLN A 1 49  ? 1.883   7.183   -12.945 1.00 29.73 ? 655  GLN A CA  1 
ATOM   303  C C   . GLN A 1 49  ? 2.932   7.818   -12.030 1.00 29.20 ? 655  GLN A C   1 
ATOM   304  O O   . GLN A 1 49  ? 2.665   8.832   -11.386 1.00 29.93 ? 655  GLN A O   1 
ATOM   305  C CB  . GLN A 1 49  ? 1.448   8.203   -14.004 1.00 31.03 ? 655  GLN A CB  1 
ATOM   306  C CG  . GLN A 1 49  ? 2.561   8.684   -14.920 1.00 33.07 ? 655  GLN A CG  1 
ATOM   307  C CD  . GLN A 1 49  ? 3.178   7.553   -15.713 1.00 34.29 ? 655  GLN A CD  1 
ATOM   308  O OE1 . GLN A 1 49  ? 2.477   6.818   -16.410 1.00 32.24 ? 655  GLN A OE1 1 
ATOM   309  N NE2 . GLN A 1 49  ? 4.497   7.403   -15.610 1.00 35.39 ? 655  GLN A NE2 1 
ATOM   310  N N   . PRO A 1 50  ? 4.139   7.227   -11.959 1.00 28.57 ? 656  PRO A N   1 
ATOM   311  C CA  . PRO A 1 50  ? 5.210   7.767   -11.111 1.00 28.59 ? 656  PRO A CA  1 
ATOM   312  C C   . PRO A 1 50  ? 6.173   8.668   -11.884 1.00 29.88 ? 656  PRO A C   1 
ATOM   313  O O   . PRO A 1 50  ? 6.269   8.575   -13.104 1.00 31.02 ? 656  PRO A O   1 
ATOM   314  C CB  . PRO A 1 50  ? 5.914   6.512   -10.628 1.00 26.39 ? 656  PRO A CB  1 
ATOM   315  C CG  . PRO A 1 50  ? 5.901   5.674   -11.868 1.00 26.56 ? 656  PRO A CG  1 
ATOM   316  C CD  . PRO A 1 50  ? 4.474   5.856   -12.395 1.00 27.45 ? 656  PRO A CD  1 
ATOM   317  N N   . ASN A 1 51  ? 6.879   9.542   -11.174 1.00 30.90 ? 657  ASN A N   1 
ATOM   318  C CA  . ASN A 1 51  ? 7.858   10.393  -11.825 1.00 32.78 ? 657  ASN A CA  1 
ATOM   319  C C   . ASN A 1 51  ? 9.167   9.596   -11.842 1.00 35.29 ? 657  ASN A C   1 
ATOM   320  O O   . ASN A 1 51  ? 9.163   8.385   -11.590 1.00 36.21 ? 657  ASN A O   1 
ATOM   321  C CB  . ASN A 1 51  ? 8.034   11.728  -11.079 1.00 31.64 ? 657  ASN A CB  1 
ATOM   322  C CG  . ASN A 1 51  ? 8.584   11.565  -9.666  1.00 32.42 ? 657  ASN A CG  1 
ATOM   323  O OD1 . ASN A 1 51  ? 9.049   10.497  -9.275  1.00 31.90 ? 657  ASN A OD1 1 
ATOM   324  N ND2 . ASN A 1 51  ? 8.545   12.647  -8.899  1.00 31.34 ? 657  ASN A ND2 1 
ATOM   325  N N   . GLU A 1 52  ? 10.278  10.258  -12.138 1.00 37.14 ? 658  GLU A N   1 
ATOM   326  C CA  . GLU A 1 52  ? 11.571  9.582   -12.193 1.00 40.37 ? 658  GLU A CA  1 
ATOM   327  C C   . GLU A 1 52  ? 12.014  9.021   -10.847 1.00 40.08 ? 658  GLU A C   1 
ATOM   328  O O   . GLU A 1 52  ? 12.854  8.125   -10.791 1.00 41.03 ? 658  GLU A O   1 
ATOM   329  C CB  . GLU A 1 52  ? 12.643  10.539  -12.721 1.00 44.16 ? 658  GLU A CB  1 
ATOM   330  C CG  . GLU A 1 52  ? 13.054  10.278  -14.165 1.00 50.43 ? 658  GLU A CG  1 
ATOM   331  C CD  . GLU A 1 52  ? 14.525  9.897   -14.291 1.00 55.22 ? 658  GLU A CD  1 
ATOM   332  O OE1 . GLU A 1 52  ? 15.388  10.741  -13.959 1.00 57.65 ? 658  GLU A OE1 1 
ATOM   333  O OE2 . GLU A 1 52  ? 14.819  8.756   -14.718 1.00 56.56 ? 658  GLU A OE2 1 
ATOM   334  N N   . GLU A 1 53  ? 11.445  9.548   -9.769  1.00 38.67 ? 659  GLU A N   1 
ATOM   335  C CA  . GLU A 1 53  ? 11.787  9.111   -8.423  1.00 38.40 ? 659  GLU A CA  1 
ATOM   336  C C   . GLU A 1 53  ? 10.827  8.060   -7.871  1.00 36.04 ? 659  GLU A C   1 
ATOM   337  O O   . GLU A 1 53  ? 10.916  7.680   -6.706  1.00 36.36 ? 659  GLU A O   1 
ATOM   338  C CB  . GLU A 1 53  ? 11.815  10.318  -7.487  1.00 43.59 ? 659  GLU A CB  1 
ATOM   339  C CG  . GLU A 1 53  ? 12.889  11.339  -7.826  1.00 49.99 ? 659  GLU A CG  1 
ATOM   340  C CD  . GLU A 1 53  ? 14.283  10.861  -7.450  1.00 55.09 ? 659  GLU A CD  1 
ATOM   341  O OE1 . GLU A 1 53  ? 14.695  9.776   -7.919  1.00 57.03 ? 659  GLU A OE1 1 
ATOM   342  O OE2 . GLU A 1 53  ? 14.965  11.576  -6.679  1.00 57.61 ? 659  GLU A OE2 1 
ATOM   343  N N   . GLY A 1 54  ? 9.908   7.595   -8.706  1.00 33.88 ? 660  GLY A N   1 
ATOM   344  C CA  . GLY A 1 54  ? 8.952   6.595   -8.266  1.00 31.87 ? 660  GLY A CA  1 
ATOM   345  C C   . GLY A 1 54  ? 7.822   7.193   -7.448  1.00 30.70 ? 660  GLY A C   1 
ATOM   346  O O   . GLY A 1 54  ? 6.969   6.469   -6.936  1.00 29.64 ? 660  GLY A O   1 
ATOM   347  N N   . ILE A 1 55  ? 7.816   8.517   -7.329  1.00 28.20 ? 661  ILE A N   1 
ATOM   348  C CA  . ILE A 1 55  ? 6.787   9.210   -6.563  1.00 28.11 ? 661  ILE A CA  1 
ATOM   349  C C   . ILE A 1 55  ? 5.482   9.329   -7.349  1.00 27.11 ? 661  ILE A C   1 
ATOM   350  O O   . ILE A 1 55  ? 5.472   9.797   -8.490  1.00 27.35 ? 661  ILE A O   1 
ATOM   351  C CB  . ILE A 1 55  ? 7.264   10.617  -6.156  1.00 29.36 ? 661  ILE A CB  1 
ATOM   352  C CG1 . ILE A 1 55  ? 8.514   10.498  -5.285  1.00 30.21 ? 661  ILE A CG1 1 
ATOM   353  C CG2 . ILE A 1 55  ? 6.161   11.350  -5.383  1.00 29.66 ? 661  ILE A CG2 1 
ATOM   354  C CD1 . ILE A 1 55  ? 9.214   11.818  -5.047  1.00 34.49 ? 661  ILE A CD1 1 
ATOM   355  N N   . THR A 1 56  ? 4.386   8.891   -6.729  1.00 24.78 ? 662  THR A N   1 
ATOM   356  C CA  . THR A 1 56  ? 3.067   8.945   -7.349  1.00 21.61 ? 662  THR A CA  1 
ATOM   357  C C   . THR A 1 56  ? 2.197   9.979   -6.644  1.00 19.81 ? 662  THR A C   1 
ATOM   358  O O   . THR A 1 56  ? 2.518   10.431  -5.547  1.00 20.54 ? 662  THR A O   1 
ATOM   359  C CB  . THR A 1 56  ? 2.350   7.573   -7.272  1.00 23.33 ? 662  THR A CB  1 
ATOM   360  O OG1 . THR A 1 56  ? 2.115   7.226   -5.897  1.00 26.00 ? 662  THR A OG1 1 
ATOM   361  C CG2 . THR A 1 56  ? 3.191   6.492   -7.927  1.00 21.46 ? 662  THR A CG2 1 
ATOM   362  N N   . ALA A 1 57  ? 1.089   10.345  -7.273  1.00 19.15 ? 663  ALA A N   1 
ATOM   363  C CA  . ALA A 1 57  ? 0.169   11.318  -6.696  1.00 19.53 ? 663  ALA A CA  1 
ATOM   364  C C   . ALA A 1 57  ? -0.267  10.894  -5.293  1.00 19.07 ? 663  ALA A C   1 
ATOM   365  O O   . ALA A 1 57  ? -0.351  11.725  -4.390  1.00 18.61 ? 663  ALA A O   1 
ATOM   366  C CB  . ALA A 1 57  ? -1.065  11.468  -7.596  1.00 19.81 ? 663  ALA A CB  1 
ATOM   367  N N   . LEU A 1 58  ? -0.548  9.605   -5.117  1.00 19.61 ? 664  LEU A N   1 
ATOM   368  C CA  . LEU A 1 58  ? -0.980  9.095   -3.821  1.00 20.56 ? 664  LEU A CA  1 
ATOM   369  C C   . LEU A 1 58  ? 0.082   9.319   -2.750  1.00 22.45 ? 664  LEU A C   1 
ATOM   370  O O   . LEU A 1 58  ? -0.247  9.650   -1.614  1.00 20.85 ? 664  LEU A O   1 
ATOM   371  C CB  . LEU A 1 58  ? -1.325  7.604   -3.910  1.00 20.14 ? 664  LEU A CB  1 
ATOM   372  C CG  . LEU A 1 58  ? -1.845  6.941   -2.621  1.00 22.63 ? 664  LEU A CG  1 
ATOM   373  C CD1 . LEU A 1 58  ? -3.069  7.691   -2.108  1.00 18.97 ? 664  LEU A CD1 1 
ATOM   374  C CD2 . LEU A 1 58  ? -2.199  5.475   -2.893  1.00 20.22 ? 664  LEU A CD2 1 
ATOM   375  N N   . HIS A 1 59  ? 1.352   9.139   -3.106  1.00 23.40 ? 665  HIS A N   1 
ATOM   376  C CA  . HIS A 1 59  ? 2.428   9.350   -2.145  1.00 23.92 ? 665  HIS A CA  1 
ATOM   377  C C   . HIS A 1 59  ? 2.352   10.769  -1.596  1.00 24.10 ? 665  HIS A C   1 
ATOM   378  O O   . HIS A 1 59  ? 2.396   10.982  -0.388  1.00 24.77 ? 665  HIS A O   1 
ATOM   379  C CB  . HIS A 1 59  ? 3.806   9.169   -2.792  1.00 25.03 ? 665  HIS A CB  1 
ATOM   380  C CG  . HIS A 1 59  ? 4.231   7.743   -2.954  1.00 25.16 ? 665  HIS A CG  1 
ATOM   381  N ND1 . HIS A 1 59  ? 3.938   7.002   -4.079  1.00 26.56 ? 665  HIS A ND1 1 
ATOM   382  C CD2 . HIS A 1 59  ? 4.962   6.937   -2.149  1.00 22.86 ? 665  HIS A CD2 1 
ATOM   383  C CE1 . HIS A 1 59  ? 4.476   5.801   -3.962  1.00 25.75 ? 665  HIS A CE1 1 
ATOM   384  N NE2 . HIS A 1 59  ? 5.103   5.735   -2.800  1.00 25.03 ? 665  HIS A NE2 1 
ATOM   385  N N   . ASN A 1 60  ? 2.242   11.737  -2.502  1.00 24.19 ? 666  ASN A N   1 
ATOM   386  C CA  . ASN A 1 60  ? 2.184   13.148  -2.127  1.00 26.13 ? 666  ASN A CA  1 
ATOM   387  C C   . ASN A 1 60  ? 0.918   13.557  -1.384  1.00 25.43 ? 666  ASN A C   1 
ATOM   388  O O   . ASN A 1 60  ? 0.964   14.413  -0.504  1.00 26.36 ? 666  ASN A O   1 
ATOM   389  C CB  . ASN A 1 60  ? 2.350   14.021  -3.374  1.00 25.20 ? 666  ASN A CB  1 
ATOM   390  C CG  . ASN A 1 60  ? 3.803   14.222  -3.751  1.00 26.27 ? 666  ASN A CG  1 
ATOM   391  O OD1 . ASN A 1 60  ? 4.687   13.507  -3.271  1.00 24.36 ? 666  ASN A OD1 1 
ATOM   392  N ND2 . ASN A 1 60  ? 4.061   15.197  -4.621  1.00 24.37 ? 666  ASN A ND2 1 
ATOM   393  N N   . ALA A 1 61  ? -0.210  12.954  -1.740  1.00 26.38 ? 667  ALA A N   1 
ATOM   394  C CA  . ALA A 1 61  ? -1.470  13.276  -1.085  1.00 28.06 ? 667  ALA A CA  1 
ATOM   395  C C   . ALA A 1 61  ? -1.369  12.884  0.384   1.00 28.98 ? 667  ALA A C   1 
ATOM   396  O O   . ALA A 1 61  ? -1.868  13.588  1.264   1.00 28.73 ? 667  ALA A O   1 
ATOM   397  C CB  . ALA A 1 61  ? -2.614  12.525  -1.751  1.00 27.62 ? 667  ALA A CB  1 
ATOM   398  N N   . ILE A 1 62  ? -0.709  11.757  0.630   1.00 28.89 ? 668  ILE A N   1 
ATOM   399  C CA  . ILE A 1 62  ? -0.514  11.238  1.975   1.00 29.96 ? 668  ILE A CA  1 
ATOM   400  C C   . ILE A 1 62  ? 0.337   12.184  2.815   1.00 31.19 ? 668  ILE A C   1 
ATOM   401  O O   . ILE A 1 62  ? -0.048  12.575  3.917   1.00 30.50 ? 668  ILE A O   1 
ATOM   402  C CB  . ILE A 1 62  ? 0.165   9.850   1.923   1.00 28.98 ? 668  ILE A CB  1 
ATOM   403  C CG1 . ILE A 1 62  ? -0.794  8.838   1.287   1.00 28.36 ? 668  ILE A CG1 1 
ATOM   404  C CG2 . ILE A 1 62  ? 0.600   9.425   3.321   1.00 28.63 ? 668  ILE A CG2 1 
ATOM   405  C CD1 . ILE A 1 62  ? -0.221  7.439   1.116   1.00 27.57 ? 668  ILE A CD1 1 
ATOM   406  N N   . CYS A 1 63  ? 1.497   12.553  2.284   1.00 34.68 ? 669  CYS A N   1 
ATOM   407  C CA  . CYS A 1 63  ? 2.398   13.454  2.984   1.00 39.31 ? 669  CYS A CA  1 
ATOM   408  C C   . CYS A 1 63  ? 1.754   14.822  3.221   1.00 39.59 ? 669  CYS A C   1 
ATOM   409  O O   . CYS A 1 63  ? 2.059   15.498  4.202   1.00 39.60 ? 669  CYS A O   1 
ATOM   410  C CB  . CYS A 1 63  ? 3.704   13.594  2.191   1.00 42.98 ? 669  CYS A CB  1 
ATOM   411  S SG  . CYS A 1 63  ? 4.658   12.036  2.120   1.00 51.97 ? 669  CYS A SG  1 
ATOM   412  N N   . GLY A 1 64  ? 0.851   15.219  2.330   1.00 39.23 ? 670  GLY A N   1 
ATOM   413  C CA  . GLY A 1 64  ? 0.181   16.494  2.489   1.00 38.81 ? 670  GLY A CA  1 
ATOM   414  C C   . GLY A 1 64  ? -1.014  16.416  3.423   1.00 39.50 ? 670  GLY A C   1 
ATOM   415  O O   . GLY A 1 64  ? -1.632  17.435  3.738   1.00 39.91 ? 670  GLY A O   1 
ATOM   416  N N   . ALA A 1 65  ? -1.344  15.209  3.873   1.00 37.76 ? 671  ALA A N   1 
ATOM   417  C CA  . ALA A 1 65  ? -2.482  15.014  4.764   1.00 37.93 ? 671  ALA A CA  1 
ATOM   418  C C   . ALA A 1 65  ? -3.767  15.473  4.082   1.00 37.53 ? 671  ALA A C   1 
ATOM   419  O O   . ALA A 1 65  ? -4.654  16.029  4.719   1.00 38.36 ? 671  ALA A O   1 
ATOM   420  C CB  . ALA A 1 65  ? -2.277  15.790  6.059   1.00 37.07 ? 671  ALA A CB  1 
ATOM   421  N N   . ASN A 1 66  ? -3.864  15.230  2.783   1.00 37.53 ? 672  ASN A N   1 
ATOM   422  C CA  . ASN A 1 66  ? -5.038  15.637  2.018   1.00 38.03 ? 672  ASN A CA  1 
ATOM   423  C C   . ASN A 1 66  ? -5.996  14.466  1.861   1.00 37.88 ? 672  ASN A C   1 
ATOM   424  O O   . ASN A 1 66  ? -6.117  13.862  0.793   1.00 37.70 ? 672  ASN A O   1 
ATOM   425  C CB  . ASN A 1 66  ? -4.584  16.192  0.667   1.00 37.04 ? 672  ASN A CB  1 
ATOM   426  C CG  . ASN A 1 66  ? -3.684  17.407  0.827   1.00 37.29 ? 672  ASN A CG  1 
ATOM   427  O OD1 . ASN A 1 66  ? -4.117  18.445  1.334   1.00 35.29 ? 672  ASN A OD1 1 
ATOM   428  N ND2 . ASN A 1 66  ? -2.422  17.279  0.420   1.00 36.84 ? 672  ASN A ND2 1 
ATOM   429  N N   . TYR A 1 67  ? -6.678  14.168  2.963   1.00 37.26 ? 673  TYR A N   1 
ATOM   430  C CA  . TYR A 1 67  ? -7.622  13.067  3.051   1.00 36.27 ? 673  TYR A CA  1 
ATOM   431  C C   . TYR A 1 67  ? -8.590  12.968  1.886   1.00 35.97 ? 673  TYR A C   1 
ATOM   432  O O   . TYR A 1 67  ? -8.879  11.875  1.401   1.00 34.71 ? 673  TYR A O   1 
ATOM   433  C CB  . TYR A 1 67  ? -8.387  13.182  4.367   1.00 35.79 ? 673  TYR A CB  1 
ATOM   434  C CG  . TYR A 1 67  ? -7.462  13.235  5.559   1.00 35.76 ? 673  TYR A CG  1 
ATOM   435  C CD1 . TYR A 1 67  ? -6.828  12.080  6.019   1.00 34.12 ? 673  TYR A CD1 1 
ATOM   436  C CD2 . TYR A 1 67  ? -7.165  14.449  6.190   1.00 35.27 ? 673  TYR A CD2 1 
ATOM   437  C CE1 . TYR A 1 67  ? -5.919  12.124  7.073   1.00 34.48 ? 673  TYR A CE1 1 
ATOM   438  C CE2 . TYR A 1 67  ? -6.251  14.507  7.248   1.00 35.38 ? 673  TYR A CE2 1 
ATOM   439  C CZ  . TYR A 1 67  ? -5.631  13.333  7.680   1.00 36.05 ? 673  TYR A CZ  1 
ATOM   440  O OH  . TYR A 1 67  ? -4.709  13.366  8.704   1.00 38.02 ? 673  TYR A OH  1 
ATOM   441  N N   . SER A 1 68  ? -9.088  14.112  1.434   1.00 35.95 ? 674  SER A N   1 
ATOM   442  C CA  . SER A 1 68  ? -10.037 14.131  0.330   1.00 36.96 ? 674  SER A CA  1 
ATOM   443  C C   . SER A 1 68  ? -9.395  13.620  -0.963  1.00 35.89 ? 674  SER A C   1 
ATOM   444  O O   . SER A 1 68  ? -10.011 12.868  -1.716  1.00 35.33 ? 674  SER A O   1 
ATOM   445  C CB  . SER A 1 68  ? -10.568 15.553  0.129   1.00 39.26 ? 674  SER A CB  1 
ATOM   446  O OG  . SER A 1 68  ? -11.644 15.561  -0.788  1.00 43.85 ? 674  SER A OG  1 
ATOM   447  N N   . ILE A 1 69  ? -8.154  14.024  -1.218  1.00 34.13 ? 675  ILE A N   1 
ATOM   448  C CA  . ILE A 1 69  ? -7.469  13.578  -2.422  1.00 33.67 ? 675  ILE A CA  1 
ATOM   449  C C   . ILE A 1 69  ? -7.123  12.092  -2.335  1.00 31.21 ? 675  ILE A C   1 
ATOM   450  O O   . ILE A 1 69  ? -7.218  11.369  -3.326  1.00 29.90 ? 675  ILE A O   1 
ATOM   451  C CB  . ILE A 1 69  ? -6.165  14.381  -2.682  1.00 34.90 ? 675  ILE A CB  1 
ATOM   452  C CG1 . ILE A 1 69  ? -6.498  15.803  -3.154  1.00 36.60 ? 675  ILE A CG1 1 
ATOM   453  C CG2 . ILE A 1 69  ? -5.319  13.674  -3.738  1.00 34.83 ? 675  ILE A CG2 1 
ATOM   454  C CD1 . ILE A 1 69  ? -6.915  16.744  -2.056  1.00 39.98 ? 675  ILE A CD1 1 
ATOM   455  N N   . VAL A 1 70  ? -6.727  11.639  -1.149  1.00 29.49 ? 676  VAL A N   1 
ATOM   456  C CA  . VAL A 1 70  ? -6.368  10.236  -0.957  1.00 30.90 ? 676  VAL A CA  1 
ATOM   457  C C   . VAL A 1 70  ? -7.550  9.323   -1.274  1.00 30.72 ? 676  VAL A C   1 
ATOM   458  O O   . VAL A 1 70  ? -7.413  8.369   -2.036  1.00 29.63 ? 676  VAL A O   1 
ATOM   459  C CB  . VAL A 1 70  ? -5.885  9.961   0.501   1.00 31.22 ? 676  VAL A CB  1 
ATOM   460  C CG1 . VAL A 1 70  ? -5.678  8.459   0.717   1.00 29.62 ? 676  VAL A CG1 1 
ATOM   461  C CG2 . VAL A 1 70  ? -4.581  10.710  0.767   1.00 27.69 ? 676  VAL A CG2 1 
ATOM   462  N N   . ASP A 1 71  ? -8.709  9.619   -0.695  1.00 31.66 ? 677  ASP A N   1 
ATOM   463  C CA  . ASP A 1 71  ? -9.894  8.804   -0.939  1.00 35.04 ? 677  ASP A CA  1 
ATOM   464  C C   . ASP A 1 71  ? -10.242 8.778   -2.418  1.00 34.81 ? 677  ASP A C   1 
ATOM   465  O O   . ASP A 1 71  ? -10.563 7.722   -2.971  1.00 35.14 ? 677  ASP A O   1 
ATOM   466  C CB  . ASP A 1 71  ? -11.080 9.327   -0.136  1.00 38.46 ? 677  ASP A CB  1 
ATOM   467  C CG  . ASP A 1 71  ? -10.827 9.282   1.356   1.00 44.69 ? 677  ASP A CG  1 
ATOM   468  O OD1 . ASP A 1 71  ? -10.316 8.243   1.835   1.00 47.91 ? 677  ASP A OD1 1 
ATOM   469  O OD2 . ASP A 1 71  ? -11.139 10.278  2.050   1.00 49.19 ? 677  ASP A OD2 1 
ATOM   470  N N   . PHE A 1 72  ? -10.172 9.941   -3.059  1.00 32.02 ? 678  PHE A N   1 
ATOM   471  C CA  . PHE A 1 72  ? -10.468 10.023  -4.477  1.00 30.37 ? 678  PHE A CA  1 
ATOM   472  C C   . PHE A 1 72  ? -9.557  9.096   -5.271  1.00 30.57 ? 678  PHE A C   1 
ATOM   473  O O   . PHE A 1 72  ? -10.024 8.323   -6.102  1.00 31.96 ? 678  PHE A O   1 
ATOM   474  C CB  . PHE A 1 72  ? -10.283 11.455  -4.986  1.00 31.03 ? 678  PHE A CB  1 
ATOM   475  C CG  . PHE A 1 72  ? -10.368 11.570  -6.480  1.00 29.66 ? 678  PHE A CG  1 
ATOM   476  C CD1 . PHE A 1 72  ? -11.580 11.382  -7.135  1.00 30.61 ? 678  PHE A CD1 1 
ATOM   477  C CD2 . PHE A 1 72  ? -9.219  11.788  -7.239  1.00 31.24 ? 678  PHE A CD2 1 
ATOM   478  C CE1 . PHE A 1 72  ? -11.647 11.403  -8.529  1.00 33.37 ? 678  PHE A CE1 1 
ATOM   479  C CE2 . PHE A 1 72  ? -9.271  11.810  -8.631  1.00 30.65 ? 678  PHE A CE2 1 
ATOM   480  C CZ  . PHE A 1 72  ? -10.485 11.615  -9.279  1.00 33.38 ? 678  PHE A CZ  1 
ATOM   481  N N   . LEU A 1 73  ? -8.254  9.188   -5.016  1.00 31.38 ? 679  LEU A N   1 
ATOM   482  C CA  . LEU A 1 73  ? -7.264  8.373   -5.716  1.00 30.86 ? 679  LEU A CA  1 
ATOM   483  C C   . LEU A 1 73  ? -7.437  6.882   -5.459  1.00 31.45 ? 679  LEU A C   1 
ATOM   484  O O   . LEU A 1 73  ? -7.299  6.073   -6.374  1.00 33.45 ? 679  LEU A O   1 
ATOM   485  C CB  . LEU A 1 73  ? -5.851  8.815   -5.326  1.00 29.20 ? 679  LEU A CB  1 
ATOM   486  C CG  . LEU A 1 73  ? -5.468  10.247  -5.737  1.00 29.33 ? 679  LEU A CG  1 
ATOM   487  C CD1 . LEU A 1 73  ? -4.195  10.685  -5.017  1.00 28.17 ? 679  LEU A CD1 1 
ATOM   488  C CD2 . LEU A 1 73  ? -5.284  10.314  -7.246  1.00 25.90 ? 679  LEU A CD2 1 
ATOM   489  N N   . ILE A 1 74  ? -7.740  6.510   -4.222  1.00 32.70 ? 680  ILE A N   1 
ATOM   490  C CA  . ILE A 1 74  ? -7.934  5.098   -3.904  1.00 32.95 ? 680  ILE A CA  1 
ATOM   491  C C   . ILE A 1 74  ? -9.136  4.571   -4.676  1.00 32.62 ? 680  ILE A C   1 
ATOM   492  O O   . ILE A 1 74  ? -9.051  3.548   -5.352  1.00 32.78 ? 680  ILE A O   1 
ATOM   493  C CB  . ILE A 1 74  ? -8.159  4.882   -2.392  1.00 31.95 ? 680  ILE A CB  1 
ATOM   494  C CG1 . ILE A 1 74  ? -6.854  5.138   -1.637  1.00 32.90 ? 680  ILE A CG1 1 
ATOM   495  C CG2 . ILE A 1 74  ? -8.643  3.457   -2.132  1.00 34.82 ? 680  ILE A CG2 1 
ATOM   496  C CD1 . ILE A 1 74  ? -6.956  4.932   -0.137  1.00 32.63 ? 680  ILE A CD1 1 
ATOM   497  N N   . THR A 1 75  ? -10.251 5.286   -4.578  1.00 33.05 ? 681  THR A N   1 
ATOM   498  C CA  . THR A 1 75  ? -11.477 4.915   -5.278  1.00 34.05 ? 681  THR A CA  1 
ATOM   499  C C   . THR A 1 75  ? -11.239 4.837   -6.787  1.00 33.49 ? 681  THR A C   1 
ATOM   500  O O   . THR A 1 75  ? -11.835 4.011   -7.469  1.00 34.17 ? 681  THR A O   1 
ATOM   501  C CB  . THR A 1 75  ? -12.594 5.945   -5.013  1.00 33.83 ? 681  THR A CB  1 
ATOM   502  O OG1 . THR A 1 75  ? -12.944 5.918   -3.625  1.00 34.90 ? 681  THR A OG1 1 
ATOM   503  C CG2 . THR A 1 75  ? -13.822 5.638   -5.851  1.00 34.94 ? 681  THR A CG2 1 
ATOM   504  N N   . ALA A 1 76  ? -10.366 5.700   -7.299  1.00 32.87 ? 682  ALA A N   1 
ATOM   505  C CA  . ALA A 1 76  ? -10.057 5.723   -8.726  1.00 33.51 ? 682  ALA A CA  1 
ATOM   506  C C   . ALA A 1 76  ? -9.152  4.558   -9.155  1.00 34.22 ? 682  ALA A C   1 
ATOM   507  O O   . ALA A 1 76  ? -8.899  4.364   -10.346 1.00 34.03 ? 682  ALA A O   1 
ATOM   508  C CB  . ALA A 1 76  ? -9.410  7.056   -9.096  1.00 32.58 ? 682  ALA A CB  1 
ATOM   509  N N   . GLY A 1 77  ? -8.656  3.790   -8.188  1.00 34.27 ? 683  GLY A N   1 
ATOM   510  C CA  . GLY A 1 77  ? -7.811  2.656   -8.520  1.00 33.68 ? 683  GLY A CA  1 
ATOM   511  C C   . GLY A 1 77  ? -6.309  2.895   -8.459  1.00 33.84 ? 683  GLY A C   1 
ATOM   512  O O   . GLY A 1 77  ? -5.533  2.120   -9.023  1.00 33.48 ? 683  GLY A O   1 
ATOM   513  N N   . ALA A 1 78  ? -5.893  3.960   -7.782  1.00 30.77 ? 684  ALA A N   1 
ATOM   514  C CA  . ALA A 1 78  ? -4.476  4.260   -7.646  1.00 28.98 ? 684  ALA A CA  1 
ATOM   515  C C   . ALA A 1 78  ? -3.799  3.098   -6.908  1.00 27.30 ? 684  ALA A C   1 
ATOM   516  O O   . ALA A 1 78  ? -4.283  2.660   -5.876  1.00 27.61 ? 684  ALA A O   1 
ATOM   517  C CB  . ALA A 1 78  ? -4.294  5.556   -6.866  1.00 27.33 ? 684  ALA A CB  1 
ATOM   518  N N   . ASN A 1 79  ? -2.684  2.606   -7.445  1.00 25.88 ? 685  ASN A N   1 
ATOM   519  C CA  . ASN A 1 79  ? -1.944  1.498   -6.842  1.00 24.28 ? 685  ASN A CA  1 
ATOM   520  C C   . ASN A 1 79  ? -1.511  1.835   -5.411  1.00 23.80 ? 685  ASN A C   1 
ATOM   521  O O   . ASN A 1 79  ? -0.548  2.580   -5.198  1.00 22.10 ? 685  ASN A O   1 
ATOM   522  C CB  . ASN A 1 79  ? -0.719  1.178   -7.706  1.00 23.60 ? 685  ASN A CB  1 
ATOM   523  C CG  . ASN A 1 79  ? 0.089   0.007   -7.177  1.00 23.30 ? 685  ASN A CG  1 
ATOM   524  O OD1 . ASN A 1 79  ? -0.164  -0.510  -6.085  1.00 24.71 ? 685  ASN A OD1 1 
ATOM   525  N ND2 . ASN A 1 79  ? 1.080   -0.410  -7.949  1.00 21.57 ? 685  ASN A ND2 1 
ATOM   526  N N   . VAL A 1 80  ? -2.213  1.271   -4.429  1.00 23.64 ? 686  VAL A N   1 
ATOM   527  C CA  . VAL A 1 80  ? -1.901  1.543   -3.021  1.00 23.35 ? 686  VAL A CA  1 
ATOM   528  C C   . VAL A 1 80  ? -0.574  0.946   -2.545  1.00 23.65 ? 686  VAL A C   1 
ATOM   529  O O   . VAL A 1 80  ? -0.182  1.166   -1.398  1.00 24.39 ? 686  VAL A O   1 
ATOM   530  C CB  . VAL A 1 80  ? -3.024  1.021   -2.067  1.00 23.54 ? 686  VAL A CB  1 
ATOM   531  C CG1 . VAL A 1 80  ? -4.377  1.621   -2.445  1.00 21.12 ? 686  VAL A CG1 1 
ATOM   532  C CG2 . VAL A 1 80  ? -3.081  -0.498  -2.115  1.00 23.02 ? 686  VAL A CG2 1 
ATOM   533  N N   . ASN A 1 81  ? 0.115   0.205   -3.415  1.00 23.05 ? 687  ASN A N   1 
ATOM   534  C CA  . ASN A 1 81  ? 1.382   -0.434  -3.047  1.00 23.11 ? 687  ASN A CA  1 
ATOM   535  C C   . ASN A 1 81  ? 2.597   0.007   -3.862  1.00 23.71 ? 687  ASN A C   1 
ATOM   536  O O   . ASN A 1 81  ? 3.700   -0.510  -3.666  1.00 23.37 ? 687  ASN A O   1 
ATOM   537  C CB  . ASN A 1 81  ? 1.245   -1.955  -3.171  1.00 23.34 ? 687  ASN A CB  1 
ATOM   538  C CG  . ASN A 1 81  ? 0.289   -2.540  -2.159  1.00 21.00 ? 687  ASN A CG  1 
ATOM   539  O OD1 . ASN A 1 81  ? -0.631  -3.274  -2.507  1.00 25.07 ? 687  ASN A OD1 1 
ATOM   540  N ND2 . ASN A 1 81  ? 0.504   -2.220  -0.899  1.00 21.37 ? 687  ASN A ND2 1 
ATOM   541  N N   . SER A 1 82  ? 2.410   0.958   -4.768  1.00 24.25 ? 688  SER A N   1 
ATOM   542  C CA  . SER A 1 82  ? 3.515   1.405   -5.608  1.00 25.99 ? 688  SER A CA  1 
ATOM   543  C C   . SER A 1 82  ? 4.694   1.948   -4.807  1.00 25.74 ? 688  SER A C   1 
ATOM   544  O O   . SER A 1 82  ? 4.559   2.911   -4.054  1.00 25.53 ? 688  SER A O   1 
ATOM   545  C CB  . SER A 1 82  ? 3.023   2.453   -6.611  1.00 27.18 ? 688  SER A CB  1 
ATOM   546  O OG  . SER A 1 82  ? 2.091   3.328   -6.000  1.00 34.42 ? 688  SER A OG  1 
ATOM   547  N N   . PRO A 1 83  ? 5.871   1.318   -4.954  1.00 25.54 ? 689  PRO A N   1 
ATOM   548  C CA  . PRO A 1 83  ? 7.074   1.748   -4.236  1.00 25.89 ? 689  PRO A CA  1 
ATOM   549  C C   . PRO A 1 83  ? 7.868   2.798   -5.000  1.00 25.27 ? 689  PRO A C   1 
ATOM   550  O O   . PRO A 1 83  ? 7.950   2.736   -6.225  1.00 25.81 ? 689  PRO A O   1 
ATOM   551  C CB  . PRO A 1 83  ? 7.855   0.449   -4.077  1.00 25.41 ? 689  PRO A CB  1 
ATOM   552  C CG  . PRO A 1 83  ? 7.569   -0.251  -5.357  1.00 28.29 ? 689  PRO A CG  1 
ATOM   553  C CD  . PRO A 1 83  ? 6.075   -0.005  -5.574  1.00 27.07 ? 689  PRO A CD  1 
ATOM   554  N N   . ASP A 1 84  ? 8.438   3.766   -4.285  1.00 25.54 ? 690  ASP A N   1 
ATOM   555  C CA  . ASP A 1 84  ? 9.248   4.780   -4.944  1.00 28.43 ? 690  ASP A CA  1 
ATOM   556  C C   . ASP A 1 84  ? 10.676  4.247   -5.085  1.00 31.02 ? 690  ASP A C   1 
ATOM   557  O O   . ASP A 1 84  ? 10.968  3.116   -4.689  1.00 31.45 ? 690  ASP A O   1 
ATOM   558  C CB  . ASP A 1 84  ? 9.238   6.108   -4.169  1.00 29.18 ? 690  ASP A CB  1 
ATOM   559  C CG  . ASP A 1 84  ? 9.841   6.005   -2.774  1.00 30.04 ? 690  ASP A CG  1 
ATOM   560  O OD1 . ASP A 1 84  ? 10.584  5.045   -2.481  1.00 30.06 ? 690  ASP A OD1 1 
ATOM   561  O OD2 . ASP A 1 84  ? 9.575   6.919   -1.965  1.00 30.93 ? 690  ASP A OD2 1 
ATOM   562  N N   . SER A 1 85  ? 11.562  5.058   -5.647  1.00 32.26 ? 691  SER A N   1 
ATOM   563  C CA  . SER A 1 85  ? 12.940  4.639   -5.851  1.00 34.85 ? 691  SER A CA  1 
ATOM   564  C C   . SER A 1 85  ? 13.591  4.020   -4.612  1.00 34.58 ? 691  SER A C   1 
ATOM   565  O O   . SER A 1 85  ? 14.478  3.175   -4.739  1.00 36.29 ? 691  SER A O   1 
ATOM   566  C CB  . SER A 1 85  ? 13.778  5.820   -6.358  1.00 36.33 ? 691  SER A CB  1 
ATOM   567  O OG  . SER A 1 85  ? 13.757  6.898   -5.438  1.00 39.57 ? 691  SER A OG  1 
ATOM   568  N N   . HIS A 1 86  ? 13.152  4.430   -3.422  1.00 33.35 ? 692  HIS A N   1 
ATOM   569  C CA  . HIS A 1 86  ? 13.705  3.891   -2.174  1.00 32.33 ? 692  HIS A CA  1 
ATOM   570  C C   . HIS A 1 86  ? 12.914  2.702   -1.625  1.00 30.83 ? 692  HIS A C   1 
ATOM   571  O O   . HIS A 1 86  ? 13.220  2.182   -0.551  1.00 29.42 ? 692  HIS A O   1 
ATOM   572  C CB  . HIS A 1 86  ? 13.776  4.976   -1.094  1.00 35.08 ? 692  HIS A CB  1 
ATOM   573  C CG  . HIS A 1 86  ? 14.795  6.039   -1.366  1.00 37.83 ? 692  HIS A CG  1 
ATOM   574  N ND1 . HIS A 1 86  ? 15.134  6.999   -0.436  1.00 39.26 ? 692  HIS A ND1 1 
ATOM   575  C CD2 . HIS A 1 86  ? 15.527  6.313   -2.472  1.00 39.16 ? 692  HIS A CD2 1 
ATOM   576  C CE1 . HIS A 1 86  ? 16.029  7.818   -0.957  1.00 39.54 ? 692  HIS A CE1 1 
ATOM   577  N NE2 . HIS A 1 86  ? 16.284  7.425   -2.192  1.00 39.96 ? 692  HIS A NE2 1 
ATOM   578  N N   . GLY A 1 87  ? 11.892  2.278   -2.355  1.00 28.86 ? 693  GLY A N   1 
ATOM   579  C CA  . GLY A 1 87  ? 11.109  1.142   -1.906  1.00 27.22 ? 693  GLY A CA  1 
ATOM   580  C C   . GLY A 1 87  ? 10.007  1.498   -0.933  1.00 26.48 ? 693  GLY A C   1 
ATOM   581  O O   . GLY A 1 87  ? 9.435   0.616   -0.293  1.00 26.85 ? 693  GLY A O   1 
ATOM   582  N N   . TRP A 1 88  ? 9.721   2.789   -0.801  1.00 24.38 ? 694  TRP A N   1 
ATOM   583  C CA  . TRP A 1 88  ? 8.661   3.243   0.093   1.00 23.23 ? 694  TRP A CA  1 
ATOM   584  C C   . TRP A 1 88  ? 7.310   3.155   -0.605  1.00 22.74 ? 694  TRP A C   1 
ATOM   585  O O   . TRP A 1 88  ? 7.127   3.718   -1.694  1.00 22.45 ? 694  TRP A O   1 
ATOM   586  C CB  . TRP A 1 88  ? 8.888   4.696   0.513   1.00 22.45 ? 694  TRP A CB  1 
ATOM   587  C CG  . TRP A 1 88  ? 9.929   4.892   1.549   1.00 22.59 ? 694  TRP A CG  1 
ATOM   588  C CD1 . TRP A 1 88  ? 11.211  4.408   1.537   1.00 22.38 ? 694  TRP A CD1 1 
ATOM   589  C CD2 . TRP A 1 88  ? 9.817   5.704   2.721   1.00 24.11 ? 694  TRP A CD2 1 
ATOM   590  N NE1 . TRP A 1 88  ? 11.904  4.879   2.624   1.00 22.56 ? 694  TRP A NE1 1 
ATOM   591  C CE2 . TRP A 1 88  ? 11.074  5.678   3.367   1.00 22.91 ? 694  TRP A CE2 1 
ATOM   592  C CE3 . TRP A 1 88  ? 8.775   6.460   3.286   1.00 23.51 ? 694  TRP A CE3 1 
ATOM   593  C CZ2 . TRP A 1 88  ? 11.322  6.382   4.554   1.00 23.68 ? 694  TRP A CZ2 1 
ATOM   594  C CZ3 . TRP A 1 88  ? 9.019   7.159   4.464   1.00 24.34 ? 694  TRP A CZ3 1 
ATOM   595  C CH2 . TRP A 1 88  ? 10.287  7.114   5.085   1.00 27.02 ? 694  TRP A CH2 1 
ATOM   596  N N   . THR A 1 89  ? 6.371   2.448   0.017   1.00 21.13 ? 695  THR A N   1 
ATOM   597  C CA  . THR A 1 89  ? 5.028   2.314   -0.531  1.00 20.54 ? 695  THR A CA  1 
ATOM   598  C C   . THR A 1 89  ? 4.171   3.388   0.147   1.00 20.44 ? 695  THR A C   1 
ATOM   599  O O   . THR A 1 89  ? 4.636   4.074   1.054   1.00 22.38 ? 695  THR A O   1 
ATOM   600  C CB  . THR A 1 89  ? 4.413   0.932   -0.199  1.00 23.12 ? 695  THR A CB  1 
ATOM   601  O OG1 . THR A 1 89  ? 4.204   0.830   1.218   1.00 22.77 ? 695  THR A OG1 1 
ATOM   602  C CG2 . THR A 1 89  ? 5.342   -0.199  -0.655  1.00 21.06 ? 695  THR A CG2 1 
ATOM   603  N N   . PRO A 1 90  ? 2.926   3.575   -0.314  1.00 19.72 ? 696  PRO A N   1 
ATOM   604  C CA  . PRO A 1 90  ? 2.065   4.582   0.315   1.00 18.84 ? 696  PRO A CA  1 
ATOM   605  C C   . PRO A 1 90  ? 1.883   4.318   1.817   1.00 17.73 ? 696  PRO A C   1 
ATOM   606  O O   . PRO A 1 90  ? 1.785   5.254   2.610   1.00 18.68 ? 696  PRO A O   1 
ATOM   607  C CB  . PRO A 1 90  ? 0.768   4.447   -0.468  1.00 18.46 ? 696  PRO A CB  1 
ATOM   608  C CG  . PRO A 1 90  ? 1.283   4.218   -1.860  1.00 20.90 ? 696  PRO A CG  1 
ATOM   609  C CD  . PRO A 1 90  ? 2.392   3.187   -1.633  1.00 19.25 ? 696  PRO A CD  1 
ATOM   610  N N   . LEU A 1 91  ? 1.861   3.046   2.210   1.00 17.67 ? 697  LEU A N   1 
ATOM   611  C CA  . LEU A 1 91  ? 1.698   2.709   3.619   1.00 16.93 ? 697  LEU A CA  1 
ATOM   612  C C   . LEU A 1 91  ? 2.900   3.184   4.419   1.00 17.60 ? 697  LEU A C   1 
ATOM   613  O O   . LEU A 1 91  ? 2.741   3.673   5.542   1.00 16.30 ? 697  LEU A O   1 
ATOM   614  C CB  . LEU A 1 91  ? 1.514   1.195   3.813   1.00 17.51 ? 697  LEU A CB  1 
ATOM   615  C CG  . LEU A 1 91  ? 1.072   0.789   5.228   1.00 18.92 ? 697  LEU A CG  1 
ATOM   616  C CD1 . LEU A 1 91  ? -0.307  1.380   5.519   1.00 17.07 ? 697  LEU A CD1 1 
ATOM   617  C CD2 . LEU A 1 91  ? 1.038   -0.725  5.368   1.00 19.52 ? 697  LEU A CD2 1 
ATOM   618  N N   . HIS A 1 92  ? 4.101   3.037   3.849   1.00 17.33 ? 698  HIS A N   1 
ATOM   619  C CA  . HIS A 1 92  ? 5.321   3.478   4.531   1.00 17.39 ? 698  HIS A CA  1 
ATOM   620  C C   . HIS A 1 92  ? 5.284   4.984   4.790   1.00 17.16 ? 698  HIS A C   1 
ATOM   621  O O   . HIS A 1 92  ? 5.702   5.444   5.842   1.00 17.04 ? 698  HIS A O   1 
ATOM   622  C CB  . HIS A 1 92  ? 6.571   3.173   3.697   1.00 17.28 ? 698  HIS A CB  1 
ATOM   623  C CG  . HIS A 1 92  ? 6.979   1.731   3.701   1.00 16.42 ? 698  HIS A CG  1 
ATOM   624  N ND1 . HIS A 1 92  ? 6.963   0.953   2.563   1.00 16.25 ? 698  HIS A ND1 1 
ATOM   625  C CD2 . HIS A 1 92  ? 7.460   0.943   4.691   1.00 16.53 ? 698  HIS A CD2 1 
ATOM   626  C CE1 . HIS A 1 92  ? 7.419   -0.254  2.854   1.00 19.19 ? 698  HIS A CE1 1 
ATOM   627  N NE2 . HIS A 1 92  ? 7.728   -0.287  4.139   1.00 16.20 ? 698  HIS A NE2 1 
ATOM   628  N N   . CYS A 1 93  ? 4.803   5.754   3.817   1.00 18.91 ? 699  CYS A N   1 
ATOM   629  C CA  . CYS A 1 93  ? 4.727   7.206   3.971   1.00 21.85 ? 699  CYS A CA  1 
ATOM   630  C C   . CYS A 1 93  ? 3.698   7.598   5.035   1.00 19.25 ? 699  CYS A C   1 
ATOM   631  O O   . CYS A 1 93  ? 3.939   8.485   5.843   1.00 20.03 ? 699  CYS A O   1 
ATOM   632  C CB  . CYS A 1 93  ? 4.347   7.863   2.643   1.00 25.68 ? 699  CYS A CB  1 
ATOM   633  S SG  . CYS A 1 93  ? 5.436   7.444   1.283   1.00 35.70 ? 699  CYS A SG  1 
ATOM   634  N N   . ALA A 1 94  ? 2.549   6.933   5.016   1.00 20.44 ? 700  ALA A N   1 
ATOM   635  C CA  . ALA A 1 94  ? 1.481   7.205   5.979   1.00 20.69 ? 700  ALA A CA  1 
ATOM   636  C C   . ALA A 1 94  ? 1.963   6.944   7.399   1.00 19.29 ? 700  ALA A C   1 
ATOM   637  O O   . ALA A 1 94  ? 1.667   7.715   8.309   1.00 16.60 ? 700  ALA A O   1 
ATOM   638  C CB  . ALA A 1 94  ? 0.243   6.327   5.669   1.00 20.36 ? 700  ALA A CB  1 
ATOM   639  N N   . ALA A 1 95  ? 2.707   5.853   7.579   1.00 20.31 ? 701  ALA A N   1 
ATOM   640  C CA  . ALA A 1 95  ? 3.235   5.483   8.890   1.00 21.27 ? 701  ALA A CA  1 
ATOM   641  C C   . ALA A 1 95  ? 4.277   6.485   9.384   1.00 21.89 ? 701  ALA A C   1 
ATOM   642  O O   . ALA A 1 95  ? 4.266   6.860   10.560  1.00 22.46 ? 701  ALA A O   1 
ATOM   643  C CB  . ALA A 1 95  ? 3.847   4.078   8.847   1.00 17.28 ? 701  ALA A CB  1 
ATOM   644  N N   . SER A 1 96  ? 5.167   6.924   8.494   1.00 22.34 ? 702  SER A N   1 
ATOM   645  C CA  . SER A 1 96  ? 6.205   7.880   8.892   1.00 23.62 ? 702  SER A CA  1 
ATOM   646  C C   . SER A 1 96  ? 5.594   9.221   9.321   1.00 24.51 ? 702  SER A C   1 
ATOM   647  O O   . SER A 1 96  ? 6.247   10.012  9.981   1.00 25.22 ? 702  SER A O   1 
ATOM   648  C CB  . SER A 1 96  ? 7.216   8.101   7.762   1.00 22.73 ? 702  SER A CB  1 
ATOM   649  O OG  . SER A 1 96  ? 6.699   8.966   6.770   1.00 26.68 ? 702  SER A OG  1 
ATOM   650  N N   . CYS A 1 97  ? 4.346   9.467   8.931   1.00 26.46 ? 703  CYS A N   1 
ATOM   651  C CA  . CYS A 1 97  ? 3.633   10.686  9.314   1.00 27.98 ? 703  CYS A CA  1 
ATOM   652  C C   . CYS A 1 97  ? 2.696   10.323  10.476  1.00 26.87 ? 703  CYS A C   1 
ATOM   653  O O   . CYS A 1 97  ? 1.935   11.158  10.958  1.00 26.51 ? 703  CYS A O   1 
ATOM   654  C CB  . CYS A 1 97  ? 2.776   11.216  8.151   1.00 30.47 ? 703  CYS A CB  1 
ATOM   655  S SG  . CYS A 1 97  ? 3.655   11.736  6.659   1.00 43.76 ? 703  CYS A SG  1 
ATOM   656  N N   . ASN A 1 98  ? 2.752   9.067   10.905  1.00 24.99 ? 704  ASN A N   1 
ATOM   657  C CA  . ASN A 1 98  ? 1.901   8.572   11.983  1.00 26.01 ? 704  ASN A CA  1 
ATOM   658  C C   . ASN A 1 98  ? 0.421   8.806   11.698  1.00 27.38 ? 704  ASN A C   1 
ATOM   659  O O   . ASN A 1 98  ? -0.383  8.928   12.626  1.00 27.17 ? 704  ASN A O   1 
ATOM   660  C CB  . ASN A 1 98  ? 2.257   9.237   13.316  1.00 23.09 ? 704  ASN A CB  1 
ATOM   661  C CG  . ASN A 1 98  ? 3.673   8.955   13.747  1.00 20.69 ? 704  ASN A CG  1 
ATOM   662  O OD1 . ASN A 1 98  ? 4.251   7.919   13.399  1.00 22.15 ? 704  ASN A OD1 1 
ATOM   663  N ND2 . ASN A 1 98  ? 4.240   9.864   14.527  1.00 19.02 ? 704  ASN A ND2 1 
ATOM   664  N N   . ASP A 1 99  ? 0.056   8.862   10.420  1.00 27.32 ? 705  ASP A N   1 
ATOM   665  C CA  . ASP A 1 99  ? -1.336  9.102   10.059  1.00 27.53 ? 705  ASP A CA  1 
ATOM   666  C C   . ASP A 1 99  ? -2.174  7.818   10.057  1.00 26.14 ? 705  ASP A C   1 
ATOM   667  O O   . ASP A 1 99  ? -2.346  7.171   9.026   1.00 25.25 ? 705  ASP A O   1 
ATOM   668  C CB  . ASP A 1 99  ? -1.423  9.785   8.694   1.00 26.52 ? 705  ASP A CB  1 
ATOM   669  C CG  . ASP A 1 99  ? -2.760  10.464  8.481   1.00 30.86 ? 705  ASP A CG  1 
ATOM   670  O OD1 . ASP A 1 99  ? -3.799  9.802   8.696   1.00 31.15 ? 705  ASP A OD1 1 
ATOM   671  O OD2 . ASP A 1 99  ? -2.777  11.656  8.103   1.00 32.84 ? 705  ASP A OD2 1 
ATOM   672  N N   . THR A 1 100 ? -2.707  7.476   11.229  1.00 25.00 ? 706  THR A N   1 
ATOM   673  C CA  . THR A 1 100 ? -3.509  6.278   11.405  1.00 22.39 ? 706  THR A CA  1 
ATOM   674  C C   . THR A 1 100 ? -4.697  6.189   10.446  1.00 22.04 ? 706  THR A C   1 
ATOM   675  O O   . THR A 1 100 ? -4.948  5.136   9.867   1.00 22.10 ? 706  THR A O   1 
ATOM   676  C CB  . THR A 1 100 ? -4.009  6.183   12.860  1.00 21.89 ? 706  THR A CB  1 
ATOM   677  O OG1 . THR A 1 100 ? -2.891  6.289   13.749  1.00 21.78 ? 706  THR A OG1 1 
ATOM   678  C CG2 . THR A 1 100 ? -4.716  4.850   13.105  1.00 19.83 ? 706  THR A CG2 1 
ATOM   679  N N   . VAL A 1 101 ? -5.416  7.292   10.271  1.00 22.28 ? 707  VAL A N   1 
ATOM   680  C CA  . VAL A 1 101 ? -6.576  7.320   9.378   1.00 23.47 ? 707  VAL A CA  1 
ATOM   681  C C   . VAL A 1 101 ? -6.211  6.924   7.941   1.00 23.72 ? 707  VAL A C   1 
ATOM   682  O O   . VAL A 1 101 ? -6.918  6.139   7.306   1.00 23.19 ? 707  VAL A O   1 
ATOM   683  C CB  . VAL A 1 101 ? -7.252  8.726   9.408   1.00 24.87 ? 707  VAL A CB  1 
ATOM   684  C CG1 . VAL A 1 101 ? -8.306  8.846   8.316   1.00 23.67 ? 707  VAL A CG1 1 
ATOM   685  C CG2 . VAL A 1 101 ? -7.893  8.946   10.777  1.00 24.40 ? 707  VAL A CG2 1 
ATOM   686  N N   . ILE A 1 102 ? -5.108  7.452   7.427   1.00 23.95 ? 708  ILE A N   1 
ATOM   687  C CA  . ILE A 1 102 ? -4.689  7.085   6.078   1.00 25.54 ? 708  ILE A CA  1 
ATOM   688  C C   . ILE A 1 102 ? -4.261  5.609   6.061   1.00 24.80 ? 708  ILE A C   1 
ATOM   689  O O   . ILE A 1 102 ? -4.641  4.860   5.168   1.00 24.19 ? 708  ILE A O   1 
ATOM   690  C CB  . ILE A 1 102 ? -3.502  7.933   5.590   1.00 26.25 ? 708  ILE A CB  1 
ATOM   691  C CG1 . ILE A 1 102 ? -3.873  9.420   5.611   1.00 30.42 ? 708  ILE A CG1 1 
ATOM   692  C CG2 . ILE A 1 102 ? -3.112  7.498   4.186   1.00 25.31 ? 708  ILE A CG2 1 
ATOM   693  C CD1 . ILE A 1 102 ? -5.008  9.783   4.686   1.00 32.70 ? 708  ILE A CD1 1 
ATOM   694  N N   . CYS A 1 103 ? -3.468  5.200   7.048   1.00 23.79 ? 709  CYS A N   1 
ATOM   695  C CA  . CYS A 1 103 ? -3.018  3.812   7.134   1.00 24.89 ? 709  CYS A CA  1 
ATOM   696  C C   . CYS A 1 103 ? -4.211  2.867   7.016   1.00 24.59 ? 709  CYS A C   1 
ATOM   697  O O   . CYS A 1 103 ? -4.182  1.899   6.253   1.00 24.71 ? 709  CYS A O   1 
ATOM   698  C CB  . CYS A 1 103 ? -2.291  3.561   8.460   1.00 21.84 ? 709  CYS A CB  1 
ATOM   699  S SG  . CYS A 1 103 ? -0.625  4.247   8.522   1.00 26.82 ? 709  CYS A SG  1 
ATOM   700  N N   . MET A 1 104 ? -5.264  3.160   7.769   1.00 24.93 ? 710  MET A N   1 
ATOM   701  C CA  . MET A 1 104 ? -6.465  2.340   7.737   1.00 25.49 ? 710  MET A CA  1 
ATOM   702  C C   . MET A 1 104 ? -7.077  2.290   6.344   1.00 21.70 ? 710  MET A C   1 
ATOM   703  O O   . MET A 1 104 ? -7.425  1.220   5.859   1.00 21.82 ? 710  MET A O   1 
ATOM   704  C CB  . MET A 1 104 ? -7.498  2.882   8.724   1.00 30.78 ? 710  MET A CB  1 
ATOM   705  C CG  . MET A 1 104 ? -7.077  2.808   10.176  1.00 37.74 ? 710  MET A CG  1 
ATOM   706  S SD  . MET A 1 104 ? -8.377  3.481   11.231  1.00 49.07 ? 710  MET A SD  1 
ATOM   707  C CE  . MET A 1 104 ? -9.771  2.400   10.748  1.00 42.86 ? 710  MET A CE  1 
ATOM   708  N N   . ALA A 1 105 ? -7.220  3.451   5.712   1.00 21.43 ? 711  ALA A N   1 
ATOM   709  C CA  . ALA A 1 105 ? -7.795  3.533   4.368   1.00 21.62 ? 711  ALA A CA  1 
ATOM   710  C C   . ALA A 1 105 ? -6.974  2.691   3.391   1.00 21.46 ? 711  ALA A C   1 
ATOM   711  O O   . ALA A 1 105 ? -7.526  2.031   2.514   1.00 22.23 ? 711  ALA A O   1 
ATOM   712  C CB  . ALA A 1 105 ? -7.834  4.981   3.896   1.00 19.79 ? 711  ALA A CB  1 
ATOM   713  N N   . LEU A 1 106 ? -5.654  2.716   3.553   1.00 21.21 ? 712  LEU A N   1 
ATOM   714  C CA  . LEU A 1 106 ? -4.766  1.946   2.694   1.00 20.93 ? 712  LEU A CA  1 
ATOM   715  C C   . LEU A 1 106 ? -4.894  0.448   2.989   1.00 20.77 ? 712  LEU A C   1 
ATOM   716  O O   . LEU A 1 106 ? -5.017  -0.362  2.077   1.00 22.08 ? 712  LEU A O   1 
ATOM   717  C CB  . LEU A 1 106 ? -3.314  2.405   2.892   1.00 19.82 ? 712  LEU A CB  1 
ATOM   718  C CG  . LEU A 1 106 ? -3.003  3.838   2.435   1.00 19.31 ? 712  LEU A CG  1 
ATOM   719  C CD1 . LEU A 1 106 ? -1.600  4.248   2.874   1.00 16.75 ? 712  LEU A CD1 1 
ATOM   720  C CD2 . LEU A 1 106 ? -3.143  3.926   0.909   1.00 20.33 ? 712  LEU A CD2 1 
ATOM   721  N N   . VAL A 1 107 ? -4.860  0.086   4.265   1.00 22.50 ? 713  VAL A N   1 
ATOM   722  C CA  . VAL A 1 107 ? -4.975  -1.315  4.655   1.00 22.73 ? 713  VAL A CA  1 
ATOM   723  C C   . VAL A 1 107 ? -6.290  -1.897  4.156   1.00 22.74 ? 713  VAL A C   1 
ATOM   724  O O   . VAL A 1 107 ? -6.326  -2.998  3.612   1.00 21.11 ? 713  VAL A O   1 
ATOM   725  C CB  . VAL A 1 107 ? -4.902  -1.474  6.192   1.00 22.18 ? 713  VAL A CB  1 
ATOM   726  C CG1 . VAL A 1 107 ? -5.310  -2.888  6.606   1.00 22.53 ? 713  VAL A CG1 1 
ATOM   727  C CG2 . VAL A 1 107 ? -3.500  -1.174  6.670   1.00 20.81 ? 713  VAL A CG2 1 
ATOM   728  N N   . GLN A 1 108 ? -7.363  -1.135  4.326   1.00 23.67 ? 714  GLN A N   1 
ATOM   729  C CA  . GLN A 1 108 ? -8.688  -1.571  3.907   1.00 24.90 ? 714  GLN A CA  1 
ATOM   730  C C   . GLN A 1 108 ? -8.859  -1.635  2.399   1.00 25.00 ? 714  GLN A C   1 
ATOM   731  O O   . GLN A 1 108 ? -9.881  -2.113  1.906   1.00 24.72 ? 714  GLN A O   1 
ATOM   732  C CB  . GLN A 1 108 ? -9.755  -0.668  4.541   1.00 27.92 ? 714  GLN A CB  1 
ATOM   733  C CG  . GLN A 1 108 ? -9.854  -0.874  6.053   1.00 33.18 ? 714  GLN A CG  1 
ATOM   734  C CD  . GLN A 1 108 ? -10.820 0.082   6.735   1.00 38.51 ? 714  GLN A CD  1 
ATOM   735  O OE1 . GLN A 1 108 ? -11.995 0.167   6.371   1.00 41.13 ? 714  GLN A OE1 1 
ATOM   736  N NE2 . GLN A 1 108 ? -10.327 0.803   7.736   1.00 39.78 ? 714  GLN A NE2 1 
ATOM   737  N N   . HIS A 1 109 ? -7.853  -1.175  1.660   1.00 24.38 ? 715  HIS A N   1 
ATOM   738  C CA  . HIS A 1 109 ? -7.926  -1.228  0.211   1.00 23.42 ? 715  HIS A CA  1 
ATOM   739  C C   . HIS A 1 109 ? -6.749  -1.938  -0.466  1.00 23.63 ? 715  HIS A C   1 
ATOM   740  O O   . HIS A 1 109 ? -6.369  -1.607  -1.589  1.00 23.32 ? 715  HIS A O   1 
ATOM   741  C CB  . HIS A 1 109 ? -8.122  0.179   -0.357  1.00 25.59 ? 715  HIS A CB  1 
ATOM   742  C CG  . HIS A 1 109 ? -9.444  0.783   0.001   1.00 28.67 ? 715  HIS A CG  1 
ATOM   743  N ND1 . HIS A 1 109 ? -9.684  1.385   1.219   1.00 29.05 ? 715  HIS A ND1 1 
ATOM   744  C CD2 . HIS A 1 109 ? -10.622 0.812   -0.668  1.00 29.89 ? 715  HIS A CD2 1 
ATOM   745  C CE1 . HIS A 1 109 ? -10.949 1.757   1.283   1.00 28.72 ? 715  HIS A CE1 1 
ATOM   746  N NE2 . HIS A 1 109 ? -11.541 1.420   0.152   1.00 30.30 ? 715  HIS A NE2 1 
ATOM   747  N N   . GLY A 1 110 ? -6.165  -2.910  0.229   1.00 21.53 ? 716  GLY A N   1 
ATOM   748  C CA  . GLY A 1 110 ? -5.092  -3.688  -0.367  1.00 20.03 ? 716  GLY A CA  1 
ATOM   749  C C   . GLY A 1 110 ? -3.636  -3.360  -0.130  1.00 20.09 ? 716  GLY A C   1 
ATOM   750  O O   . GLY A 1 110 ? -2.802  -3.721  -0.956  1.00 22.85 ? 716  GLY A O   1 
ATOM   751  N N   . ALA A 1 111 ? -3.309  -2.690  0.968   1.00 18.91 ? 717  ALA A N   1 
ATOM   752  C CA  . ALA A 1 111 ? -1.915  -2.362  1.248   1.00 20.18 ? 717  ALA A CA  1 
ATOM   753  C C   . ALA A 1 111 ? -1.165  -3.604  1.729   1.00 20.69 ? 717  ALA A C   1 
ATOM   754  O O   . ALA A 1 111 ? -1.698  -4.390  2.504   1.00 19.53 ? 717  ALA A O   1 
ATOM   755  C CB  . ALA A 1 111 ? -1.828  -1.266  2.305   1.00 19.23 ? 717  ALA A CB  1 
ATOM   756  N N   . ALA A 1 112 ? 0.068   -3.782  1.264   1.00 21.11 ? 718  ALA A N   1 
ATOM   757  C CA  . ALA A 1 112 ? 0.867   -4.929  1.682   1.00 21.36 ? 718  ALA A CA  1 
ATOM   758  C C   . ALA A 1 112 ? 1.521   -4.593  3.015   1.00 22.61 ? 718  ALA A C   1 
ATOM   759  O O   . ALA A 1 112 ? 2.517   -3.864  3.085   1.00 23.67 ? 718  ALA A O   1 
ATOM   760  C CB  . ALA A 1 112 ? 1.923   -5.257  0.636   1.00 19.61 ? 718  ALA A CB  1 
ATOM   761  N N   . ILE A 1 113 ? 0.935   -5.138  4.071   1.00 22.61 ? 719  ILE A N   1 
ATOM   762  C CA  . ILE A 1 113 ? 1.383   -4.932  5.439   1.00 23.43 ? 719  ILE A CA  1 
ATOM   763  C C   . ILE A 1 113 ? 2.865   -5.186  5.699   1.00 22.24 ? 719  ILE A C   1 
ATOM   764  O O   . ILE A 1 113 ? 3.511   -4.427  6.420   1.00 21.16 ? 719  ILE A O   1 
ATOM   765  C CB  . ILE A 1 113 ? 0.569   -5.837  6.403   1.00 25.64 ? 719  ILE A CB  1 
ATOM   766  C CG1 . ILE A 1 113 ? -0.922  -5.711  6.084   1.00 26.57 ? 719  ILE A CG1 1 
ATOM   767  C CG2 . ILE A 1 113 ? 0.834   -5.446  7.853   1.00 25.49 ? 719  ILE A CG2 1 
ATOM   768  C CD1 . ILE A 1 113 ? -1.416  -4.279  6.067   1.00 25.17 ? 719  ILE A CD1 1 
ATOM   769  N N   . PHE A 1 114 ? 3.400   -6.257  5.121   1.00 23.64 ? 720  PHE A N   1 
ATOM   770  C CA  . PHE A 1 114 ? 4.796   -6.619  5.347   1.00 23.54 ? 720  PHE A CA  1 
ATOM   771  C C   . PHE A 1 114 ? 5.803   -6.167  4.309   1.00 23.52 ? 720  PHE A C   1 
ATOM   772  O O   . PHE A 1 114 ? 6.949   -6.615  4.329   1.00 24.06 ? 720  PHE A O   1 
ATOM   773  C CB  . PHE A 1 114 ? 4.909   -8.132  5.554   1.00 22.98 ? 720  PHE A CB  1 
ATOM   774  C CG  . PHE A 1 114 ? 4.410   -8.584  6.894   1.00 25.30 ? 720  PHE A CG  1 
ATOM   775  C CD1 . PHE A 1 114 ? 5.196   -8.416  8.030   1.00 25.47 ? 720  PHE A CD1 1 
ATOM   776  C CD2 . PHE A 1 114 ? 3.123   -9.106  7.037   1.00 26.57 ? 720  PHE A CD2 1 
ATOM   777  C CE1 . PHE A 1 114 ? 4.706   -8.757  9.297   1.00 26.90 ? 720  PHE A CE1 1 
ATOM   778  C CE2 . PHE A 1 114 ? 2.624   -9.449  8.296   1.00 25.92 ? 720  PHE A CE2 1 
ATOM   779  C CZ  . PHE A 1 114 ? 3.419   -9.272  9.429   1.00 25.43 ? 720  PHE A CZ  1 
ATOM   780  N N   . ALA A 1 115 ? 5.391   -5.284  3.407   1.00 23.01 ? 721  ALA A N   1 
ATOM   781  C CA  . ALA A 1 115 ? 6.312   -4.782  2.401   1.00 22.65 ? 721  ALA A CA  1 
ATOM   782  C C   . ALA A 1 115 ? 7.422   -4.032  3.133   1.00 22.72 ? 721  ALA A C   1 
ATOM   783  O O   . ALA A 1 115 ? 7.180   -3.374  4.150   1.00 23.19 ? 721  ALA A O   1 
ATOM   784  C CB  . ALA A 1 115 ? 5.591   -3.855  1.431   1.00 22.47 ? 721  ALA A CB  1 
ATOM   785  N N   . THR A 1 116 ? 8.642   -4.150  2.626   1.00 23.56 ? 722  THR A N   1 
ATOM   786  C CA  . THR A 1 116 ? 9.784   -3.489  3.239   1.00 26.69 ? 722  THR A CA  1 
ATOM   787  C C   . THR A 1 116 ? 10.469  -2.583  2.234   1.00 26.34 ? 722  THR A C   1 
ATOM   788  O O   . THR A 1 116 ? 10.455  -2.850  1.031   1.00 27.66 ? 722  THR A O   1 
ATOM   789  C CB  . THR A 1 116 ? 10.814  -4.508  3.763   1.00 27.22 ? 722  THR A CB  1 
ATOM   790  O OG1 . THR A 1 116 ? 11.244  -5.344  2.686   1.00 29.17 ? 722  THR A OG1 1 
ATOM   791  C CG2 . THR A 1 116 ? 10.206  -5.374  4.859   1.00 28.67 ? 722  THR A CG2 1 
ATOM   792  N N   . THR A 1 117 ? 11.063  -1.511  2.740   1.00 28.56 ? 723  THR A N   1 
ATOM   793  C CA  . THR A 1 117 ? 11.757  -0.536  1.904   1.00 31.20 ? 723  THR A CA  1 
ATOM   794  C C   . THR A 1 117 ? 13.090  -1.084  1.399   1.00 33.06 ? 723  THR A C   1 
ATOM   795  O O   . THR A 1 117 ? 13.643  -2.018  1.984   1.00 30.31 ? 723  THR A O   1 
ATOM   796  C CB  . THR A 1 117 ? 12.044  0.747   2.701   1.00 31.07 ? 723  THR A CB  1 
ATOM   797  O OG1 . THR A 1 117 ? 12.734  0.400   3.907   1.00 32.43 ? 723  THR A OG1 1 
ATOM   798  C CG2 . THR A 1 117 ? 10.752  1.458   3.070   1.00 30.03 ? 723  THR A CG2 1 
ATOM   799  N N   . LEU A 1 118 ? 13.592  -0.503  0.309   1.00 36.41 ? 724  LEU A N   1 
ATOM   800  C CA  . LEU A 1 118 ? 14.882  -0.903  -0.261  1.00 41.88 ? 724  LEU A CA  1 
ATOM   801  C C   . LEU A 1 118 ? 15.954  -0.468  0.715   1.00 44.37 ? 724  LEU A C   1 
ATOM   802  O O   . LEU A 1 118 ? 16.920  -1.182  0.975   1.00 45.09 ? 724  LEU A O   1 
ATOM   803  C CB  . LEU A 1 118 ? 15.141  -0.201  -1.590  1.00 40.68 ? 724  LEU A CB  1 
ATOM   804  C CG  . LEU A 1 118 ? 14.798  -0.918  -2.884  1.00 42.46 ? 724  LEU A CG  1 
ATOM   805  C CD1 . LEU A 1 118 ? 15.243  -0.038  -4.035  1.00 44.07 ? 724  LEU A CD1 1 
ATOM   806  C CD2 . LEU A 1 118 ? 15.500  -2.268  -2.942  1.00 43.40 ? 724  LEU A CD2 1 
ATOM   807  N N   . SER A 1 119 ? 15.782  0.745   1.221   1.00 48.08 ? 725  SER A N   1 
ATOM   808  C CA  . SER A 1 119 ? 16.691  1.308   2.205   1.00 51.61 ? 725  SER A CA  1 
ATOM   809  C C   . SER A 1 119 ? 16.286  0.700   3.551   1.00 53.23 ? 725  SER A C   1 
ATOM   810  O O   . SER A 1 119 ? 15.099  0.505   3.811   1.00 55.82 ? 725  SER A O   1 
ATOM   811  C CB  . SER A 1 119 ? 16.535  2.835   2.252   1.00 52.74 ? 725  SER A CB  1 
ATOM   812  O OG  . SER A 1 119 ? 15.179  3.220   2.441   1.00 52.44 ? 725  SER A OG  1 
ATOM   813  N N   . ASP A 1 120 ? 17.265  0.389   4.393   1.00 52.59 ? 726  ASP A N   1 
ATOM   814  C CA  . ASP A 1 120 ? 17.010  -0.175  5.719   1.00 50.93 ? 726  ASP A CA  1 
ATOM   815  C C   . ASP A 1 120 ? 16.009  -1.338  5.851   1.00 47.73 ? 726  ASP A C   1 
ATOM   816  O O   . ASP A 1 120 ? 15.796  -1.842  6.949   1.00 47.66 ? 726  ASP A O   1 
ATOM   817  C CB  . ASP A 1 120 ? 16.623  0.951   6.699   1.00 53.44 ? 726  ASP A CB  1 
ATOM   818  C CG  . ASP A 1 120 ? 15.365  1.716   6.278   1.00 56.26 ? 726  ASP A CG  1 
ATOM   819  O OD1 . ASP A 1 120 ? 15.412  2.474   5.285   1.00 57.55 ? 726  ASP A OD1 1 
ATOM   820  O OD2 . ASP A 1 120 ? 14.324  1.555   6.949   1.00 58.41 ? 726  ASP A OD2 1 
ATOM   821  N N   . GLY A 1 121 ? 15.408  -1.762  4.742   1.00 44.92 ? 727  GLY A N   1 
ATOM   822  C CA  . GLY A 1 121 ? 14.455  -2.870  4.755   1.00 41.09 ? 727  GLY A CA  1 
ATOM   823  C C   . GLY A 1 121 ? 13.378  -2.915  5.836   1.00 38.59 ? 727  GLY A C   1 
ATOM   824  O O   . GLY A 1 121 ? 13.060  -3.990  6.351   1.00 37.21 ? 727  GLY A O   1 
ATOM   825  N N   . ALA A 1 122 ? 12.791  -1.768  6.162   1.00 34.86 ? 728  ALA A N   1 
ATOM   826  C CA  . ALA A 1 122 ? 11.768  -1.713  7.200   1.00 33.44 ? 728  ALA A CA  1 
ATOM   827  C C   . ALA A 1 122 ? 10.325  -1.851  6.701   1.00 31.71 ? 728  ALA A C   1 
ATOM   828  O O   . ALA A 1 122 ? 10.027  -1.602  5.529   1.00 31.89 ? 728  ALA A O   1 
ATOM   829  C CB  . ALA A 1 122 ? 11.917  -0.417  7.988   1.00 32.88 ? 728  ALA A CB  1 
ATOM   830  N N   . THR A 1 123 ? 9.436   -2.250  7.609   1.00 28.59 ? 729  THR A N   1 
ATOM   831  C CA  . THR A 1 123 ? 8.018   -2.401  7.298   1.00 25.98 ? 729  THR A CA  1 
ATOM   832  C C   . THR A 1 123 ? 7.335   -1.084  7.677   1.00 24.01 ? 729  THR A C   1 
ATOM   833  O O   . THR A 1 123 ? 7.968   -0.209  8.267   1.00 23.23 ? 729  THR A O   1 
ATOM   834  C CB  . THR A 1 123 ? 7.377   -3.571  8.103   1.00 26.42 ? 729  THR A CB  1 
ATOM   835  O OG1 . THR A 1 123 ? 7.474   -3.310  9.509   1.00 28.07 ? 729  THR A OG1 1 
ATOM   836  C CG2 . THR A 1 123 ? 8.083   -4.882  7.798   1.00 27.14 ? 729  THR A CG2 1 
ATOM   837  N N   . ALA A 1 124 ? 6.058   -0.928  7.341   1.00 23.64 ? 730  ALA A N   1 
ATOM   838  C CA  . ALA A 1 124 ? 5.349   0.316   7.671   1.00 24.75 ? 730  ALA A CA  1 
ATOM   839  C C   . ALA A 1 124 ? 5.372   0.543   9.172   1.00 25.48 ? 730  ALA A C   1 
ATOM   840  O O   . ALA A 1 124 ? 5.581   1.666   9.639   1.00 24.59 ? 730  ALA A O   1 
ATOM   841  C CB  . ALA A 1 124 ? 3.910   0.268   7.177   1.00 22.93 ? 730  ALA A CB  1 
ATOM   842  N N   . PHE A 1 125 ? 5.161   -0.530  9.930   1.00 27.57 ? 731  PHE A N   1 
ATOM   843  C CA  . PHE A 1 125 ? 5.168   -0.438  11.380  1.00 27.46 ? 731  PHE A CA  1 
ATOM   844  C C   . PHE A 1 125 ? 6.444   0.228   11.864  1.00 28.45 ? 731  PHE A C   1 
ATOM   845  O O   . PHE A 1 125 ? 6.407   1.133   12.700  1.00 29.11 ? 731  PHE A O   1 
ATOM   846  C CB  . PHE A 1 125 ? 5.089   -1.823  12.014  1.00 28.57 ? 731  PHE A CB  1 
ATOM   847  C CG  . PHE A 1 125 ? 5.334   -1.817  13.499  1.00 29.65 ? 731  PHE A CG  1 
ATOM   848  C CD1 . PHE A 1 125 ? 4.366   -1.332  14.375  1.00 27.89 ? 731  PHE A CD1 1 
ATOM   849  C CD2 . PHE A 1 125 ? 6.545   -2.275  14.020  1.00 30.20 ? 731  PHE A CD2 1 
ATOM   850  C CE1 . PHE A 1 125 ? 4.596   -1.303  15.750  1.00 28.11 ? 731  PHE A CE1 1 
ATOM   851  C CE2 . PHE A 1 125 ? 6.789   -2.251  15.395  1.00 30.43 ? 731  PHE A CE2 1 
ATOM   852  C CZ  . PHE A 1 125 ? 5.810   -1.763  16.262  1.00 30.09 ? 731  PHE A CZ  1 
ATOM   853  N N   . GLU A 1 126 ? 7.573   -0.223  11.328  1.00 28.88 ? 732  GLU A N   1 
ATOM   854  C CA  . GLU A 1 126 ? 8.872   0.297   11.726  1.00 30.73 ? 732  GLU A CA  1 
ATOM   855  C C   . GLU A 1 126 ? 9.170   1.721   11.271  1.00 30.58 ? 732  GLU A C   1 
ATOM   856  O O   . GLU A 1 126 ? 10.153  2.312   11.713  1.00 31.93 ? 732  GLU A O   1 
ATOM   857  C CB  . GLU A 1 126 ? 9.969   -0.633  11.226  1.00 33.14 ? 732  GLU A CB  1 
ATOM   858  C CG  . GLU A 1 126 ? 9.731   -2.085  11.564  1.00 38.80 ? 732  GLU A CG  1 
ATOM   859  C CD  . GLU A 1 126 ? 10.798  -2.980  10.978  1.00 43.61 ? 732  GLU A CD  1 
ATOM   860  O OE1 . GLU A 1 126 ? 11.804  -3.235  11.671  1.00 47.91 ? 732  GLU A OE1 1 
ATOM   861  O OE2 . GLU A 1 126 ? 10.641  -3.411  9.815   1.00 44.98 ? 732  GLU A OE2 1 
ATOM   862  N N   . LYS A 1 127 ? 8.337   2.269   10.392  1.00 29.48 ? 733  LYS A N   1 
ATOM   863  C CA  . LYS A 1 127 ? 8.545   3.630   9.908   1.00 28.08 ? 733  LYS A CA  1 
ATOM   864  C C   . LYS A 1 127 ? 7.799   4.697   10.717  1.00 28.00 ? 733  LYS A C   1 
ATOM   865  O O   . LYS A 1 127 ? 7.969   5.897   10.480  1.00 25.58 ? 733  LYS A O   1 
ATOM   866  C CB  . LYS A 1 127 ? 8.189   3.723   8.413   1.00 30.74 ? 733  LYS A CB  1 
ATOM   867  C CG  . LYS A 1 127 ? 9.345   3.286   7.486   1.00 32.43 ? 733  LYS A CG  1 
ATOM   868  C CD  . LYS A 1 127 ? 10.548  4.219   7.657   1.00 35.99 ? 733  LYS A CD  1 
ATOM   869  C CE  . LYS A 1 127 ? 11.896  3.538   7.389   1.00 38.15 ? 733  LYS A CE  1 
ATOM   870  N NZ  . LYS A 1 127 ? 12.153  3.208   5.953   1.00 39.25 ? 733  LYS A NZ  1 
ATOM   871  N N   . CYS A 1 128 ? 6.983   4.271   11.680  1.00 26.63 ? 734  CYS A N   1 
ATOM   872  C CA  . CYS A 1 128 ? 6.274   5.239   12.518  1.00 26.75 ? 734  CYS A CA  1 
ATOM   873  C C   . CYS A 1 128 ? 7.316   6.145   13.200  1.00 25.66 ? 734  CYS A C   1 
ATOM   874  O O   . CYS A 1 128 ? 8.342   5.663   13.683  1.00 26.04 ? 734  CYS A O   1 
ATOM   875  C CB  . CYS A 1 128 ? 5.413   4.511   13.550  1.00 25.75 ? 734  CYS A CB  1 
ATOM   876  S SG  . CYS A 1 128 ? 4.038   3.617   12.793  1.00 25.75 ? 734  CYS A SG  1 
ATOM   877  N N   . ASP A 1 129 ? 7.052   7.450   13.222  1.00 25.76 ? 735  ASP A N   1 
ATOM   878  C CA  . ASP A 1 129 ? 7.984   8.438   13.784  1.00 24.83 ? 735  ASP A CA  1 
ATOM   879  C C   . ASP A 1 129 ? 7.691   8.826   15.232  1.00 23.88 ? 735  ASP A C   1 
ATOM   880  O O   . ASP A 1 129 ? 6.741   9.568   15.510  1.00 22.11 ? 735  ASP A O   1 
ATOM   881  C CB  . ASP A 1 129 ? 7.971   9.704   12.917  1.00 26.19 ? 735  ASP A CB  1 
ATOM   882  C CG  . ASP A 1 129 ? 9.234   10.556  13.081  1.00 28.16 ? 735  ASP A CG  1 
ATOM   883  O OD1 . ASP A 1 129 ? 10.002  10.354  14.046  1.00 26.23 ? 735  ASP A OD1 1 
ATOM   884  O OD2 . ASP A 1 129 ? 9.454   11.445  12.230  1.00 30.69 ? 735  ASP A OD2 1 
ATOM   885  N N   . PRO A 1 130 ? 8.518   8.346   16.172  1.00 22.82 ? 736  PRO A N   1 
ATOM   886  C CA  . PRO A 1 130 ? 8.342   8.647   17.599  1.00 24.52 ? 736  PRO A CA  1 
ATOM   887  C C   . PRO A 1 130 ? 8.639   10.119  17.961  1.00 24.00 ? 736  PRO A C   1 
ATOM   888  O O   . PRO A 1 130 ? 8.453   10.536  19.099  1.00 23.14 ? 736  PRO A O   1 
ATOM   889  C CB  . PRO A 1 130 ? 9.295   7.661   18.275  1.00 24.23 ? 736  PRO A CB  1 
ATOM   890  C CG  . PRO A 1 130 ? 10.430  7.579   17.285  1.00 25.70 ? 736  PRO A CG  1 
ATOM   891  C CD  . PRO A 1 130 ? 9.692   7.479   15.956  1.00 24.84 ? 736  PRO A CD  1 
ATOM   892  N N   . TYR A 1 131 ? 9.098   10.894  16.982  1.00 24.93 ? 737  TYR A N   1 
ATOM   893  C CA  . TYR A 1 131 ? 9.395   12.309  17.181  1.00 24.11 ? 737  TYR A CA  1 
ATOM   894  C C   . TYR A 1 131 ? 8.165   13.172  16.839  1.00 24.82 ? 737  TYR A C   1 
ATOM   895  O O   . TYR A 1 131 ? 8.107   14.350  17.197  1.00 23.33 ? 737  TYR A O   1 
ATOM   896  C CB  . TYR A 1 131 ? 10.592  12.720  16.310  1.00 24.98 ? 737  TYR A CB  1 
ATOM   897  C CG  . TYR A 1 131 ? 11.936  12.204  16.805  1.00 23.98 ? 737  TYR A CG  1 
ATOM   898  C CD1 . TYR A 1 131 ? 12.700  12.945  17.711  1.00 21.52 ? 737  TYR A CD1 1 
ATOM   899  C CD2 . TYR A 1 131 ? 12.425  10.968  16.384  1.00 22.87 ? 737  TYR A CD2 1 
ATOM   900  C CE1 . TYR A 1 131 ? 13.918  12.466  18.187  1.00 22.88 ? 737  TYR A CE1 1 
ATOM   901  C CE2 . TYR A 1 131 ? 13.637  10.477  16.851  1.00 24.39 ? 737  TYR A CE2 1 
ATOM   902  C CZ  . TYR A 1 131 ? 14.383  11.227  17.756  1.00 24.68 ? 737  TYR A CZ  1 
ATOM   903  O OH  . TYR A 1 131 ? 15.582  10.727  18.235  1.00 23.18 ? 737  TYR A OH  1 
ATOM   904  N N   . ARG A 1 132 ? 7.188   12.576  16.152  1.00 25.75 ? 738  ARG A N   1 
ATOM   905  C CA  . ARG A 1 132 ? 5.958   13.276  15.762  1.00 28.33 ? 738  ARG A CA  1 
ATOM   906  C C   . ARG A 1 132 ? 4.765   12.831  16.585  1.00 28.33 ? 738  ARG A C   1 
ATOM   907  O O   . ARG A 1 132 ? 4.747   11.727  17.118  1.00 29.41 ? 738  ARG A O   1 
ATOM   908  C CB  . ARG A 1 132 ? 5.619   13.022  14.288  1.00 29.04 ? 738  ARG A CB  1 
ATOM   909  C CG  . ARG A 1 132 ? 6.598   13.597  13.314  1.00 32.15 ? 738  ARG A CG  1 
ATOM   910  C CD  . ARG A 1 132 ? 6.241   13.212  11.901  1.00 36.02 ? 738  ARG A CD  1 
ATOM   911  N NE  . ARG A 1 132 ? 7.096   13.908  10.948  1.00 40.41 ? 738  ARG A NE  1 
ATOM   912  C CZ  . ARG A 1 132 ? 7.332   13.491  9.709   1.00 41.65 ? 738  ARG A CZ  1 
ATOM   913  N NH1 . ARG A 1 132 ? 6.775   12.372  9.266   1.00 41.03 ? 738  ARG A NH1 1 
ATOM   914  N NH2 . ARG A 1 132 ? 8.135   14.190  8.916   1.00 43.09 ? 738  ARG A NH2 1 
ATOM   915  N N   . GLU A 1 133 ? 3.752   13.685  16.661  1.00 30.74 ? 739  GLU A N   1 
ATOM   916  C CA  . GLU A 1 133 ? 2.555   13.345  17.414  1.00 32.67 ? 739  GLU A CA  1 
ATOM   917  C C   . GLU A 1 133 ? 1.806   12.218  16.703  1.00 31.40 ? 739  GLU A C   1 
ATOM   918  O O   . GLU A 1 133 ? 1.909   12.060  15.480  1.00 28.31 ? 739  GLU A O   1 
ATOM   919  C CB  . GLU A 1 133 ? 1.635   14.569  17.554  1.00 38.76 ? 739  GLU A CB  1 
ATOM   920  C CG  . GLU A 1 133 ? 1.133   15.149  16.233  1.00 45.35 ? 739  GLU A CG  1 
ATOM   921  C CD  . GLU A 1 133 ? 0.038   16.197  16.419  1.00 52.04 ? 739  GLU A CD  1 
ATOM   922  O OE1 . GLU A 1 133 ? 0.211   17.105  17.266  1.00 54.80 ? 739  GLU A OE1 1 
ATOM   923  O OE2 . GLU A 1 133 ? -0.994  16.119  15.709  1.00 53.03 ? 739  GLU A OE2 1 
ATOM   924  N N   . GLY A 1 134 ? 1.069   11.429  17.480  1.00 30.70 ? 740  GLY A N   1 
ATOM   925  C CA  . GLY A 1 134 ? 0.290   10.339  16.921  1.00 27.75 ? 740  GLY A CA  1 
ATOM   926  C C   . GLY A 1 134 ? 1.046   9.039   16.760  1.00 25.95 ? 740  GLY A C   1 
ATOM   927  O O   . GLY A 1 134 ? 0.500   8.060   16.251  1.00 24.01 ? 740  GLY A O   1 
ATOM   928  N N   . TYR A 1 135 ? 2.299   9.026   17.201  1.00 25.94 ? 741  TYR A N   1 
ATOM   929  C CA  . TYR A 1 135 ? 3.143   7.843   17.089  1.00 25.47 ? 741  TYR A CA  1 
ATOM   930  C C   . TYR A 1 135 ? 2.558   6.587   17.718  1.00 26.10 ? 741  TYR A C   1 
ATOM   931  O O   . TYR A 1 135 ? 2.444   5.555   17.057  1.00 27.81 ? 741  TYR A O   1 
ATOM   932  C CB  . TYR A 1 135 ? 4.508   8.104   17.714  1.00 25.67 ? 741  TYR A CB  1 
ATOM   933  C CG  . TYR A 1 135 ? 5.331   6.847   17.851  1.00 25.34 ? 741  TYR A CG  1 
ATOM   934  C CD1 . TYR A 1 135 ? 5.939   6.265   16.743  1.00 24.58 ? 741  TYR A CD1 1 
ATOM   935  C CD2 . TYR A 1 135 ? 5.476   6.223   19.090  1.00 26.70 ? 741  TYR A CD2 1 
ATOM   936  C CE1 . TYR A 1 135 ? 6.678   5.092   16.865  1.00 25.52 ? 741  TYR A CE1 1 
ATOM   937  C CE2 . TYR A 1 135 ? 6.210   5.053   19.223  1.00 26.39 ? 741  TYR A CE2 1 
ATOM   938  C CZ  . TYR A 1 135 ? 6.809   4.495   18.109  1.00 26.68 ? 741  TYR A CZ  1 
ATOM   939  O OH  . TYR A 1 135 ? 7.553   3.352   18.247  1.00 30.73 ? 741  TYR A OH  1 
ATOM   940  N N   . ALA A 1 136 ? 2.212   6.668   19.000  1.00 26.32 ? 742  ALA A N   1 
ATOM   941  C CA  . ALA A 1 136 ? 1.652   5.522   19.719  1.00 25.36 ? 742  ALA A CA  1 
ATOM   942  C C   . ALA A 1 136 ? 0.416   4.929   19.053  1.00 23.76 ? 742  ALA A C   1 
ATOM   943  O O   . ALA A 1 136 ? 0.313   3.708   18.897  1.00 23.73 ? 742  ALA A O   1 
ATOM   944  C CB  . ALA A 1 136 ? 1.323   5.916   21.153  1.00 24.65 ? 742  ALA A CB  1 
ATOM   945  N N   . ASP A 1 137 ? -0.521  5.789   18.665  1.00 23.49 ? 743  ASP A N   1 
ATOM   946  C CA  . ASP A 1 137 ? -1.754  5.342   18.027  1.00 24.17 ? 743  ASP A CA  1 
ATOM   947  C C   . ASP A 1 137 ? -1.484  4.630   16.703  1.00 23.80 ? 743  ASP A C   1 
ATOM   948  O O   . ASP A 1 137 ? -2.050  3.568   16.443  1.00 23.89 ? 743  ASP A O   1 
ATOM   949  C CB  . ASP A 1 137 ? -2.695  6.541   17.807  1.00 27.54 ? 743  ASP A CB  1 
ATOM   950  C CG  . ASP A 1 137 ? -4.009  6.160   17.103  1.00 33.42 ? 743  ASP A CG  1 
ATOM   951  O OD1 . ASP A 1 137 ? -4.712  5.228   17.559  1.00 36.55 ? 743  ASP A OD1 1 
ATOM   952  O OD2 . ASP A 1 137 ? -4.357  6.809   16.091  1.00 34.62 ? 743  ASP A OD2 1 
ATOM   953  N N   . CYS A 1 138 ? -0.604  5.191   15.879  1.00 22.77 ? 744  CYS A N   1 
ATOM   954  C CA  . CYS A 1 138 ? -0.318  4.587   14.582  1.00 23.09 ? 744  CYS A CA  1 
ATOM   955  C C   . CYS A 1 138 ? 0.450   3.272   14.680  1.00 21.21 ? 744  CYS A C   1 
ATOM   956  O O   . CYS A 1 138 ? 0.108   2.299   14.008  1.00 18.67 ? 744  CYS A O   1 
ATOM   957  C CB  . CYS A 1 138 ? 0.448   5.557   13.677  1.00 22.87 ? 744  CYS A CB  1 
ATOM   958  S SG  . CYS A 1 138 ? 0.394   5.043   11.921  1.00 28.96 ? 744  CYS A SG  1 
ATOM   959  N N   . ALA A 1 139 ? 1.493   3.252   15.502  1.00 21.76 ? 745  ALA A N   1 
ATOM   960  C CA  . ALA A 1 139 ? 2.294   2.044   15.689  1.00 22.08 ? 745  ALA A CA  1 
ATOM   961  C C   . ALA A 1 139 ? 1.407   0.906   16.208  1.00 24.44 ? 745  ALA A C   1 
ATOM   962  O O   . ALA A 1 139 ? 1.467   -0.227  15.725  1.00 27.35 ? 745  ALA A O   1 
ATOM   963  C CB  . ALA A 1 139 ? 3.421   2.318   16.676  1.00 17.77 ? 745  ALA A CB  1 
ATOM   964  N N   . THR A 1 140 ? 0.581   1.220   17.197  1.00 24.88 ? 746  THR A N   1 
ATOM   965  C CA  . THR A 1 140 ? -0.312  0.238   17.796  1.00 24.42 ? 746  THR A CA  1 
ATOM   966  C C   . THR A 1 140 ? -1.268  -0.323  16.754  1.00 22.10 ? 746  THR A C   1 
ATOM   967  O O   . THR A 1 140 ? -1.504  -1.537  16.703  1.00 21.36 ? 746  THR A O   1 
ATOM   968  C CB  . THR A 1 140 ? -1.078  0.881   18.985  1.00 26.18 ? 746  THR A CB  1 
ATOM   969  O OG1 . THR A 1 140 ? -0.167  1.043   20.075  1.00 28.74 ? 746  THR A OG1 1 
ATOM   970  C CG2 . THR A 1 140 ? -2.255  0.023   19.439  1.00 27.58 ? 746  THR A CG2 1 
ATOM   971  N N   . TYR A 1 141 ? -1.816  0.549   15.917  1.00 20.51 ? 747  TYR A N   1 
ATOM   972  C CA  . TYR A 1 141 ? -2.725  0.093   14.868  1.00 21.51 ? 747  TYR A CA  1 
ATOM   973  C C   . TYR A 1 141 ? -2.008  -0.863  13.905  1.00 22.78 ? 747  TYR A C   1 
ATOM   974  O O   . TYR A 1 141 ? -2.494  -1.959  13.625  1.00 22.72 ? 747  TYR A O   1 
ATOM   975  C CB  . TYR A 1 141 ? -3.287  1.279   14.079  1.00 20.76 ? 747  TYR A CB  1 
ATOM   976  C CG  . TYR A 1 141 ? -4.026  0.856   12.836  1.00 19.64 ? 747  TYR A CG  1 
ATOM   977  C CD1 . TYR A 1 141 ? -5.204  0.112   12.918  1.00 21.19 ? 747  TYR A CD1 1 
ATOM   978  C CD2 . TYR A 1 141 ? -3.512  1.137   11.573  1.00 21.74 ? 747  TYR A CD2 1 
ATOM   979  C CE1 . TYR A 1 141 ? -5.851  -0.351  11.767  1.00 19.98 ? 747  TYR A CE1 1 
ATOM   980  C CE2 . TYR A 1 141 ? -4.148  0.680   10.410  1.00 22.60 ? 747  TYR A CE2 1 
ATOM   981  C CZ  . TYR A 1 141 ? -5.312  -0.062  10.516  1.00 23.67 ? 747  TYR A CZ  1 
ATOM   982  O OH  . TYR A 1 141 ? -5.928  -0.516  9.371   1.00 24.61 ? 747  TYR A OH  1 
ATOM   983  N N   . LEU A 1 142 ? -0.851  -0.447  13.402  1.00 22.66 ? 748  LEU A N   1 
ATOM   984  C CA  . LEU A 1 142 ? -0.098  -1.279  12.470  1.00 24.95 ? 748  LEU A CA  1 
ATOM   985  C C   . LEU A 1 142 ? 0.348   -2.589  13.113  1.00 25.17 ? 748  LEU A C   1 
ATOM   986  O O   . LEU A 1 142 ? 0.353   -3.630  12.460  1.00 25.14 ? 748  LEU A O   1 
ATOM   987  C CB  . LEU A 1 142 ? 1.117   -0.515  11.924  1.00 22.72 ? 748  LEU A CB  1 
ATOM   988  C CG  . LEU A 1 142 ? 0.744   0.695   11.062  1.00 24.47 ? 748  LEU A CG  1 
ATOM   989  C CD1 . LEU A 1 142 ? 2.002   1.414   10.583  1.00 21.98 ? 748  LEU A CD1 1 
ATOM   990  C CD2 . LEU A 1 142 ? -0.103  0.221   9.876   1.00 25.11 ? 748  LEU A CD2 1 
ATOM   991  N N   . ALA A 1 143 ? 0.719   -2.538  14.390  1.00 25.58 ? 749  ALA A N   1 
ATOM   992  C CA  . ALA A 1 143 ? 1.143   -3.744  15.091  1.00 27.00 ? 749  ALA A CA  1 
ATOM   993  C C   . ALA A 1 143 ? -0.048  -4.697  15.191  1.00 27.70 ? 749  ALA A C   1 
ATOM   994  O O   . ALA A 1 143 ? 0.092   -5.908  15.014  1.00 29.58 ? 749  ALA A O   1 
ATOM   995  C CB  . ALA A 1 143 ? 1.660   -3.395  16.478  1.00 23.57 ? 749  ALA A CB  1 
ATOM   996  N N   . ASP A 1 144 ? -1.225  -4.147  15.463  1.00 29.07 ? 750  ASP A N   1 
ATOM   997  C CA  . ASP A 1 144 ? -2.412  -4.973  15.561  1.00 30.00 ? 750  ASP A CA  1 
ATOM   998  C C   . ASP A 1 144 ? -2.780  -5.527  14.191  1.00 28.49 ? 750  ASP A C   1 
ATOM   999  O O   . ASP A 1 144 ? -3.264  -6.655  14.081  1.00 25.55 ? 750  ASP A O   1 
ATOM   1000 C CB  . ASP A 1 144 ? -3.589  -4.180  16.118  1.00 36.50 ? 750  ASP A CB  1 
ATOM   1001 C CG  . ASP A 1 144 ? -4.792  -5.060  16.382  1.00 42.88 ? 750  ASP A CG  1 
ATOM   1002 O OD1 . ASP A 1 144 ? -4.632  -6.066  17.108  1.00 46.83 ? 750  ASP A OD1 1 
ATOM   1003 O OD2 . ASP A 1 144 ? -5.891  -4.758  15.868  1.00 48.91 ? 750  ASP A OD2 1 
ATOM   1004 N N   . VAL A 1 145 ? -2.564  -4.729  13.148  1.00 25.08 ? 751  VAL A N   1 
ATOM   1005 C CA  . VAL A 1 145 ? -2.863  -5.180  11.800  1.00 24.18 ? 751  VAL A CA  1 
ATOM   1006 C C   . VAL A 1 145 ? -1.956  -6.373  11.495  1.00 25.22 ? 751  VAL A C   1 
ATOM   1007 O O   . VAL A 1 145 ? -2.427  -7.404  11.027  1.00 25.36 ? 751  VAL A O   1 
ATOM   1008 C CB  . VAL A 1 145 ? -2.630  -4.053  10.748  1.00 23.72 ? 751  VAL A CB  1 
ATOM   1009 C CG1 . VAL A 1 145 ? -2.511  -4.638  9.349   1.00 19.95 ? 751  VAL A CG1 1 
ATOM   1010 C CG2 . VAL A 1 145 ? -3.789  -3.068  10.781  1.00 24.08 ? 751  VAL A CG2 1 
ATOM   1011 N N   . GLU A 1 146 ? -0.664  -6.238  11.781  1.00 26.52 ? 752  GLU A N   1 
ATOM   1012 C CA  . GLU A 1 146 ? 0.284   -7.315  11.521  1.00 29.39 ? 752  GLU A CA  1 
ATOM   1013 C C   . GLU A 1 146 ? -0.082  -8.598  12.260  1.00 30.24 ? 752  GLU A C   1 
ATOM   1014 O O   . GLU A 1 146 ? 0.001   -9.686  11.689  1.00 31.69 ? 752  GLU A O   1 
ATOM   1015 C CB  . GLU A 1 146 ? 1.712   -6.910  11.914  1.00 29.03 ? 752  GLU A CB  1 
ATOM   1016 C CG  . GLU A 1 146 ? 2.312   -5.761  11.118  1.00 31.01 ? 752  GLU A CG  1 
ATOM   1017 C CD  . GLU A 1 146 ? 3.822   -5.658  11.296  1.00 35.24 ? 752  GLU A CD  1 
ATOM   1018 O OE1 . GLU A 1 146 ? 4.327   -6.040  12.375  1.00 36.61 ? 752  GLU A OE1 1 
ATOM   1019 O OE2 . GLU A 1 146 ? 4.509   -5.189  10.363  1.00 37.07 ? 752  GLU A OE2 1 
ATOM   1020 N N   . GLN A 1 147 ? -0.473  -8.474  13.526  1.00 30.27 ? 753  GLN A N   1 
ATOM   1021 C CA  . GLN A 1 147 ? -0.839  -9.642  14.329  1.00 30.78 ? 753  GLN A CA  1 
ATOM   1022 C C   . GLN A 1 147 ? -2.169  -10.287 13.943  1.00 29.10 ? 753  GLN A C   1 
ATOM   1023 O O   . GLN A 1 147 ? -2.371  -11.482 14.158  1.00 28.31 ? 753  GLN A O   1 
ATOM   1024 C CB  . GLN A 1 147 ? -0.884  -9.282  15.816  1.00 33.64 ? 753  GLN A CB  1 
ATOM   1025 C CG  . GLN A 1 147 ? 0.475   -9.182  16.475  1.00 41.54 ? 753  GLN A CG  1 
ATOM   1026 C CD  . GLN A 1 147 ? 1.382   -10.350 16.114  1.00 47.87 ? 753  GLN A CD  1 
ATOM   1027 O OE1 . GLN A 1 147 ? 1.918   -10.413 15.002  1.00 50.33 ? 753  GLN A OE1 1 
ATOM   1028 N NE2 . GLN A 1 147 ? 1.551   -11.287 17.050  1.00 49.94 ? 753  GLN A NE2 1 
ATOM   1029 N N   . SER A 1 148 ? -3.078  -9.503  13.382  1.00 27.37 ? 754  SER A N   1 
ATOM   1030 C CA  . SER A 1 148 ? -4.376  -10.038 12.996  1.00 29.70 ? 754  SER A CA  1 
ATOM   1031 C C   . SER A 1 148 ? -4.315  -10.904 11.730  1.00 30.44 ? 754  SER A C   1 
ATOM   1032 O O   . SER A 1 148 ? -5.259  -11.634 11.429  1.00 30.94 ? 754  SER A O   1 
ATOM   1033 C CB  . SER A 1 148 ? -5.364  -8.894  12.777  1.00 29.36 ? 754  SER A CB  1 
ATOM   1034 O OG  . SER A 1 148 ? -5.063  -8.207  11.583  1.00 29.67 ? 754  SER A OG  1 
ATOM   1035 N N   . MET A 1 149 ? -3.215  -10.820 10.987  1.00 30.47 ? 755  MET A N   1 
ATOM   1036 C CA  . MET A 1 149 ? -3.077  -11.605 9.760   1.00 31.49 ? 755  MET A CA  1 
ATOM   1037 C C   . MET A 1 149 ? -2.815  -13.086 10.017  1.00 30.34 ? 755  MET A C   1 
ATOM   1038 O O   . MET A 1 149 ? -1.814  -13.455 10.625  1.00 29.79 ? 755  MET A O   1 
ATOM   1039 C CB  . MET A 1 149 ? -1.969  -11.020 8.885   1.00 33.90 ? 755  MET A CB  1 
ATOM   1040 C CG  . MET A 1 149 ? -2.325  -9.664  8.308   1.00 37.42 ? 755  MET A CG  1 
ATOM   1041 S SD  . MET A 1 149 ? -1.157  -9.113  7.074   1.00 45.61 ? 755  MET A SD  1 
ATOM   1042 C CE  . MET A 1 149 ? -1.854  -9.813  5.585   1.00 42.81 ? 755  MET A CE  1 
ATOM   1043 N N   . GLY A 1 150 ? -3.725  -13.929 9.540   1.00 30.44 ? 756  GLY A N   1 
ATOM   1044 C CA  . GLY A 1 150 ? -3.594  -15.360 9.736   1.00 31.61 ? 756  GLY A CA  1 
ATOM   1045 C C   . GLY A 1 150 ? -4.352  -15.764 10.980  1.00 33.60 ? 756  GLY A C   1 
ATOM   1046 O O   . GLY A 1 150 ? -4.295  -16.910 11.428  1.00 34.93 ? 756  GLY A O   1 
ATOM   1047 N N   . LEU A 1 151 ? -5.073  -14.804 11.543  1.00 33.51 ? 757  LEU A N   1 
ATOM   1048 C CA  . LEU A 1 151 ? -5.843  -15.045 12.749  1.00 35.22 ? 757  LEU A CA  1 
ATOM   1049 C C   . LEU A 1 151 ? -7.273  -14.550 12.559  1.00 34.20 ? 757  LEU A C   1 
ATOM   1050 O O   . LEU A 1 151 ? -8.230  -15.301 12.743  1.00 31.32 ? 757  LEU A O   1 
ATOM   1051 C CB  . LEU A 1 151 ? -5.174  -14.331 13.925  1.00 38.51 ? 757  LEU A CB  1 
ATOM   1052 C CG  . LEU A 1 151 ? -5.806  -14.485 15.308  1.00 41.84 ? 757  LEU A CG  1 
ATOM   1053 C CD1 . LEU A 1 151 ? -6.019  -15.962 15.610  1.00 42.64 ? 757  LEU A CD1 1 
ATOM   1054 C CD2 . LEU A 1 151 ? -4.905  -13.828 16.358  1.00 41.21 ? 757  LEU A CD2 1 
ATOM   1055 N N   . MET A 1 152 ? -7.411  -13.282 12.186  1.00 34.83 ? 758  MET A N   1 
ATOM   1056 C CA  . MET A 1 152 ? -8.724  -12.696 11.955  1.00 35.97 ? 758  MET A CA  1 
ATOM   1057 C C   . MET A 1 152 ? -9.258  -13.113 10.588  1.00 35.46 ? 758  MET A C   1 
ATOM   1058 O O   . MET A 1 152 ? -8.510  -13.619 9.743   1.00 34.68 ? 758  MET A O   1 
ATOM   1059 C CB  . MET A 1 152 ? -8.643  -11.170 12.020  1.00 39.74 ? 758  MET A CB  1 
ATOM   1060 C CG  . MET A 1 152 ? -8.331  -10.620 13.398  1.00 43.94 ? 758  MET A CG  1 
ATOM   1061 S SD  . MET A 1 152 ? -9.554  -11.148 14.622  1.00 52.59 ? 758  MET A SD  1 
ATOM   1062 C CE  . MET A 1 152 ? -11.029 -10.283 14.027  1.00 49.08 ? 758  MET A CE  1 
ATOM   1063 N N   . ASN A 1 153 ? -10.552 -12.895 10.380  1.00 33.40 ? 759  ASN A N   1 
ATOM   1064 C CA  . ASN A 1 153 ? -11.202 -13.227 9.118   1.00 32.29 ? 759  ASN A CA  1 
ATOM   1065 C C   . ASN A 1 153 ? -10.958 -14.696 8.756   1.00 30.82 ? 759  ASN A C   1 
ATOM   1066 O O   . ASN A 1 153 ? -10.700 -15.040 7.598   1.00 27.96 ? 759  ASN A O   1 
ATOM   1067 C CB  . ASN A 1 153 ? -10.682 -12.285 8.023   1.00 33.45 ? 759  ASN A CB  1 
ATOM   1068 C CG  . ASN A 1 153 ? -11.525 -12.326 6.765   1.00 37.93 ? 759  ASN A CG  1 
ATOM   1069 O OD1 . ASN A 1 153 ? -12.748 -12.465 6.826   1.00 39.58 ? 759  ASN A OD1 1 
ATOM   1070 N ND2 . ASN A 1 153 ? -10.877 -12.186 5.612   1.00 40.20 ? 759  ASN A ND2 1 
ATOM   1071 N N   . SER A 1 154 ? -11.047 -15.550 9.774   1.00 29.83 ? 760  SER A N   1 
ATOM   1072 C CA  . SER A 1 154 ? -10.844 -16.991 9.631   1.00 30.43 ? 760  SER A CA  1 
ATOM   1073 C C   . SER A 1 154 ? -9.438  -17.364 9.154   1.00 28.32 ? 760  SER A C   1 
ATOM   1074 O O   . SER A 1 154 ? -9.240  -18.426 8.569   1.00 27.70 ? 760  SER A O   1 
ATOM   1075 C CB  . SER A 1 154 ? -11.882 -17.579 8.674   1.00 32.69 ? 760  SER A CB  1 
ATOM   1076 O OG  . SER A 1 154 ? -13.192 -17.286 9.125   1.00 38.23 ? 760  SER A OG  1 
ATOM   1077 N N   . GLY A 1 155 ? -8.471  -16.490 9.413   1.00 26.63 ? 761  GLY A N   1 
ATOM   1078 C CA  . GLY A 1 155 ? -7.102  -16.743 9.005   1.00 25.65 ? 761  GLY A CA  1 
ATOM   1079 C C   . GLY A 1 155 ? -6.836  -16.424 7.547   1.00 25.48 ? 761  GLY A C   1 
ATOM   1080 O O   . GLY A 1 155 ? -5.756  -16.709 7.031   1.00 26.01 ? 761  GLY A O   1 
ATOM   1081 N N   . ALA A 1 156 ? -7.809  -15.814 6.881   1.00 24.94 ? 762  ALA A N   1 
ATOM   1082 C CA  . ALA A 1 156 ? -7.672  -15.480 5.467   1.00 25.21 ? 762  ALA A CA  1 
ATOM   1083 C C   . ALA A 1 156 ? -6.983  -14.150 5.139   1.00 24.69 ? 762  ALA A C   1 
ATOM   1084 O O   . ALA A 1 156 ? -7.256  -13.124 5.756   1.00 22.77 ? 762  ALA A O   1 
ATOM   1085 C CB  . ALA A 1 156 ? -9.041  -15.513 4.806   1.00 25.68 ? 762  ALA A CB  1 
ATOM   1086 N N   . VAL A 1 157 ? -6.079  -14.190 4.161   1.00 24.39 ? 763  VAL A N   1 
ATOM   1087 C CA  . VAL A 1 157 ? -5.382  -12.996 3.691   1.00 24.71 ? 763  VAL A CA  1 
ATOM   1088 C C   . VAL A 1 157 ? -5.525  -12.949 2.177   1.00 25.44 ? 763  VAL A C   1 
ATOM   1089 O O   . VAL A 1 157 ? -5.758  -13.980 1.541   1.00 26.46 ? 763  VAL A O   1 
ATOM   1090 C CB  . VAL A 1 157 ? -3.886  -12.985 4.094   1.00 25.12 ? 763  VAL A CB  1 
ATOM   1091 C CG1 . VAL A 1 157 ? -3.776  -12.698 5.584   1.00 23.57 ? 763  VAL A CG1 1 
ATOM   1092 C CG2 . VAL A 1 157 ? -3.221  -14.316 3.754   1.00 22.55 ? 763  VAL A CG2 1 
ATOM   1093 N N   . TYR A 1 158 ? -5.405  -11.754 1.603   1.00 25.48 ? 764  TYR A N   1 
ATOM   1094 C CA  . TYR A 1 158 ? -5.567  -11.574 0.163   1.00 25.37 ? 764  TYR A CA  1 
ATOM   1095 C C   . TYR A 1 158 ? -4.283  -11.322 -0.606  1.00 25.88 ? 764  TYR A C   1 
ATOM   1096 O O   . TYR A 1 158 ? -3.497  -10.443 -0.253  1.00 25.17 ? 764  TYR A O   1 
ATOM   1097 C CB  . TYR A 1 158 ? -6.538  -10.421 -0.099  1.00 27.64 ? 764  TYR A CB  1 
ATOM   1098 C CG  . TYR A 1 158 ? -7.920  -10.699 0.425   1.00 27.86 ? 764  TYR A CG  1 
ATOM   1099 C CD1 . TYR A 1 158 ? -8.864  -11.339 -0.373  1.00 29.34 ? 764  TYR A CD1 1 
ATOM   1100 C CD2 . TYR A 1 158 ? -8.261  -10.402 1.744   1.00 27.52 ? 764  TYR A CD2 1 
ATOM   1101 C CE1 . TYR A 1 158 ? -10.113 -11.683 0.125   1.00 31.83 ? 764  TYR A CE1 1 
ATOM   1102 C CE2 . TYR A 1 158 ? -9.509  -10.744 2.257   1.00 30.47 ? 764  TYR A CE2 1 
ATOM   1103 C CZ  . TYR A 1 158 ? -10.429 -11.384 1.436   1.00 32.22 ? 764  TYR A CZ  1 
ATOM   1104 O OH  . TYR A 1 158 ? -11.673 -11.720 1.911   1.00 37.53 ? 764  TYR A OH  1 
ATOM   1105 N N   . ALA A 1 159 ? -4.087  -12.094 -1.671  1.00 26.67 ? 765  ALA A N   1 
ATOM   1106 C CA  . ALA A 1 159 ? -2.909  -11.950 -2.520  1.00 26.04 ? 765  ALA A CA  1 
ATOM   1107 C C   . ALA A 1 159 ? -3.024  -10.619 -3.238  1.00 25.90 ? 765  ALA A C   1 
ATOM   1108 O O   . ALA A 1 159 ? -4.087  -10.270 -3.750  1.00 28.06 ? 765  ALA A O   1 
ATOM   1109 C CB  . ALA A 1 159 ? -2.842  -13.083 -3.530  1.00 22.18 ? 765  ALA A CB  1 
ATOM   1110 N N   . LEU A 1 160 ? -1.926  -9.878  -3.275  1.00 25.26 ? 766  LEU A N   1 
ATOM   1111 C CA  . LEU A 1 160 ? -1.915  -8.577  -3.917  1.00 24.74 ? 766  LEU A CA  1 
ATOM   1112 C C   . LEU A 1 160 ? -1.177  -8.638  -5.255  1.00 26.31 ? 766  LEU A C   1 
ATOM   1113 O O   . LEU A 1 160 ? -1.098  -7.647  -5.983  1.00 26.26 ? 766  LEU A O   1 
ATOM   1114 C CB  . LEU A 1 160 ? -1.253  -7.564  -2.982  1.00 21.80 ? 766  LEU A CB  1 
ATOM   1115 C CG  . LEU A 1 160 ? -1.898  -7.470  -1.592  1.00 20.33 ? 766  LEU A CG  1 
ATOM   1116 C CD1 . LEU A 1 160 ? -1.157  -6.458  -0.739  1.00 17.10 ? 766  LEU A CD1 1 
ATOM   1117 C CD2 . LEU A 1 160 ? -3.368  -7.069  -1.735  1.00 18.86 ? 766  LEU A CD2 1 
ATOM   1118 N N   . TRP A 1 161 ? -0.646  -9.817  -5.564  1.00 27.00 ? 767  TRP A N   1 
ATOM   1119 C CA  . TRP A 1 161 ? 0.096   -10.061 -6.802  1.00 27.11 ? 767  TRP A CA  1 
ATOM   1120 C C   . TRP A 1 161 ? 0.047   -11.548 -7.113  1.00 28.50 ? 767  TRP A C   1 
ATOM   1121 O O   . TRP A 1 161 ? -0.208  -12.363 -6.221  1.00 27.73 ? 767  TRP A O   1 
ATOM   1122 C CB  . TRP A 1 161 ? 1.566   -9.680  -6.632  1.00 26.73 ? 767  TRP A CB  1 
ATOM   1123 C CG  . TRP A 1 161 ? 1.835   -8.231  -6.414  1.00 27.17 ? 767  TRP A CG  1 
ATOM   1124 C CD1 . TRP A 1 161 ? 1.896   -7.253  -7.367  1.00 26.48 ? 767  TRP A CD1 1 
ATOM   1125 C CD2 . TRP A 1 161 ? 2.153   -7.599  -5.169  1.00 25.09 ? 767  TRP A CD2 1 
ATOM   1126 N NE1 . TRP A 1 161 ? 2.245   -6.050  -6.792  1.00 26.37 ? 767  TRP A NE1 1 
ATOM   1127 C CE2 . TRP A 1 161 ? 2.408   -6.236  -5.444  1.00 25.03 ? 767  TRP A CE2 1 
ATOM   1128 C CE3 . TRP A 1 161 ? 2.254   -8.053  -3.849  1.00 24.28 ? 767  TRP A CE3 1 
ATOM   1129 C CZ2 . TRP A 1 161 ? 2.759   -5.322  -4.445  1.00 23.40 ? 767  TRP A CZ2 1 
ATOM   1130 C CZ3 . TRP A 1 161 ? 2.607   -7.141  -2.854  1.00 24.81 ? 767  TRP A CZ3 1 
ATOM   1131 C CH2 . TRP A 1 161 ? 2.856   -5.793  -3.162  1.00 23.34 ? 767  TRP A CH2 1 
ATOM   1132 N N   . ASP A 1 162 ? 0.288   -11.903 -8.373  1.00 30.36 ? 768  ASP A N   1 
ATOM   1133 C CA  . ASP A 1 162 ? 0.315   -13.314 -8.755  1.00 31.31 ? 768  ASP A CA  1 
ATOM   1134 C C   . ASP A 1 162 ? 1.653   -13.845 -8.243  1.00 29.69 ? 768  ASP A C   1 
ATOM   1135 O O   . ASP A 1 162 ? 2.628   -13.095 -8.160  1.00 26.58 ? 768  ASP A O   1 
ATOM   1136 C CB  . ASP A 1 162 ? 0.295   -13.499 -10.280 1.00 33.81 ? 768  ASP A CB  1 
ATOM   1137 C CG  . ASP A 1 162 ? -0.953  -12.944 -10.932 1.00 37.49 ? 768  ASP A CG  1 
ATOM   1138 O OD1 . ASP A 1 162 ? -2.053  -13.118 -10.370 1.00 38.53 ? 768  ASP A OD1 1 
ATOM   1139 O OD2 . ASP A 1 162 ? -0.833  -12.346 -12.025 1.00 41.62 ? 768  ASP A OD2 1 
ATOM   1140 N N   . TYR A 1 163 ? 1.699   -15.125 -7.893  1.00 29.23 ? 769  TYR A N   1 
ATOM   1141 C CA  . TYR A 1 163 ? 2.948   -15.729 -7.442  1.00 29.79 ? 769  TYR A CA  1 
ATOM   1142 C C   . TYR A 1 163 ? 3.088   -17.158 -7.955  1.00 29.75 ? 769  TYR A C   1 
ATOM   1143 O O   . TYR A 1 163 ? 2.182   -17.979 -7.798  1.00 29.69 ? 769  TYR A O   1 
ATOM   1144 C CB  . TYR A 1 163 ? 3.061   -15.737 -5.913  1.00 28.25 ? 769  TYR A CB  1 
ATOM   1145 C CG  . TYR A 1 163 ? 4.354   -16.382 -5.442  1.00 29.45 ? 769  TYR A CG  1 
ATOM   1146 C CD1 . TYR A 1 163 ? 5.591   -15.787 -5.715  1.00 30.70 ? 769  TYR A CD1 1 
ATOM   1147 C CD2 . TYR A 1 163 ? 4.351   -17.625 -4.810  1.00 28.40 ? 769  TYR A CD2 1 
ATOM   1148 C CE1 . TYR A 1 163 ? 6.791   -16.419 -5.379  1.00 30.50 ? 769  TYR A CE1 1 
ATOM   1149 C CE2 . TYR A 1 163 ? 5.546   -18.269 -4.465  1.00 27.34 ? 769  TYR A CE2 1 
ATOM   1150 C CZ  . TYR A 1 163 ? 6.761   -17.663 -4.756  1.00 30.83 ? 769  TYR A CZ  1 
ATOM   1151 O OH  . TYR A 1 163 ? 7.948   -18.307 -4.453  1.00 30.24 ? 769  TYR A OH  1 
ATOM   1152 N N   . SER A 1 164 ? 4.223   -17.447 -8.578  1.00 28.80 ? 770  SER A N   1 
ATOM   1153 C CA  . SER A 1 164 ? 4.483   -18.791 -9.084  1.00 30.19 ? 770  SER A CA  1 
ATOM   1154 C C   . SER A 1 164 ? 5.522   -19.416 -8.173  1.00 28.76 ? 770  SER A C   1 
ATOM   1155 O O   . SER A 1 164 ? 6.645   -18.927 -8.083  1.00 27.05 ? 770  SER A O   1 
ATOM   1156 C CB  . SER A 1 164 ? 5.022   -18.744 -10.514 1.00 31.43 ? 770  SER A CB  1 
ATOM   1157 O OG  . SER A 1 164 ? 4.041   -18.259 -11.408 1.00 35.12 ? 770  SER A OG  1 
ATOM   1158 N N   . ALA A 1 165 ? 5.134   -20.490 -7.495  1.00 30.09 ? 771  ALA A N   1 
ATOM   1159 C CA  . ALA A 1 165 ? 6.020   -21.188 -6.570  1.00 31.15 ? 771  ALA A CA  1 
ATOM   1160 C C   . ALA A 1 165 ? 7.382   -21.468 -7.199  1.00 31.86 ? 771  ALA A C   1 
ATOM   1161 O O   . ALA A 1 165 ? 7.481   -21.734 -8.394  1.00 33.27 ? 771  ALA A O   1 
ATOM   1162 C CB  . ALA A 1 165 ? 5.366   -22.491 -6.117  1.00 30.43 ? 771  ALA A CB  1 
ATOM   1163 N N   . GLU A 1 166 ? 8.430   -21.386 -6.390  1.00 33.23 ? 772  GLU A N   1 
ATOM   1164 C CA  . GLU A 1 166 ? 9.785   -21.635 -6.858  1.00 35.25 ? 772  GLU A CA  1 
ATOM   1165 C C   . GLU A 1 166 ? 10.198  -23.037 -6.456  1.00 34.68 ? 772  GLU A C   1 
ATOM   1166 O O   . GLU A 1 166 ? 11.193  -23.573 -6.944  1.00 35.42 ? 772  GLU A O   1 
ATOM   1167 C CB  . GLU A 1 166 ? 10.751  -20.628 -6.240  1.00 38.26 ? 772  GLU A CB  1 
ATOM   1168 C CG  . GLU A 1 166 ? 10.702  -19.253 -6.870  1.00 46.08 ? 772  GLU A CG  1 
ATOM   1169 C CD  . GLU A 1 166 ? 11.371  -18.202 -6.001  1.00 50.78 ? 772  GLU A CD  1 
ATOM   1170 O OE1 . GLU A 1 166 ? 12.466  -18.489 -5.465  1.00 54.10 ? 772  GLU A OE1 1 
ATOM   1171 O OE2 . GLU A 1 166 ? 10.803  -17.095 -5.859  1.00 50.24 ? 772  GLU A OE2 1 
ATOM   1172 N N   . PHE A 1 167 ? 9.421   -23.618 -5.547  1.00 32.87 ? 773  PHE A N   1 
ATOM   1173 C CA  . PHE A 1 167 ? 9.675   -24.956 -5.047  1.00 29.78 ? 773  PHE A CA  1 
ATOM   1174 C C   . PHE A 1 167 ? 8.339   -25.654 -4.855  1.00 30.50 ? 773  PHE A C   1 
ATOM   1175 O O   . PHE A 1 167 ? 7.312   -24.997 -4.662  1.00 28.63 ? 773  PHE A O   1 
ATOM   1176 C CB  . PHE A 1 167 ? 10.425  -24.880 -3.714  1.00 29.66 ? 773  PHE A CB  1 
ATOM   1177 C CG  . PHE A 1 167 ? 11.815  -24.330 -3.834  1.00 28.22 ? 773  PHE A CG  1 
ATOM   1178 C CD1 . PHE A 1 167 ? 12.850  -25.119 -4.333  1.00 29.38 ? 773  PHE A CD1 1 
ATOM   1179 C CD2 . PHE A 1 167 ? 12.089  -23.008 -3.485  1.00 28.90 ? 773  PHE A CD2 1 
ATOM   1180 C CE1 . PHE A 1 167 ? 14.141  -24.597 -4.485  1.00 27.79 ? 773  PHE A CE1 1 
ATOM   1181 C CE2 . PHE A 1 167 ? 13.373  -22.474 -3.633  1.00 27.06 ? 773  PHE A CE2 1 
ATOM   1182 C CZ  . PHE A 1 167 ? 14.399  -23.271 -4.133  1.00 28.47 ? 773  PHE A CZ  1 
ATOM   1183 N N   . GLY A 1 168 ? 8.360   -26.984 -4.910  1.00 30.50 ? 774  GLY A N   1 
ATOM   1184 C CA  . GLY A 1 168 ? 7.149   -27.765 -4.743  1.00 29.52 ? 774  GLY A CA  1 
ATOM   1185 C C   . GLY A 1 168 ? 6.475   -27.545 -3.405  1.00 30.76 ? 774  GLY A C   1 
ATOM   1186 O O   . GLY A 1 168 ? 5.258   -27.685 -3.297  1.00 33.84 ? 774  GLY A O   1 
ATOM   1187 N N   . ASP A 1 169 ? 7.257   -27.193 -2.386  1.00 30.78 ? 775  ASP A N   1 
ATOM   1188 C CA  . ASP A 1 169 ? 6.717   -26.962 -1.047  1.00 30.86 ? 775  ASP A CA  1 
ATOM   1189 C C   . ASP A 1 169 ? 6.170   -25.543 -0.865  1.00 30.36 ? 775  ASP A C   1 
ATOM   1190 O O   . ASP A 1 169 ? 5.845   -25.129 0.250   1.00 30.75 ? 775  ASP A O   1 
ATOM   1191 C CB  . ASP A 1 169 ? 7.791   -27.247 0.009   1.00 30.53 ? 775  ASP A CB  1 
ATOM   1192 C CG  . ASP A 1 169 ? 8.874   -26.193 0.039   1.00 30.90 ? 775  ASP A CG  1 
ATOM   1193 O OD1 . ASP A 1 169 ? 9.165   -25.602 -1.019  1.00 34.52 ? 775  ASP A OD1 1 
ATOM   1194 O OD2 . ASP A 1 169 ? 9.446   -25.962 1.123   1.00 33.63 ? 775  ASP A OD2 1 
ATOM   1195 N N   . GLU A 1 170 ? 6.085   -24.805 -1.966  1.00 30.14 ? 776  GLU A N   1 
ATOM   1196 C CA  . GLU A 1 170 ? 5.556   -23.443 -1.956  1.00 30.20 ? 776  GLU A CA  1 
ATOM   1197 C C   . GLU A 1 170 ? 4.231   -23.447 -2.704  1.00 30.35 ? 776  GLU A C   1 
ATOM   1198 O O   . GLU A 1 170 ? 3.948   -24.364 -3.473  1.00 29.23 ? 776  GLU A O   1 
ATOM   1199 C CB  . GLU A 1 170 ? 6.527   -22.473 -2.626  1.00 29.62 ? 776  GLU A CB  1 
ATOM   1200 C CG  . GLU A 1 170 ? 7.681   -22.017 -1.746  1.00 30.07 ? 776  GLU A CG  1 
ATOM   1201 C CD  . GLU A 1 170 ? 8.708   -21.220 -2.523  1.00 31.42 ? 776  GLU A CD  1 
ATOM   1202 O OE1 . GLU A 1 170 ? 8.390   -20.795 -3.658  1.00 32.84 ? 776  GLU A OE1 1 
ATOM   1203 O OE2 . GLU A 1 170 ? 9.827   -21.011 -2.005  1.00 31.66 ? 776  GLU A OE2 1 
ATOM   1204 N N   . LEU A 1 171 ? 3.436   -22.405 -2.494  1.00 30.45 ? 777  LEU A N   1 
ATOM   1205 C CA  . LEU A 1 171 ? 2.118   -22.308 -3.111  1.00 30.41 ? 777  LEU A CA  1 
ATOM   1206 C C   . LEU A 1 171 ? 2.034   -21.220 -4.185  1.00 30.87 ? 777  LEU A C   1 
ATOM   1207 O O   . LEU A 1 171 ? 2.565   -20.117 -4.010  1.00 31.70 ? 777  LEU A O   1 
ATOM   1208 C CB  . LEU A 1 171 ? 1.102   -22.031 -2.005  1.00 31.50 ? 777  LEU A CB  1 
ATOM   1209 C CG  . LEU A 1 171 ? -0.377  -22.368 -2.114  1.00 32.70 ? 777  LEU A CG  1 
ATOM   1210 C CD1 . LEU A 1 171 ? -0.577  -23.862 -2.369  1.00 32.98 ? 777  LEU A CD1 1 
ATOM   1211 C CD2 . LEU A 1 171 ? -1.044  -21.959 -0.807  1.00 31.95 ? 777  LEU A CD2 1 
ATOM   1212 N N   . SER A 1 172 ? 1.375   -21.540 -5.300  1.00 28.90 ? 778  SER A N   1 
ATOM   1213 C CA  . SER A 1 172 ? 1.183   -20.592 -6.394  1.00 28.50 ? 778  SER A CA  1 
ATOM   1214 C C   . SER A 1 172 ? -0.192  -19.959 -6.203  1.00 27.91 ? 778  SER A C   1 
ATOM   1215 O O   . SER A 1 172 ? -1.114  -20.616 -5.724  1.00 27.56 ? 778  SER A O   1 
ATOM   1216 C CB  . SER A 1 172 ? 1.220   -21.306 -7.751  1.00 29.36 ? 778  SER A CB  1 
ATOM   1217 O OG  . SER A 1 172 ? 2.505   -21.843 -8.025  1.00 33.74 ? 778  SER A OG  1 
ATOM   1218 N N   . PHE A 1 173 ? -0.332  -18.689 -6.574  1.00 27.29 ? 779  PHE A N   1 
ATOM   1219 C CA  . PHE A 1 173 ? -1.608  -18.005 -6.428  1.00 26.70 ? 779  PHE A CA  1 
ATOM   1220 C C   . PHE A 1 173 ? -1.698  -16.765 -7.308  1.00 29.16 ? 779  PHE A C   1 
ATOM   1221 O O   . PHE A 1 173 ? -0.680  -16.219 -7.731  1.00 30.22 ? 779  PHE A O   1 
ATOM   1222 C CB  . PHE A 1 173 ? -1.845  -17.644 -4.950  1.00 24.54 ? 779  PHE A CB  1 
ATOM   1223 C CG  . PHE A 1 173 ? -0.733  -16.834 -4.312  1.00 22.59 ? 779  PHE A CG  1 
ATOM   1224 C CD1 . PHE A 1 173 ? -0.640  -15.458 -4.512  1.00 21.64 ? 779  PHE A CD1 1 
ATOM   1225 C CD2 . PHE A 1 173 ? 0.212   -17.450 -3.489  1.00 22.20 ? 779  PHE A CD2 1 
ATOM   1226 C CE1 . PHE A 1 173 ? 0.375   -14.704 -3.898  1.00 16.91 ? 779  PHE A CE1 1 
ATOM   1227 C CE2 . PHE A 1 173 ? 1.230   -16.705 -2.873  1.00 19.52 ? 779  PHE A CE2 1 
ATOM   1228 C CZ  . PHE A 1 173 ? 1.307   -15.332 -3.080  1.00 16.91 ? 779  PHE A CZ  1 
ATOM   1229 N N   . ARG A 1 174 ? -2.923  -16.334 -7.597  1.00 30.57 ? 780  ARG A N   1 
ATOM   1230 C CA  . ARG A 1 174 ? -3.139  -15.149 -8.426  1.00 33.46 ? 780  ARG A CA  1 
ATOM   1231 C C   . ARG A 1 174 ? -3.574  -13.958 -7.576  1.00 32.76 ? 780  ARG A C   1 
ATOM   1232 O O   . ARG A 1 174 ? -4.059  -14.121 -6.457  1.00 32.97 ? 780  ARG A O   1 
ATOM   1233 C CB  . ARG A 1 174 ? -4.221  -15.405 -9.484  1.00 35.56 ? 780  ARG A CB  1 
ATOM   1234 C CG  . ARG A 1 174 ? -3.965  -16.563 -10.443 1.00 40.74 ? 780  ARG A CG  1 
ATOM   1235 C CD  . ARG A 1 174 ? -2.643  -16.434 -11.200 1.00 44.12 ? 780  ARG A CD  1 
ATOM   1236 N NE  . ARG A 1 174 ? -1.545  -17.096 -10.496 1.00 47.96 ? 780  ARG A NE  1 
ATOM   1237 C CZ  . ARG A 1 174 ? -0.320  -17.248 -10.993 1.00 48.42 ? 780  ARG A CZ  1 
ATOM   1238 N NH1 . ARG A 1 174 ? -0.034  -16.782 -12.203 1.00 49.97 ? 780  ARG A NH1 1 
ATOM   1239 N NH2 . ARG A 1 174 ? 0.619   -17.864 -10.282 1.00 46.75 ? 780  ARG A NH2 1 
ATOM   1240 N N   . GLU A 1 175 ? -3.402  -12.762 -8.128  1.00 33.44 ? 781  GLU A N   1 
ATOM   1241 C CA  . GLU A 1 175 ? -3.778  -11.523 -7.457  1.00 33.78 ? 781  GLU A CA  1 
ATOM   1242 C C   . GLU A 1 175 ? -5.271  -11.541 -7.168  1.00 33.59 ? 781  GLU A C   1 
ATOM   1243 O O   . GLU A 1 175 ? -6.072  -11.897 -8.029  1.00 32.76 ? 781  GLU A O   1 
ATOM   1244 C CB  . GLU A 1 175 ? -3.421  -10.328 -8.352  1.00 35.79 ? 781  GLU A CB  1 
ATOM   1245 C CG  . GLU A 1 175 ? -3.803  -8.949  -7.820  1.00 39.75 ? 781  GLU A CG  1 
ATOM   1246 C CD  . GLU A 1 175 ? -5.272  -8.600  -8.047  1.00 43.73 ? 781  GLU A CD  1 
ATOM   1247 O OE1 . GLU A 1 175 ? -5.761  -8.769  -9.185  1.00 45.69 ? 781  GLU A OE1 1 
ATOM   1248 O OE2 . GLU A 1 175 ? -5.939  -8.142  -7.093  1.00 46.76 ? 781  GLU A OE2 1 
ATOM   1249 N N   . GLY A 1 176 ? -5.639  -11.174 -5.945  1.00 34.55 ? 782  GLY A N   1 
ATOM   1250 C CA  . GLY A 1 176 ? -7.041  -11.145 -5.574  1.00 31.77 ? 782  GLY A CA  1 
ATOM   1251 C C   . GLY A 1 176 ? -7.561  -12.386 -4.876  1.00 31.80 ? 782  GLY A C   1 
ATOM   1252 O O   . GLY A 1 176 ? -8.668  -12.379 -4.336  1.00 31.32 ? 782  GLY A O   1 
ATOM   1253 N N   . GLU A 1 177 ? -6.780  -13.459 -4.866  1.00 31.88 ? 783  GLU A N   1 
ATOM   1254 C CA  . GLU A 1 177 ? -7.242  -14.682 -4.220  1.00 32.15 ? 783  GLU A CA  1 
ATOM   1255 C C   . GLU A 1 177 ? -7.072  -14.680 -2.706  1.00 29.96 ? 783  GLU A C   1 
ATOM   1256 O O   . GLU A 1 177 ? -6.182  -14.042 -2.167  1.00 29.67 ? 783  GLU A O   1 
ATOM   1257 C CB  . GLU A 1 177 ? -6.547  -15.898 -4.832  1.00 35.01 ? 783  GLU A CB  1 
ATOM   1258 C CG  . GLU A 1 177 ? -6.940  -16.116 -6.288  1.00 42.36 ? 783  GLU A CG  1 
ATOM   1259 C CD  . GLU A 1 177 ? -6.461  -17.440 -6.846  1.00 45.79 ? 783  GLU A CD  1 
ATOM   1260 O OE1 . GLU A 1 177 ? -5.229  -17.647 -6.930  1.00 46.57 ? 783  GLU A OE1 1 
ATOM   1261 O OE2 . GLU A 1 177 ? -7.326  -18.272 -7.201  1.00 49.44 ? 783  GLU A OE2 1 
ATOM   1262 N N   . SER A 1 178 ? -7.956  -15.402 -2.031  1.00 29.59 ? 784  SER A N   1 
ATOM   1263 C CA  . SER A 1 178 ? -7.952  -15.510 -0.579  1.00 30.10 ? 784  SER A CA  1 
ATOM   1264 C C   . SER A 1 178 ? -7.140  -16.731 -0.156  1.00 29.00 ? 784  SER A C   1 
ATOM   1265 O O   . SER A 1 178 ? -7.393  -17.837 -0.623  1.00 30.64 ? 784  SER A O   1 
ATOM   1266 C CB  . SER A 1 178 ? -9.397  -15.642 -0.072  1.00 29.38 ? 784  SER A CB  1 
ATOM   1267 O OG  . SER A 1 178 ? -9.436  -15.882 1.321   1.00 28.57 ? 784  SER A OG  1 
ATOM   1268 N N   . VAL A 1 179 ? -6.166  -16.526 0.723   1.00 28.48 ? 785  VAL A N   1 
ATOM   1269 C CA  . VAL A 1 179 ? -5.323  -17.618 1.199   1.00 26.70 ? 785  VAL A CA  1 
ATOM   1270 C C   . VAL A 1 179 ? -5.456  -17.762 2.708   1.00 25.60 ? 785  VAL A C   1 
ATOM   1271 O O   . VAL A 1 179 ? -5.447  -16.770 3.425   1.00 25.71 ? 785  VAL A O   1 
ATOM   1272 C CB  . VAL A 1 179 ? -3.825  -17.366 0.858   1.00 25.74 ? 785  VAL A CB  1 
ATOM   1273 C CG1 . VAL A 1 179 ? -2.954  -18.420 1.512   1.00 24.20 ? 785  VAL A CG1 1 
ATOM   1274 C CG2 . VAL A 1 179 ? -3.617  -17.399 -0.637  1.00 25.89 ? 785  VAL A CG2 1 
ATOM   1275 N N   . THR A 1 180 ? -5.574  -18.996 3.190   1.00 25.12 ? 786  THR A N   1 
ATOM   1276 C CA  . THR A 1 180 ? -5.688  -19.217 4.621   1.00 28.29 ? 786  THR A CA  1 
ATOM   1277 C C   . THR A 1 180 ? -4.320  -19.519 5.192   1.00 29.97 ? 786  THR A C   1 
ATOM   1278 O O   . THR A 1 180 ? -3.603  -20.391 4.691   1.00 30.85 ? 786  THR A O   1 
ATOM   1279 C CB  . THR A 1 180 ? -6.606  -20.400 4.978   1.00 28.26 ? 786  THR A CB  1 
ATOM   1280 O OG1 . THR A 1 180 ? -7.891  -20.214 4.382   1.00 29.37 ? 786  THR A OG1 1 
ATOM   1281 C CG2 . THR A 1 180 ? -6.774  -20.485 6.496   1.00 27.98 ? 786  THR A CG2 1 
ATOM   1282 N N   . VAL A 1 181 ? -3.967  -18.793 6.245   1.00 30.17 ? 787  VAL A N   1 
ATOM   1283 C CA  . VAL A 1 181 ? -2.689  -18.975 6.902   1.00 32.54 ? 787  VAL A CA  1 
ATOM   1284 C C   . VAL A 1 181 ? -2.819  -20.056 7.960   1.00 34.58 ? 787  VAL A C   1 
ATOM   1285 O O   . VAL A 1 181 ? -3.523  -19.882 8.955   1.00 34.08 ? 787  VAL A O   1 
ATOM   1286 C CB  . VAL A 1 181 ? -2.220  -17.672 7.571   1.00 31.16 ? 787  VAL A CB  1 
ATOM   1287 C CG1 . VAL A 1 181 ? -0.885  -17.898 8.253   1.00 30.12 ? 787  VAL A CG1 1 
ATOM   1288 C CG2 . VAL A 1 181 ? -2.117  -16.568 6.531   1.00 29.41 ? 787  VAL A CG2 1 
ATOM   1289 N N   . LEU A 1 182 ? -2.136  -21.172 7.732   1.00 37.41 ? 788  LEU A N   1 
ATOM   1290 C CA  . LEU A 1 182 ? -2.167  -22.300 8.654   1.00 39.86 ? 788  LEU A CA  1 
ATOM   1291 C C   . LEU A 1 182 ? -1.116  -22.147 9.747   1.00 42.14 ? 788  LEU A C   1 
ATOM   1292 O O   . LEU A 1 182 ? -1.435  -22.203 10.933  1.00 42.38 ? 788  LEU A O   1 
ATOM   1293 C CB  . LEU A 1 182 ? -1.948  -23.608 7.883   1.00 38.84 ? 788  LEU A CB  1 
ATOM   1294 C CG  . LEU A 1 182 ? -2.986  -23.896 6.786   1.00 39.26 ? 788  LEU A CG  1 
ATOM   1295 C CD1 . LEU A 1 182 ? -2.626  -25.176 6.037   1.00 36.41 ? 788  LEU A CD1 1 
ATOM   1296 C CD2 . LEU A 1 182 ? -4.368  -24.011 7.415   1.00 35.97 ? 788  LEU A CD2 1 
ATOM   1297 N N   . ARG A 1 183 ? 0.136   -21.953 9.345   1.00 45.91 ? 789  ARG A N   1 
ATOM   1298 C CA  . ARG A 1 183 ? 1.227   -21.786 10.301  1.00 50.19 ? 789  ARG A CA  1 
ATOM   1299 C C   . ARG A 1 183 ? 1.876   -20.423 10.123  1.00 51.81 ? 789  ARG A C   1 
ATOM   1300 O O   . ARG A 1 183 ? 2.560   -20.172 9.134   1.00 51.84 ? 789  ARG A O   1 
ATOM   1301 C CB  . ARG A 1 183 ? 2.282   -22.885 10.120  1.00 51.53 ? 789  ARG A CB  1 
ATOM   1302 C CG  . ARG A 1 183 ? 1.828   -24.272 10.560  1.00 54.88 ? 789  ARG A CG  1 
ATOM   1303 C CD  . ARG A 1 183 ? 2.947   -25.307 10.420  1.00 57.37 ? 789  ARG A CD  1 
ATOM   1304 N NE  . ARG A 1 183 ? 3.281   -25.602 9.027   1.00 59.03 ? 789  ARG A NE  1 
ATOM   1305 C CZ  . ARG A 1 183 ? 4.302   -26.366 8.644   1.00 60.61 ? 789  ARG A CZ  1 
ATOM   1306 N NH1 . ARG A 1 183 ? 5.100   -26.916 9.551   1.00 62.47 ? 789  ARG A NH1 1 
ATOM   1307 N NH2 . ARG A 1 183 ? 4.527   -26.590 7.355   1.00 60.86 ? 789  ARG A NH2 1 
ATOM   1308 N N   . ARG A 1 184 ? 1.655   -19.544 11.093  1.00 55.05 ? 790  ARG A N   1 
ATOM   1309 C CA  . ARG A 1 184 ? 2.207   -18.198 11.050  1.00 57.93 ? 790  ARG A CA  1 
ATOM   1310 C C   . ARG A 1 184 ? 3.600   -18.112 11.643  1.00 59.40 ? 790  ARG A C   1 
ATOM   1311 O O   . ARG A 1 184 ? 4.576   -17.842 10.948  1.00 60.12 ? 790  ARG A O   1 
ATOM   1312 C CB  . ARG A 1 184 ? 1.310   -17.236 11.822  1.00 59.34 ? 790  ARG A CB  1 
ATOM   1313 C CG  . ARG A 1 184 ? 0.001   -16.889 11.159  1.00 62.30 ? 790  ARG A CG  1 
ATOM   1314 C CD  . ARG A 1 184 ? -0.835  -16.047 12.107  1.00 64.77 ? 790  ARG A CD  1 
ATOM   1315 N NE  . ARG A 1 184 ? -0.017  -15.050 12.799  1.00 67.19 ? 790  ARG A NE  1 
ATOM   1316 C CZ  . ARG A 1 184 ? -0.462  -14.258 13.769  1.00 67.65 ? 790  ARG A CZ  1 
ATOM   1317 N NH1 . ARG A 1 184 ? -1.726  -14.337 14.168  1.00 68.29 ? 790  ARG A NH1 1 
ATOM   1318 N NH2 . ARG A 1 184 ? 0.358   -13.396 14.352  1.00 67.21 ? 790  ARG A NH2 1 
ATOM   1319 N N   . ASP A 1 185 ? 3.673   -18.339 12.947  1.00 60.69 ? 791  ASP A N   1 
ATOM   1320 C CA  . ASP A 1 185 ? 4.921   -18.251 13.678  1.00 62.33 ? 791  ASP A CA  1 
ATOM   1321 C C   . ASP A 1 185 ? 5.845   -19.447 13.498  1.00 62.50 ? 791  ASP A C   1 
ATOM   1322 O O   . ASP A 1 185 ? 6.568   -19.824 14.421  1.00 62.81 ? 791  ASP A O   1 
ATOM   1323 C CB  . ASP A 1 185 ? 4.611   -18.038 15.160  1.00 64.45 ? 791  ASP A CB  1 
ATOM   1324 C CG  . ASP A 1 185 ? 3.467   -17.057 15.373  1.00 66.27 ? 791  ASP A CG  1 
ATOM   1325 O OD1 . ASP A 1 185 ? 3.515   -15.949 14.793  1.00 66.82 ? 791  ASP A OD1 1 
ATOM   1326 O OD2 . ASP A 1 185 ? 2.518   -17.396 16.115  1.00 67.32 ? 791  ASP A OD2 1 
ATOM   1327 N N   . GLY A 1 186 ? 5.820   -20.045 12.310  1.00 61.96 ? 792  GLY A N   1 
ATOM   1328 C CA  . GLY A 1 186 ? 6.695   -21.171 12.049  1.00 61.54 ? 792  GLY A CA  1 
ATOM   1329 C C   . GLY A 1 186 ? 8.121   -20.680 12.209  1.00 61.68 ? 792  GLY A C   1 
ATOM   1330 O O   . GLY A 1 186 ? 8.529   -19.744 11.523  1.00 62.57 ? 792  GLY A O   1 
ATOM   1331 N N   . PRO A 1 187 ? 8.906   -21.282 13.115  1.00 61.17 ? 793  PRO A N   1 
ATOM   1332 C CA  . PRO A 1 187 ? 10.295  -20.872 13.343  1.00 59.78 ? 793  PRO A CA  1 
ATOM   1333 C C   . PRO A 1 187 ? 11.256  -21.093 12.175  1.00 58.33 ? 793  PRO A C   1 
ATOM   1334 O O   . PRO A 1 187 ? 12.199  -20.318 11.993  1.00 58.69 ? 793  PRO A O   1 
ATOM   1335 C CB  . PRO A 1 187 ? 10.690  -21.681 14.577  1.00 60.01 ? 793  PRO A CB  1 
ATOM   1336 C CG  . PRO A 1 187 ? 9.901   -22.943 14.403  1.00 61.25 ? 793  PRO A CG  1 
ATOM   1337 C CD  . PRO A 1 187 ? 8.544   -22.408 13.996  1.00 61.86 ? 793  PRO A CD  1 
ATOM   1338 N N   . GLU A 1 188 ? 11.025  -22.140 11.389  1.00 55.72 ? 794  GLU A N   1 
ATOM   1339 C CA  . GLU A 1 188 ? 11.905  -22.435 10.262  1.00 53.28 ? 794  GLU A CA  1 
ATOM   1340 C C   . GLU A 1 188 ? 11.835  -21.405 9.135   1.00 50.53 ? 794  GLU A C   1 
ATOM   1341 O O   . GLU A 1 188 ? 12.732  -21.331 8.293   1.00 48.57 ? 794  GLU A O   1 
ATOM   1342 C CB  . GLU A 1 188 ? 11.626  -23.839 9.711   1.00 54.79 ? 794  GLU A CB  1 
ATOM   1343 C CG  . GLU A 1 188 ? 10.157  -24.217 9.570   1.00 57.63 ? 794  GLU A CG  1 
ATOM   1344 C CD  . GLU A 1 188 ? 9.481   -24.460 10.909  1.00 58.35 ? 794  GLU A CD  1 
ATOM   1345 O OE1 . GLU A 1 188 ? 8.895   -23.509 11.465  1.00 59.19 ? 794  GLU A OE1 1 
ATOM   1346 O OE2 . GLU A 1 188 ? 9.547   -25.604 11.409  1.00 58.89 ? 794  GLU A OE2 1 
ATOM   1347 N N   . GLU A 1 189 ? 10.781  -20.598 9.130   1.00 47.42 ? 795  GLU A N   1 
ATOM   1348 C CA  . GLU A 1 189 ? 10.624  -19.585 8.101   1.00 45.09 ? 795  GLU A CA  1 
ATOM   1349 C C   . GLU A 1 189 ? 9.937   -18.356 8.699   1.00 44.65 ? 795  GLU A C   1 
ATOM   1350 O O   . GLU A 1 189 ? 8.735   -18.368 8.957   1.00 45.45 ? 795  GLU A O   1 
ATOM   1351 C CB  . GLU A 1 189 ? 9.797   -20.164 6.946   1.00 44.39 ? 795  GLU A CB  1 
ATOM   1352 C CG  . GLU A 1 189 ? 10.173  -19.639 5.575   1.00 42.89 ? 795  GLU A CG  1 
ATOM   1353 C CD  . GLU A 1 189 ? 11.583  -20.024 5.153   1.00 42.88 ? 795  GLU A CD  1 
ATOM   1354 O OE1 . GLU A 1 189 ? 11.813  -21.202 4.796   1.00 39.85 ? 795  GLU A OE1 1 
ATOM   1355 O OE2 . GLU A 1 189 ? 12.464  -19.140 5.183   1.00 43.28 ? 795  GLU A OE2 1 
ATOM   1356 N N   . THR A 1 190 ? 10.707  -17.296 8.924   1.00 43.33 ? 796  THR A N   1 
ATOM   1357 C CA  . THR A 1 190 ? 10.159  -16.072 9.502   1.00 42.13 ? 796  THR A CA  1 
ATOM   1358 C C   . THR A 1 190 ? 9.500   -15.124 8.490   1.00 40.02 ? 796  THR A C   1 
ATOM   1359 O O   . THR A 1 190 ? 8.708   -14.263 8.872   1.00 39.75 ? 796  THR A O   1 
ATOM   1360 C CB  . THR A 1 190 ? 11.247  -15.288 10.275  1.00 44.22 ? 796  THR A CB  1 
ATOM   1361 O OG1 . THR A 1 190 ? 12.316  -14.932 9.387   1.00 47.60 ? 796  THR A OG1 1 
ATOM   1362 C CG2 . THR A 1 190 ? 11.800  -16.135 11.413  1.00 45.01 ? 796  THR A CG2 1 
ATOM   1363 N N   . ASP A 1 191 ? 9.812   -15.280 7.207   1.00 35.81 ? 797  ASP A N   1 
ATOM   1364 C CA  . ASP A 1 191 ? 9.226   -14.412 6.193   1.00 33.40 ? 797  ASP A CA  1 
ATOM   1365 C C   . ASP A 1 191 ? 8.208   -15.114 5.304   1.00 31.79 ? 797  ASP A C   1 
ATOM   1366 O O   . ASP A 1 191 ? 7.740   -14.546 4.319   1.00 29.51 ? 797  ASP A O   1 
ATOM   1367 C CB  . ASP A 1 191 ? 10.324  -13.798 5.332   1.00 33.89 ? 797  ASP A CB  1 
ATOM   1368 C CG  . ASP A 1 191 ? 11.181  -12.816 6.102   1.00 36.95 ? 797  ASP A CG  1 
ATOM   1369 O OD1 . ASP A 1 191 ? 10.619  -11.863 6.696   1.00 36.76 ? 797  ASP A OD1 1 
ATOM   1370 O OD2 . ASP A 1 191 ? 12.418  -12.997 6.112   1.00 37.80 ? 797  ASP A OD2 1 
ATOM   1371 N N   . TRP A 1 192 ? 7.873   -16.351 5.655   1.00 29.54 ? 798  TRP A N   1 
ATOM   1372 C CA  . TRP A 1 192 ? 6.899   -17.128 4.898   1.00 28.61 ? 798  TRP A CA  1 
ATOM   1373 C C   . TRP A 1 192 ? 5.875   -17.750 5.860   1.00 28.62 ? 798  TRP A C   1 
ATOM   1374 O O   . TRP A 1 192 ? 6.136   -17.877 7.057   1.00 27.94 ? 798  TRP A O   1 
ATOM   1375 C CB  . TRP A 1 192 ? 7.604   -18.235 4.097   1.00 26.07 ? 798  TRP A CB  1 
ATOM   1376 C CG  . TRP A 1 192 ? 8.606   -17.730 3.083   1.00 24.93 ? 798  TRP A CG  1 
ATOM   1377 C CD1 . TRP A 1 192 ? 9.779   -17.075 3.340   1.00 25.22 ? 798  TRP A CD1 1 
ATOM   1378 C CD2 . TRP A 1 192 ? 8.508   -17.825 1.656   1.00 25.44 ? 798  TRP A CD2 1 
ATOM   1379 N NE1 . TRP A 1 192 ? 10.415  -16.753 2.164   1.00 24.51 ? 798  TRP A NE1 1 
ATOM   1380 C CE2 . TRP A 1 192 ? 9.658   -17.200 1.114   1.00 25.41 ? 798  TRP A CE2 1 
ATOM   1381 C CE3 . TRP A 1 192 ? 7.560   -18.375 0.779   1.00 26.23 ? 798  TRP A CE3 1 
ATOM   1382 C CZ2 . TRP A 1 192 ? 9.887   -17.111 -0.266  1.00 25.25 ? 798  TRP A CZ2 1 
ATOM   1383 C CZ3 . TRP A 1 192 ? 7.787   -18.288 -0.598  1.00 25.01 ? 798  TRP A CZ3 1 
ATOM   1384 C CH2 . TRP A 1 192 ? 8.945   -17.657 -1.105  1.00 25.53 ? 798  TRP A CH2 1 
ATOM   1385 N N   . TRP A 1 193 ? 4.704   -18.106 5.338   1.00 27.11 ? 799  TRP A N   1 
ATOM   1386 C CA  . TRP A 1 193 ? 3.664   -18.735 6.146   1.00 28.18 ? 799  TRP A CA  1 
ATOM   1387 C C   . TRP A 1 193 ? 3.200   -20.003 5.456   1.00 26.80 ? 799  TRP A C   1 
ATOM   1388 O O   . TRP A 1 193 ? 3.154   -20.061 4.228   1.00 24.26 ? 799  TRP A O   1 
ATOM   1389 C CB  . TRP A 1 193 ? 2.422   -17.847 6.300   1.00 29.41 ? 799  TRP A CB  1 
ATOM   1390 C CG  . TRP A 1 193 ? 2.599   -16.561 7.025   1.00 31.94 ? 799  TRP A CG  1 
ATOM   1391 C CD1 . TRP A 1 193 ? 3.349   -16.338 8.142   1.00 33.84 ? 799  TRP A CD1 1 
ATOM   1392 C CD2 . TRP A 1 193 ? 1.945   -15.323 6.724   1.00 30.37 ? 799  TRP A CD2 1 
ATOM   1393 N NE1 . TRP A 1 193 ? 3.200   -15.035 8.558   1.00 34.29 ? 799  TRP A NE1 1 
ATOM   1394 C CE2 . TRP A 1 193 ? 2.342   -14.391 7.704   1.00 31.84 ? 799  TRP A CE2 1 
ATOM   1395 C CE3 . TRP A 1 193 ? 1.058   -14.914 5.720   1.00 30.65 ? 799  TRP A CE3 1 
ATOM   1396 C CZ2 . TRP A 1 193 ? 1.886   -13.067 7.711   1.00 31.27 ? 799  TRP A CZ2 1 
ATOM   1397 C CZ3 . TRP A 1 193 ? 0.603   -13.596 5.727   1.00 31.56 ? 799  TRP A CZ3 1 
ATOM   1398 C CH2 . TRP A 1 193 ? 1.020   -12.690 6.719   1.00 29.58 ? 799  TRP A CH2 1 
ATOM   1399 N N   . TRP A 1 194 ? 2.846   -21.013 6.240   1.00 27.55 ? 800  TRP A N   1 
ATOM   1400 C CA  . TRP A 1 194 ? 2.333   -22.245 5.657   1.00 27.90 ? 800  TRP A CA  1 
ATOM   1401 C C   . TRP A 1 194 ? 0.875   -21.901 5.375   1.00 26.08 ? 800  TRP A C   1 
ATOM   1402 O O   . TRP A 1 194 ? 0.162   -21.453 6.268   1.00 25.51 ? 800  TRP A O   1 
ATOM   1403 C CB  . TRP A 1 194 ? 2.439   -23.402 6.644   1.00 28.25 ? 800  TRP A CB  1 
ATOM   1404 C CG  . TRP A 1 194 ? 2.138   -24.714 5.996   1.00 31.91 ? 800  TRP A CG  1 
ATOM   1405 C CD1 . TRP A 1 194 ? 1.017   -25.478 6.166   1.00 31.12 ? 800  TRP A CD1 1 
ATOM   1406 C CD2 . TRP A 1 194 ? 2.940   -25.389 5.017   1.00 31.16 ? 800  TRP A CD2 1 
ATOM   1407 N NE1 . TRP A 1 194 ? 1.072   -26.583 5.352   1.00 32.05 ? 800  TRP A NE1 1 
ATOM   1408 C CE2 . TRP A 1 194 ? 2.240   -26.553 4.636   1.00 32.37 ? 800  TRP A CE2 1 
ATOM   1409 C CE3 . TRP A 1 194 ? 4.182   -25.121 4.425   1.00 32.34 ? 800  TRP A CE3 1 
ATOM   1410 C CZ2 . TRP A 1 194 ? 2.739   -27.452 3.687   1.00 32.58 ? 800  TRP A CZ2 1 
ATOM   1411 C CZ3 . TRP A 1 194 ? 4.679   -26.011 3.483   1.00 33.40 ? 800  TRP A CZ3 1 
ATOM   1412 C CH2 . TRP A 1 194 ? 3.957   -27.165 3.123   1.00 33.50 ? 800  TRP A CH2 1 
ATOM   1413 N N   . ALA A 1 195 ? 0.431   -22.085 4.138   1.00 26.13 ? 801  ALA A N   1 
ATOM   1414 C CA  . ALA A 1 195 ? -0.938  -21.715 3.794   1.00 26.79 ? 801  ALA A CA  1 
ATOM   1415 C C   . ALA A 1 195 ? -1.718  -22.728 2.967   1.00 27.81 ? 801  ALA A C   1 
ATOM   1416 O O   . ALA A 1 195 ? -1.172  -23.745 2.532   1.00 27.90 ? 801  ALA A O   1 
ATOM   1417 C CB  . ALA A 1 195 ? -0.924  -20.375 3.077   1.00 27.06 ? 801  ALA A CB  1 
ATOM   1418 N N   . ALA A 1 196 ? -3.000  -22.427 2.748   1.00 27.23 ? 802  ALA A N   1 
ATOM   1419 C CA  . ALA A 1 196 ? -3.893  -23.295 1.984   1.00 26.64 ? 802  ALA A CA  1 
ATOM   1420 C C   . ALA A 1 196 ? -4.699  -22.544 0.931   1.00 27.59 ? 802  ALA A C   1 
ATOM   1421 O O   . ALA A 1 196 ? -5.291  -21.502 1.212   1.00 29.29 ? 802  ALA A O   1 
ATOM   1422 C CB  . ALA A 1 196 ? -4.849  -24.017 2.929   1.00 25.63 ? 802  ALA A CB  1 
ATOM   1423 N N   . LEU A 1 197 ? -4.713  -23.081 -0.282  1.00 27.91 ? 803  LEU A N   1 
ATOM   1424 C CA  . LEU A 1 197 ? -5.465  -22.493 -1.383  1.00 29.03 ? 803  LEU A CA  1 
ATOM   1425 C C   . LEU A 1 197 ? -6.086  -23.636 -2.176  1.00 30.26 ? 803  LEU A C   1 
ATOM   1426 O O   . LEU A 1 197 ? -5.377  -24.421 -2.810  1.00 27.00 ? 803  LEU A O   1 
ATOM   1427 C CB  . LEU A 1 197 ? -4.558  -21.653 -2.291  1.00 29.27 ? 803  LEU A CB  1 
ATOM   1428 C CG  . LEU A 1 197 ? -5.197  -21.058 -3.555  1.00 30.34 ? 803  LEU A CG  1 
ATOM   1429 C CD1 . LEU A 1 197 ? -6.525  -20.380 -3.222  1.00 30.52 ? 803  LEU A CD1 1 
ATOM   1430 C CD2 . LEU A 1 197 ? -4.238  -20.061 -4.184  1.00 30.30 ? 803  LEU A CD2 1 
ATOM   1431 N N   . HIS A 1 198 ? -7.416  -23.728 -2.112  1.00 32.50 ? 804  HIS A N   1 
ATOM   1432 C CA  . HIS A 1 198 ? -8.166  -24.769 -2.801  1.00 32.99 ? 804  HIS A CA  1 
ATOM   1433 C C   . HIS A 1 198 ? -7.674  -26.167 -2.440  1.00 33.36 ? 804  HIS A C   1 
ATOM   1434 O O   . HIS A 1 198 ? -7.486  -27.013 -3.317  1.00 34.20 ? 804  HIS A O   1 
ATOM   1435 C CB  . HIS A 1 198 ? -8.086  -24.568 -4.318  1.00 35.94 ? 804  HIS A CB  1 
ATOM   1436 C CG  . HIS A 1 198 ? -8.776  -23.331 -4.801  1.00 37.83 ? 804  HIS A CG  1 
ATOM   1437 N ND1 . HIS A 1 198 ? -8.825  -22.979 -6.132  1.00 40.05 ? 804  HIS A ND1 1 
ATOM   1438 C CD2 . HIS A 1 198 ? -9.438  -22.359 -4.129  1.00 38.42 ? 804  HIS A CD2 1 
ATOM   1439 C CE1 . HIS A 1 198 ? -9.485  -21.842 -6.260  1.00 42.07 ? 804  HIS A CE1 1 
ATOM   1440 N NE2 . HIS A 1 198 ? -9.868  -21.445 -5.059  1.00 40.71 ? 804  HIS A NE2 1 
ATOM   1441 N N   . GLY A 1 199 ? -7.451  -26.402 -1.150  1.00 32.82 ? 805  GLY A N   1 
ATOM   1442 C CA  . GLY A 1 199 ? -7.006  -27.713 -0.710  1.00 32.27 ? 805  GLY A CA  1 
ATOM   1443 C C   . GLY A 1 199 ? -5.512  -27.961 -0.782  1.00 33.35 ? 805  GLY A C   1 
ATOM   1444 O O   . GLY A 1 199 ? -5.020  -28.944 -0.222  1.00 32.93 ? 805  GLY A O   1 
ATOM   1445 N N   . GLN A 1 200 ? -4.784  -27.088 -1.472  1.00 33.61 ? 806  GLN A N   1 
ATOM   1446 C CA  . GLN A 1 200 ? -3.337  -27.249 -1.572  1.00 35.03 ? 806  GLN A CA  1 
ATOM   1447 C C   . GLN A 1 200 ? -2.654  -26.502 -0.435  1.00 34.92 ? 806  GLN A C   1 
ATOM   1448 O O   . GLN A 1 200 ? -3.072  -25.405 -0.064  1.00 33.34 ? 806  GLN A O   1 
ATOM   1449 C CB  . GLN A 1 200 ? -2.816  -26.710 -2.910  1.00 34.84 ? 806  GLN A CB  1 
ATOM   1450 C CG  . GLN A 1 200 ? -3.353  -27.423 -4.142  1.00 37.72 ? 806  GLN A CG  1 
ATOM   1451 C CD  . GLN A 1 200 ? -3.155  -28.935 -4.099  1.00 38.90 ? 806  GLN A CD  1 
ATOM   1452 O OE1 . GLN A 1 200 ? -2.056  -29.431 -3.826  1.00 38.98 ? 806  GLN A OE1 1 
ATOM   1453 N NE2 . GLN A 1 200 ? -4.226  -29.674 -4.386  1.00 37.74 ? 806  GLN A NE2 1 
ATOM   1454 N N   . GLU A 1 201 ? -1.606  -27.102 0.119   1.00 34.52 ? 807  GLU A N   1 
ATOM   1455 C CA  . GLU A 1 201 ? -0.859  -26.479 1.203   1.00 34.92 ? 807  GLU A CA  1 
ATOM   1456 C C   . GLU A 1 201 ? 0.572   -26.179 0.780   1.00 33.75 ? 807  GLU A C   1 
ATOM   1457 O O   . GLU A 1 201 ? 1.196   -26.968 0.080   1.00 34.02 ? 807  GLU A O   1 
ATOM   1458 C CB  . GLU A 1 201 ? -0.861  -27.380 2.435   1.00 34.92 ? 807  GLU A CB  1 
ATOM   1459 C CG  . GLU A 1 201 ? -2.185  -27.376 3.173   1.00 39.90 ? 807  GLU A CG  1 
ATOM   1460 C CD  . GLU A 1 201 ? -2.203  -28.316 4.362   1.00 41.63 ? 807  GLU A CD  1 
ATOM   1461 O OE1 . GLU A 1 201 ? -1.154  -28.469 5.029   1.00 41.56 ? 807  GLU A OE1 1 
ATOM   1462 O OE2 . GLU A 1 201 ? -3.278  -28.893 4.637   1.00 45.26 ? 807  GLU A OE2 1 
ATOM   1463 N N   . GLY A 1 202 ? 1.086   -25.031 1.210   1.00 32.81 ? 808  GLY A N   1 
ATOM   1464 C CA  . GLY A 1 202 ? 2.440   -24.652 0.853   1.00 30.70 ? 808  GLY A CA  1 
ATOM   1465 C C   . GLY A 1 202 ? 2.829   -23.304 1.425   1.00 28.46 ? 808  GLY A C   1 
ATOM   1466 O O   . GLY A 1 202 ? 2.003   -22.600 1.999   1.00 27.25 ? 808  GLY A O   1 
ATOM   1467 N N   . TYR A 1 203 ? 4.094   -22.942 1.264   1.00 27.28 ? 809  TYR A N   1 
ATOM   1468 C CA  . TYR A 1 203 ? 4.597   -21.674 1.772   1.00 25.77 ? 809  TYR A CA  1 
ATOM   1469 C C   . TYR A 1 203 ? 4.303   -20.505 0.847   1.00 23.93 ? 809  TYR A C   1 
ATOM   1470 O O   . TYR A 1 203 ? 4.322   -20.641 -0.374  1.00 23.57 ? 809  TYR A O   1 
ATOM   1471 C CB  . TYR A 1 203 ? 6.106   -21.758 1.991   1.00 25.92 ? 809  TYR A CB  1 
ATOM   1472 C CG  . TYR A 1 203 ? 6.526   -22.399 3.291   1.00 27.20 ? 809  TYR A CG  1 
ATOM   1473 C CD1 . TYR A 1 203 ? 6.245   -21.789 4.517   1.00 27.22 ? 809  TYR A CD1 1 
ATOM   1474 C CD2 . TYR A 1 203 ? 7.268   -23.578 3.296   1.00 28.64 ? 809  TYR A CD2 1 
ATOM   1475 C CE1 . TYR A 1 203 ? 6.704   -22.337 5.715   1.00 28.33 ? 809  TYR A CE1 1 
ATOM   1476 C CE2 . TYR A 1 203 ? 7.732   -24.136 4.487   1.00 27.78 ? 809  TYR A CE2 1 
ATOM   1477 C CZ  . TYR A 1 203 ? 7.453   -23.512 5.688   1.00 29.04 ? 809  TYR A CZ  1 
ATOM   1478 O OH  . TYR A 1 203 ? 7.957   -24.045 6.853   1.00 30.73 ? 809  TYR A OH  1 
ATOM   1479 N N   . VAL A 1 204 ? 4.031   -19.352 1.441   1.00 23.55 ? 810  VAL A N   1 
ATOM   1480 C CA  . VAL A 1 204 ? 3.766   -18.147 0.668   1.00 22.12 ? 810  VAL A CA  1 
ATOM   1481 C C   . VAL A 1 204 ? 4.490   -16.989 1.342   1.00 21.36 ? 810  VAL A C   1 
ATOM   1482 O O   . VAL A 1 204 ? 4.598   -16.944 2.573   1.00 22.58 ? 810  VAL A O   1 
ATOM   1483 C CB  . VAL A 1 204 ? 2.249   -17.840 0.587   1.00 22.65 ? 810  VAL A CB  1 
ATOM   1484 C CG1 . VAL A 1 204 ? 1.534   -18.976 -0.125  1.00 21.23 ? 810  VAL A CG1 1 
ATOM   1485 C CG2 . VAL A 1 204 ? 1.674   -17.621 1.984   1.00 19.37 ? 810  VAL A CG2 1 
ATOM   1486 N N   . PRO A 1 205 ? 5.017   -16.047 0.545   1.00 18.70 ? 811  PRO A N   1 
ATOM   1487 C CA  . PRO A 1 205 ? 5.729   -14.901 1.111   1.00 18.27 ? 811  PRO A CA  1 
ATOM   1488 C C   . PRO A 1 205 ? 4.770   -13.904 1.763   1.00 19.87 ? 811  PRO A C   1 
ATOM   1489 O O   . PRO A 1 205 ? 3.793   -13.469 1.150   1.00 19.16 ? 811  PRO A O   1 
ATOM   1490 C CB  . PRO A 1 205 ? 6.460   -14.325 -0.102  1.00 17.32 ? 811  PRO A CB  1 
ATOM   1491 C CG  . PRO A 1 205 ? 5.507   -14.604 -1.226  1.00 19.35 ? 811  PRO A CG  1 
ATOM   1492 C CD  . PRO A 1 205 ? 5.028   -16.011 -0.930  1.00 18.00 ? 811  PRO A CD  1 
ATOM   1493 N N   . ARG A 1 206 ? 5.059   -13.549 3.007   1.00 21.43 ? 812  ARG A N   1 
ATOM   1494 C CA  . ARG A 1 206 ? 4.228   -12.617 3.762   1.00 22.89 ? 812  ARG A CA  1 
ATOM   1495 C C   . ARG A 1 206 ? 3.936   -11.274 3.097   1.00 23.67 ? 812  ARG A C   1 
ATOM   1496 O O   . ARG A 1 206 ? 2.814   -10.763 3.205   1.00 24.07 ? 812  ARG A O   1 
ATOM   1497 C CB  . ARG A 1 206 ? 4.860   -12.331 5.120   1.00 24.27 ? 812  ARG A CB  1 
ATOM   1498 C CG  . ARG A 1 206 ? 5.085   -13.543 5.970   1.00 28.24 ? 812  ARG A CG  1 
ATOM   1499 C CD  . ARG A 1 206 ? 5.263   -13.137 7.418   1.00 27.90 ? 812  ARG A CD  1 
ATOM   1500 N NE  . ARG A 1 206 ? 6.360   -12.198 7.625   1.00 27.74 ? 812  ARG A NE  1 
ATOM   1501 C CZ  . ARG A 1 206 ? 6.694   -11.712 8.815   1.00 29.66 ? 812  ARG A CZ  1 
ATOM   1502 N NH1 . ARG A 1 206 ? 6.009   -12.078 9.891   1.00 29.11 ? 812  ARG A NH1 1 
ATOM   1503 N NH2 . ARG A 1 206 ? 7.716   -10.875 8.935   1.00 30.73 ? 812  ARG A NH2 1 
ATOM   1504 N N   . ASN A 1 207 ? 4.933   -10.706 2.418   1.00 20.93 ? 813  ASN A N   1 
ATOM   1505 C CA  . ASN A 1 207 ? 4.780   -9.394  1.794   1.00 22.36 ? 813  ASN A CA  1 
ATOM   1506 C C   . ASN A 1 207 ? 3.916   -9.347  0.546   1.00 22.76 ? 813  ASN A C   1 
ATOM   1507 O O   . ASN A 1 207 ? 3.765   -8.290  -0.068  1.00 23.82 ? 813  ASN A O   1 
ATOM   1508 C CB  . ASN A 1 207 ? 6.157   -8.786  1.488   1.00 23.86 ? 813  ASN A CB  1 
ATOM   1509 C CG  . ASN A 1 207 ? 6.853   -9.458  0.321   1.00 26.28 ? 813  ASN A CG  1 
ATOM   1510 O OD1 . ASN A 1 207 ? 7.059   -10.669 0.313   1.00 29.18 ? 813  ASN A OD1 1 
ATOM   1511 N ND2 . ASN A 1 207 ? 7.226   -8.665  -0.673  1.00 30.16 ? 813  ASN A ND2 1 
ATOM   1512 N N   . TYR A 1 208 ? 3.335   -10.480 0.176   1.00 22.63 ? 814  TYR A N   1 
ATOM   1513 C CA  . TYR A 1 208 ? 2.487   -10.543 -1.002  1.00 21.43 ? 814  TYR A CA  1 
ATOM   1514 C C   . TYR A 1 208 ? 1.022   -10.435 -0.614  1.00 22.71 ? 814  TYR A C   1 
ATOM   1515 O O   . TYR A 1 208 ? 0.140   -10.503 -1.475  1.00 22.81 ? 814  TYR A O   1 
ATOM   1516 C CB  . TYR A 1 208 ? 2.697   -11.869 -1.727  1.00 22.68 ? 814  TYR A CB  1 
ATOM   1517 C CG  . TYR A 1 208 ? 3.710   -11.825 -2.844  1.00 23.90 ? 814  TYR A CG  1 
ATOM   1518 C CD1 . TYR A 1 208 ? 5.000   -11.341 -2.629  1.00 24.01 ? 814  TYR A CD1 1 
ATOM   1519 C CD2 . TYR A 1 208 ? 3.377   -12.268 -4.120  1.00 24.63 ? 814  TYR A CD2 1 
ATOM   1520 C CE1 . TYR A 1 208 ? 5.934   -11.300 -3.658  1.00 24.58 ? 814  TYR A CE1 1 
ATOM   1521 C CE2 . TYR A 1 208 ? 4.302   -12.230 -5.157  1.00 25.83 ? 814  TYR A CE2 1 
ATOM   1522 C CZ  . TYR A 1 208 ? 5.575   -11.746 -4.921  1.00 25.25 ? 814  TYR A CZ  1 
ATOM   1523 O OH  . TYR A 1 208 ? 6.480   -11.698 -5.949  1.00 27.89 ? 814  TYR A OH  1 
ATOM   1524 N N   . PHE A 1 209 ? 0.764   -10.249 0.676   1.00 20.59 ? 815  PHE A N   1 
ATOM   1525 C CA  . PHE A 1 209 ? -0.607  -10.214 1.153   1.00 21.08 ? 815  PHE A CA  1 
ATOM   1526 C C   . PHE A 1 209 ? -1.128  -8.991  1.872   1.00 20.75 ? 815  PHE A C   1 
ATOM   1527 O O   . PHE A 1 209 ? -0.392  -8.255  2.529   1.00 18.66 ? 815  PHE A O   1 
ATOM   1528 C CB  . PHE A 1 209 ? -0.846  -11.438 2.036   1.00 21.03 ? 815  PHE A CB  1 
ATOM   1529 C CG  . PHE A 1 209 ? -0.646  -12.729 1.315   1.00 20.71 ? 815  PHE A CG  1 
ATOM   1530 C CD1 . PHE A 1 209 ? -1.710  -13.343 0.654   1.00 21.02 ? 815  PHE A CD1 1 
ATOM   1531 C CD2 . PHE A 1 209 ? 0.618   -13.304 1.239   1.00 18.30 ? 815  PHE A CD2 1 
ATOM   1532 C CE1 . PHE A 1 209 ? -1.514  -14.515 -0.078  1.00 21.15 ? 815  PHE A CE1 1 
ATOM   1533 C CE2 . PHE A 1 209 ? 0.828   -14.474 0.509   1.00 19.34 ? 815  PHE A CE2 1 
ATOM   1534 C CZ  . PHE A 1 209 ? -0.235  -15.081 -0.149  1.00 20.17 ? 815  PHE A CZ  1 
ATOM   1535 N N   . GLY A 1 210 ? -2.438  -8.811  1.740   1.00 23.45 ? 816  GLY A N   1 
ATOM   1536 C CA  . GLY A 1 210 ? -3.126  -7.718  2.385   1.00 24.24 ? 816  GLY A CA  1 
ATOM   1537 C C   . GLY A 1 210 ? -4.197  -8.290  3.299   1.00 25.95 ? 816  GLY A C   1 
ATOM   1538 O O   . GLY A 1 210 ? -4.544  -9.470  3.216   1.00 23.57 ? 816  GLY A O   1 
ATOM   1539 N N   . LEU A 1 211 ? -4.713  -7.455  4.188   1.00 27.45 ? 817  LEU A N   1 
ATOM   1540 C CA  . LEU A 1 211 ? -5.761  -7.878  5.098   1.00 29.94 ? 817  LEU A CA  1 
ATOM   1541 C C   . LEU A 1 211 ? -7.051  -7.779  4.283   1.00 29.82 ? 817  LEU A C   1 
ATOM   1542 O O   . LEU A 1 211 ? -8.028  -8.473  4.550   1.00 32.94 ? 817  LEU A O   1 
ATOM   1543 C CB  . LEU A 1 211 ? -5.787  -6.944  6.311   1.00 32.02 ? 817  LEU A CB  1 
ATOM   1544 C CG  . LEU A 1 211 ? -6.414  -7.391  7.632   1.00 32.23 ? 817  LEU A CG  1 
ATOM   1545 C CD1 . LEU A 1 211 ? -5.900  -8.769  8.033   1.00 34.05 ? 817  LEU A CD1 1 
ATOM   1546 C CD2 . LEU A 1 211 ? -6.067  -6.362  8.703   1.00 31.16 ? 817  LEU A CD2 1 
ATOM   1547 N N   . PHE A 1 212 ? -7.014  -6.922  3.265   1.00 29.90 ? 818  PHE A N   1 
ATOM   1548 C CA  . PHE A 1 212 ? -8.128  -6.686  2.348   1.00 28.96 ? 818  PHE A CA  1 
ATOM   1549 C C   . PHE A 1 212 ? -7.572  -6.749  0.928   1.00 30.24 ? 818  PHE A C   1 
ATOM   1550 O O   . PHE A 1 212 ? -6.372  -6.592  0.721   1.00 29.21 ? 818  PHE A O   1 
ATOM   1551 C CB  . PHE A 1 212 ? -8.723  -5.293  2.575   1.00 29.56 ? 818  PHE A CB  1 
ATOM   1552 C CG  . PHE A 1 212 ? -9.457  -5.153  3.869   1.00 30.09 ? 818  PHE A CG  1 
ATOM   1553 C CD1 . PHE A 1 212 ? -10.843 -5.256  3.910   1.00 32.70 ? 818  PHE A CD1 1 
ATOM   1554 C CD2 . PHE A 1 212 ? -8.766  -4.968  5.056   1.00 30.02 ? 818  PHE A CD2 1 
ATOM   1555 C CE1 . PHE A 1 212 ? -11.528 -5.178  5.123   1.00 30.97 ? 818  PHE A CE1 1 
ATOM   1556 C CE2 . PHE A 1 212 ? -9.441  -4.889  6.268   1.00 30.18 ? 818  PHE A CE2 1 
ATOM   1557 C CZ  . PHE A 1 212 ? -10.824 -4.995  6.300   1.00 28.94 ? 818  PHE A CZ  1 
ATOM   1558 N N   . PRO A 1 213 ? -8.440  -6.971  -0.069  1.00 31.37 ? 819  PRO A N   1 
ATOM   1559 C CA  . PRO A 1 213 ? -8.028  -7.048  -1.476  1.00 33.47 ? 819  PRO A CA  1 
ATOM   1560 C C   . PRO A 1 213 ? -7.951  -5.666  -2.139  1.00 34.41 ? 819  PRO A C   1 
ATOM   1561 O O   . PRO A 1 213 ? -8.575  -4.714  -1.669  1.00 33.06 ? 819  PRO A O   1 
ATOM   1562 C CB  . PRO A 1 213 ? -9.121  -7.901  -2.096  1.00 33.39 ? 819  PRO A CB  1 
ATOM   1563 C CG  . PRO A 1 213 ? -10.345 -7.407  -1.354  1.00 32.09 ? 819  PRO A CG  1 
ATOM   1564 C CD  . PRO A 1 213 ? -9.851  -7.379  0.083   1.00 32.24 ? 819  PRO A CD  1 
ATOM   1565 N N   . ARG A 1 214 ? -7.195  -5.566  -3.231  1.00 34.55 ? 820  ARG A N   1 
ATOM   1566 C CA  . ARG A 1 214 ? -7.066  -4.305  -3.965  1.00 36.14 ? 820  ARG A CA  1 
ATOM   1567 C C   . ARG A 1 214 ? -8.419  -3.887  -4.536  1.00 38.14 ? 820  ARG A C   1 
ATOM   1568 O O   . ARG A 1 214 ? -9.364  -4.665  -4.554  1.00 39.47 ? 820  ARG A O   1 
ATOM   1569 C CB  . ARG A 1 214 ? -6.092  -4.442  -5.137  1.00 32.59 ? 820  ARG A CB  1 
ATOM   1570 C CG  . ARG A 1 214 ? -4.628  -4.675  -4.799  1.00 33.37 ? 820  ARG A CG  1 
ATOM   1571 C CD  . ARG A 1 214 ? -3.881  -4.971  -6.102  1.00 30.99 ? 820  ARG A CD  1 
ATOM   1572 N NE  . ARG A 1 214 ? -2.447  -5.162  -5.941  1.00 29.58 ? 820  ARG A NE  1 
ATOM   1573 C CZ  . ARG A 1 214 ? -1.559  -4.177  -5.837  1.00 33.09 ? 820  ARG A CZ  1 
ATOM   1574 N NH1 . ARG A 1 214 ? -1.955  -2.907  -5.876  1.00 33.67 ? 820  ARG A NH1 1 
ATOM   1575 N NH2 . ARG A 1 214 ? -0.268  -4.463  -5.712  1.00 30.27 ? 820  ARG A NH2 1 
ATOM   1576 N N   . VAL A 1 215 ? -8.488  -2.652  -5.018  1.00 41.99 ? 821  VAL A N   1 
ATOM   1577 C CA  . VAL A 1 215 ? -9.701  -2.112  -5.617  1.00 45.82 ? 821  VAL A CA  1 
ATOM   1578 C C   . VAL A 1 215 ? -9.628  -2.328  -7.124  1.00 49.21 ? 821  VAL A C   1 
ATOM   1579 O O   . VAL A 1 215 ? -8.817  -1.699  -7.807  1.00 50.83 ? 821  VAL A O   1 
ATOM   1580 C CB  . VAL A 1 215 ? -9.827  -0.596  -5.347  1.00 45.46 ? 821  VAL A CB  1 
ATOM   1581 C CG1 . VAL A 1 215 ? -10.928 0.002   -6.207  1.00 46.85 ? 821  VAL A CG1 1 
ATOM   1582 C CG2 . VAL A 1 215 ? -10.118 -0.357  -3.886  1.00 45.25 ? 821  VAL A CG2 1 
ATOM   1583 N N   . LYS A 1 216 ? -10.469 -3.214  -7.647  1.00 52.19 ? 822  LYS A N   1 
ATOM   1584 C CA  . LYS A 1 216 ? -10.466 -3.482  -9.079  1.00 55.68 ? 822  LYS A CA  1 
ATOM   1585 C C   . LYS A 1 216 ? -11.664 -2.877  -9.788  1.00 56.51 ? 822  LYS A C   1 
ATOM   1586 O O   . LYS A 1 216 ? -12.473 -2.211  -9.109  1.00 57.64 ? 822  LYS A O   1 
ATOM   1587 C CB  . LYS A 1 216 ? -10.407 -4.990  -9.340  1.00 56.99 ? 822  LYS A CB  1 
ATOM   1588 C CG  . LYS A 1 216 ? -9.061  -5.604  -8.975  1.00 59.54 ? 822  LYS A CG  1 
ATOM   1589 C CD  . LYS A 1 216 ? -7.928  -4.829  -9.639  1.00 59.48 ? 822  LYS A CD  1 
ATOM   1590 C CE  . LYS A 1 216 ? -6.570  -5.280  -9.143  1.00 60.62 ? 822  LYS A CE  1 
ATOM   1591 N NZ  . LYS A 1 216 ? -5.486  -4.427  -9.707  1.00 60.15 ? 822  LYS A NZ  1 
ATOM   1592 N N   . PRO A 1 217 ? -11.770 -3.069  -11.017 1.00 57.96 ? 823  PRO A N   1 
HETATM 1593 O O   . HOH B 2 .   ? 8.358   -7.287  10.763  1.00 36.10 ? 2001 HOH A O   1 
HETATM 1594 O O   . HOH B 2 .   ? 8.802   -5.383  13.724  1.00 45.55 ? 2002 HOH A O   1 
HETATM 1595 O O   . HOH B 2 .   ? -7.400  -4.478  10.995  1.00 49.99 ? 2003 HOH A O   1 
HETATM 1596 O O   . HOH B 2 .   ? 9.997   -7.694  8.214   1.00 42.82 ? 2004 HOH A O   1 
HETATM 1597 O O   . HOH B 2 .   ? -1.595  23.249  -11.648 1.00 34.01 ? 2005 HOH A O   1 
HETATM 1598 O O   . HOH B 2 .   ? 5.267   23.584  -12.190 1.00 48.94 ? 2006 HOH A O   1 
HETATM 1599 O O   . HOH B 2 .   ? -1.130  14.686  20.099  1.00 51.44 ? 2007 HOH A O   1 
HETATM 1600 O O   . HOH B 2 .   ? -9.451  7.402   -22.281 1.00 44.66 ? 2008 HOH A O   1 
HETATM 1601 O O   . HOH B 2 .   ? -11.387 10.345  -21.973 1.00 54.69 ? 2009 HOH A O   1 
HETATM 1602 O O   . HOH B 2 .   ? -10.271 -11.486 -7.872  1.00 45.11 ? 2010 HOH A O   1 
HETATM 1603 O O   . HOH B 2 .   ? 9.768   -0.282  15.644  1.00 47.01 ? 2011 HOH A O   1 
HETATM 1604 O O   . HOH B 2 .   ? -0.067  -26.505 10.330  1.00 51.66 ? 2012 HOH A O   1 
HETATM 1605 O O   . HOH B 2 .   ? 15.918  5.767   -12.247 1.00 54.43 ? 2013 HOH A O   1 
HETATM 1606 O O   . HOH B 2 .   ? -2.512  10.277  18.564  1.00 36.72 ? 2014 HOH A O   1 
HETATM 1607 O O   . HOH B 2 .   ? -10.602 0.784   -10.099 1.00 54.39 ? 2015 HOH A O   1 
HETATM 1608 O O   . HOH B 2 .   ? 6.966   14.558  21.288  1.00 33.71 ? 2016 HOH A O   1 
HETATM 1609 O O   . HOH B 2 .   ? 7.852   -3.601  -2.808  1.00 44.88 ? 2017 HOH A O   1 
HETATM 1610 O O   . HOH B 2 .   ? 7.849   -3.712  -6.990  1.00 47.25 ? 2018 HOH A O   1 
HETATM 1611 O O   . HOH B 2 .   ? -7.389  -21.583 -10.282 1.00 37.00 ? 2019 HOH A O   1 
HETATM 1612 O O   . HOH B 2 .   ? 16.108  -25.732 -1.873  1.00 43.80 ? 2020 HOH A O   1 
HETATM 1613 O O   . HOH B 2 .   ? -12.894 32.045  -6.776  1.00 41.18 ? 2021 HOH A O   1 
HETATM 1614 O O   . HOH B 2 .   ? -14.783 27.680  -7.689  1.00 41.37 ? 2022 HOH A O   1 
HETATM 1615 O O   . HOH B 2 .   ? -15.588 20.304  -13.213 1.00 39.75 ? 2023 HOH A O   1 
HETATM 1616 O O   . HOH B 2 .   ? -6.311  27.876  -19.316 1.00 26.96 ? 2024 HOH A O   1 
HETATM 1617 O O   . HOH B 2 .   ? -2.722  24.261  -22.370 1.00 36.20 ? 2025 HOH A O   1 
HETATM 1618 O O   . HOH B 2 .   ? -0.907  26.367  -15.525 1.00 29.12 ? 2026 HOH A O   1 
HETATM 1619 O O   . HOH B 2 .   ? 3.973   27.617  -21.323 1.00 30.40 ? 2027 HOH A O   1 
HETATM 1620 O O   . HOH B 2 .   ? 7.014   21.484  -15.259 1.00 39.69 ? 2028 HOH A O   1 
HETATM 1621 O O   . HOH B 2 .   ? -1.944  18.050  -14.081 1.00 31.52 ? 2029 HOH A O   1 
HETATM 1622 O O   . HOH B 2 .   ? -0.445  22.175  -9.710  1.00 27.40 ? 2030 HOH A O   1 
HETATM 1623 O O   . HOH B 2 .   ? 2.499   22.821  -9.960  1.00 36.05 ? 2031 HOH A O   1 
HETATM 1624 O O   . HOH B 2 .   ? 5.762   18.137  -8.483  1.00 37.96 ? 2032 HOH A O   1 
HETATM 1625 O O   . HOH B 2 .   ? 5.593   17.404  -5.979  1.00 40.26 ? 2033 HOH A O   1 
HETATM 1626 O O   . HOH B 2 .   ? 5.828   20.882  -4.775  1.00 53.34 ? 2034 HOH A O   1 
HETATM 1627 O O   . HOH B 2 .   ? -9.159  21.516  -3.009  1.00 54.79 ? 2035 HOH A O   1 
HETATM 1628 O O   . HOH B 2 .   ? -8.655  25.710  -4.752  1.00 39.27 ? 2036 HOH A O   1 
HETATM 1629 O O   . HOH B 2 .   ? -6.301  7.542   -14.955 1.00 46.42 ? 2037 HOH A O   1 
HETATM 1630 O O   . HOH B 2 .   ? -8.965  10.225  -20.953 1.00 41.83 ? 2038 HOH A O   1 
HETATM 1631 O O   . HOH B 2 .   ? -11.646 8.790   -12.746 1.00 42.59 ? 2039 HOH A O   1 
HETATM 1632 O O   . HOH B 2 .   ? -7.143  8.760   -20.248 1.00 52.52 ? 2040 HOH A O   1 
HETATM 1633 O O   . HOH B 2 .   ? -8.142  8.460   -17.376 1.00 17.12 ? 2041 HOH A O   1 
HETATM 1634 O O   . HOH B 2 .   ? -6.786  7.522   -22.881 1.00 37.76 ? 2042 HOH A O   1 
HETATM 1635 O O   . HOH B 2 .   ? -5.289  1.852   -17.855 1.00 59.26 ? 2043 HOH A O   1 
HETATM 1636 O O   . HOH B 2 .   ? -1.380  7.463   -7.523  1.00 24.88 ? 2044 HOH A O   1 
HETATM 1637 O O   . HOH B 2 .   ? 2.760   3.171   -10.164 1.00 33.48 ? 2045 HOH A O   1 
HETATM 1638 O O   . HOH B 2 .   ? 6.490   6.658   -17.751 1.00 53.88 ? 2046 HOH A O   1 
HETATM 1639 O O   . HOH B 2 .   ? 0.489   9.527   -10.021 1.00 21.63 ? 2047 HOH A O   1 
HETATM 1640 O O   . HOH B 2 .   ? 10.732  5.771   -11.704 1.00 46.04 ? 2048 HOH A O   1 
HETATM 1641 O O   . HOH B 2 .   ? 13.179  6.180   -13.168 1.00 57.90 ? 2049 HOH A O   1 
HETATM 1642 O O   . HOH B 2 .   ? 15.594  11.473  -10.499 1.00 55.39 ? 2050 HOH A O   1 
HETATM 1643 O O   . HOH B 2 .   ? -0.127  5.334   -6.695  1.00 21.82 ? 2051 HOH A O   1 
HETATM 1644 O O   . HOH B 2 .   ? 6.108   12.154  -0.793  1.00 52.40 ? 2052 HOH A O   1 
HETATM 1645 O O   . HOH B 2 .   ? -6.580  18.572  2.001   1.00 53.24 ? 2053 HOH A O   1 
HETATM 1646 O O   . HOH B 2 .   ? -8.504  17.020  3.701   1.00 48.59 ? 2054 HOH A O   1 
HETATM 1647 O O   . HOH B 2 .   ? -7.959  16.844  0.649   1.00 43.54 ? 2055 HOH A O   1 
HETATM 1648 O O   . HOH B 2 .   ? -12.754 12.482  -2.546  1.00 38.10 ? 2056 HOH A O   1 
HETATM 1649 O O   . HOH B 2 .   ? -8.057  9.063   4.271   1.00 43.70 ? 2057 HOH A O   1 
HETATM 1650 O O   . HOH B 2 .   ? -12.708 8.195   -7.653  1.00 40.10 ? 2058 HOH A O   1 
HETATM 1651 O O   . HOH B 2 .   ? -4.945  -0.409  -8.062  1.00 31.94 ? 2059 HOH A O   1 
HETATM 1652 O O   . HOH B 2 .   ? -6.791  1.847   -5.142  1.00 27.49 ? 2060 HOH A O   1 
HETATM 1653 O O   . HOH B 2 .   ? 1.795   0.631   -10.801 1.00 38.35 ? 2061 HOH A O   1 
HETATM 1654 O O   . HOH B 2 .   ? 2.590   -2.722  -6.928  1.00 23.47 ? 2062 HOH A O   1 
HETATM 1655 O O   . HOH B 2 .   ? 1.313   0.717   0.688   1.00 27.37 ? 2063 HOH A O   1 
HETATM 1656 O O   . HOH B 2 .   ? 5.341   -2.744  -3.753  1.00 44.56 ? 2064 HOH A O   1 
HETATM 1657 O O   . HOH B 2 .   ? 6.063   3.961   -7.637  1.00 34.05 ? 2065 HOH A O   1 
HETATM 1658 O O   . HOH B 2 .   ? 11.768  8.313   -4.128  1.00 43.20 ? 2066 HOH A O   1 
HETATM 1659 O O   . HOH B 2 .   ? 11.868  8.123   0.749   1.00 35.77 ? 2067 HOH A O   1 
HETATM 1660 O O   . HOH B 2 .   ? 8.382   -1.807  -0.398  1.00 28.87 ? 2068 HOH A O   1 
HETATM 1661 O O   . HOH B 2 .   ? 7.376   11.921  5.955   1.00 52.07 ? 2069 HOH A O   1 
HETATM 1662 O O   . HOH B 2 .   ? 3.099   13.873  10.986  1.00 64.84 ? 2070 HOH A O   1 
HETATM 1663 O O   . HOH B 2 .   ? -0.339  12.460  11.488  1.00 48.47 ? 2071 HOH A O   1 
HETATM 1664 O O   . HOH B 2 .   ? -2.564  9.982   13.656  1.00 45.75 ? 2072 HOH A O   1 
HETATM 1665 O O   . HOH B 2 .   ? -0.301  12.688  6.941   1.00 38.74 ? 2073 HOH A O   1 
HETATM 1666 O O   . HOH B 2 .   ? -9.643  5.908   7.573   1.00 30.19 ? 2074 HOH A O   1 
HETATM 1667 O O   . HOH B 2 .   ? -4.411  -4.810  3.597   1.00 14.30 ? 2075 HOH A O   1 
HETATM 1668 O O   . HOH B 2 .   ? -10.328 -3.228  -0.371  1.00 31.83 ? 2076 HOH A O   1 
HETATM 1669 O O   . HOH B 2 .   ? -6.648  -0.691  -4.059  1.00 31.67 ? 2077 HOH A O   1 
HETATM 1670 O O   . HOH B 2 .   ? 2.450   -1.556  1.289   1.00 30.56 ? 2078 HOH A O   1 
HETATM 1671 O O   . HOH B 2 .   ? 8.279   -8.281  5.741   1.00 29.07 ? 2079 HOH A O   1 
HETATM 1672 O O   . HOH B 2 .   ? 5.098   -2.424  5.369   1.00 13.17 ? 2080 HOH A O   1 
HETATM 1673 O O   . HOH B 2 .   ? 8.904   -5.680  -0.122  1.00 38.74 ? 2081 HOH A O   1 
HETATM 1674 O O   . HOH B 2 .   ? 7.915   1.526   15.027  1.00 33.52 ? 2082 HOH A O   1 
HETATM 1675 O O   . HOH B 2 .   ? 11.877  -5.424  8.777   1.00 31.77 ? 2083 HOH A O   1 
HETATM 1676 O O   . HOH B 2 .   ? 11.445  1.571   14.177  1.00 53.07 ? 2084 HOH A O   1 
HETATM 1677 O O   . HOH B 2 .   ? 10.373  6.961   10.123  1.00 34.16 ? 2085 HOH A O   1 
HETATM 1678 O O   . HOH B 2 .   ? 10.090  3.701   14.109  1.00 34.58 ? 2086 HOH A O   1 
HETATM 1679 O O   . HOH B 2 .   ? 10.289  14.056  12.324  1.00 33.85 ? 2087 HOH A O   1 
HETATM 1680 O O   . HOH B 2 .   ? 11.425  8.323   13.283  1.00 45.97 ? 2088 HOH A O   1 
HETATM 1681 O O   . HOH B 2 .   ? 8.761   12.701  20.975  1.00 33.07 ? 2089 HOH A O   1 
HETATM 1682 O O   . HOH B 2 .   ? 6.391   15.039  18.918  1.00 33.31 ? 2090 HOH A O   1 
HETATM 1683 O O   . HOH B 2 .   ? 3.735   10.947  19.401  1.00 31.45 ? 2091 HOH A O   1 
HETATM 1684 O O   . HOH B 2 .   ? 0.340   12.240  19.825  1.00 35.45 ? 2092 HOH A O   1 
HETATM 1685 O O   . HOH B 2 .   ? 6.878   0.815   18.050  1.00 40.57 ? 2093 HOH A O   1 
HETATM 1686 O O   . HOH B 2 .   ? 9.824   3.522   17.234  1.00 40.57 ? 2094 HOH A O   1 
HETATM 1687 O O   . HOH B 2 .   ? 1.950   9.171   20.407  1.00 29.88 ? 2095 HOH A O   1 
HETATM 1688 O O   . HOH B 2 .   ? -4.164  9.859   16.262  1.00 61.15 ? 2096 HOH A O   1 
HETATM 1689 O O   . HOH B 2 .   ? -4.197  2.609   17.944  1.00 26.56 ? 2097 HOH A O   1 
HETATM 1690 O O   . HOH B 2 .   ? -1.414  -3.412  18.875  1.00 42.47 ? 2098 HOH A O   1 
HETATM 1691 O O   . HOH B 2 .   ? -8.237  -2.067  9.660   1.00 26.30 ? 2099 HOH A O   1 
HETATM 1692 O O   . HOH B 2 .   ? 3.828   -2.988  8.957   1.00 24.54 ? 2100 HOH A O   1 
HETATM 1693 O O   . HOH B 2 .   ? 6.808   -5.148  11.455  1.00 35.41 ? 2101 HOH A O   1 
HETATM 1694 O O   . HOH B 2 .   ? -2.364  -19.038 11.565  1.00 36.79 ? 2102 HOH A O   1 
HETATM 1695 O O   . HOH B 2 .   ? -7.784  -18.352 13.208  1.00 49.04 ? 2103 HOH A O   1 
HETATM 1696 O O   . HOH B 2 .   ? -6.174  -13.025 8.564   1.00 25.79 ? 2104 HOH A O   1 
HETATM 1697 O O   . HOH B 2 .   ? -14.435 -14.740 10.130  1.00 35.13 ? 2105 HOH A O   1 
HETATM 1698 O O   . HOH B 2 .   ? -3.393  -13.711 -13.624 1.00 47.93 ? 2106 HOH A O   1 
HETATM 1699 O O   . HOH B 2 .   ? 6.265   -17.322 -13.795 1.00 62.80 ? 2107 HOH A O   1 
HETATM 1700 O O   . HOH B 2 .   ? 8.653   -17.204 -8.090  1.00 46.93 ? 2108 HOH A O   1 
HETATM 1701 O O   . HOH B 2 .   ? 6.348   -15.389 -9.063  1.00 35.81 ? 2109 HOH A O   1 
HETATM 1702 O O   . HOH B 2 .   ? 14.193  -22.659 -7.703  1.00 40.08 ? 2110 HOH A O   1 
HETATM 1703 O O   . HOH B 2 .   ? 15.824  -19.744 -5.930  1.00 36.92 ? 2111 HOH A O   1 
HETATM 1704 O O   . HOH B 2 .   ? 14.629  -18.011 -4.562  1.00 32.79 ? 2112 HOH A O   1 
HETATM 1705 O O   . HOH B 2 .   ? 10.467  -28.553 -5.877  1.00 27.55 ? 2113 HOH A O   1 
HETATM 1706 O O   . HOH B 2 .   ? 9.593   -29.199 -1.908  1.00 34.10 ? 2114 HOH A O   1 
HETATM 1707 O O   . HOH B 2 .   ? 11.844  -26.098 -0.715  1.00 38.72 ? 2115 HOH A O   1 
HETATM 1708 O O   A HOH B 2 .   ? 2.740   -26.535 -5.291  0.50 14.55 ? 2116 HOH A O   1 
HETATM 1709 O O   B HOH B 2 .   ? 2.162   -24.369 -6.610  0.50 36.03 ? 2116 HOH A O   1 
HETATM 1710 O O   . HOH B 2 .   ? 11.468  -19.269 -3.024  1.00 32.38 ? 2117 HOH A O   1 
HETATM 1711 O O   . HOH B 2 .   ? -8.391  -13.371 -8.014  1.00 47.79 ? 2118 HOH A O   1 
HETATM 1712 O O   . HOH B 2 .   ? -4.933  -20.116 -7.972  1.00 34.60 ? 2119 HOH A O   1 
HETATM 1713 O O   . HOH B 2 .   ? -8.183  -20.183 0.203   1.00 38.09 ? 2120 HOH A O   1 
HETATM 1714 O O   . HOH B 2 .   ? -12.080 -14.790 2.152   1.00 34.47 ? 2121 HOH A O   1 
HETATM 1715 O O   . HOH B 2 .   ? -9.093  -18.715 2.479   1.00 43.95 ? 2122 HOH A O   1 
HETATM 1716 O O   . HOH B 2 .   ? -9.690  -21.853 6.004   1.00 28.13 ? 2123 HOH A O   1 
HETATM 1717 O O   . HOH B 2 .   ? -0.117  -19.409 13.529  1.00 47.41 ? 2124 HOH A O   1 
HETATM 1718 O O   . HOH B 2 .   ? 6.413   -18.466 9.612   1.00 29.03 ? 2125 HOH A O   1 
HETATM 1719 O O   . HOH B 2 .   ? 1.011   -12.420 11.782  1.00 35.58 ? 2126 HOH A O   1 
HETATM 1720 O O   . HOH B 2 .   ? 5.259   -14.474 12.437  1.00 38.76 ? 2127 HOH A O   1 
HETATM 1721 O O   . HOH B 2 .   ? 8.186   -26.911 13.677  1.00 51.29 ? 2128 HOH A O   1 
HETATM 1722 O O   . HOH B 2 .   ? 13.885  -23.347 7.208   1.00 45.81 ? 2129 HOH A O   1 
HETATM 1723 O O   . HOH B 2 .   ? 12.022  -26.891 11.818  1.00 43.80 ? 2130 HOH A O   1 
HETATM 1724 O O   . HOH B 2 .   ? 11.686  -23.951 5.039   1.00 38.82 ? 2131 HOH A O   1 
HETATM 1725 O O   . HOH B 2 .   ? 12.231  -16.629 6.116   1.00 35.36 ? 2132 HOH A O   1 
HETATM 1726 O O   . HOH B 2 .   ? 11.717  -9.749  9.052   1.00 45.08 ? 2133 HOH A O   1 
HETATM 1727 O O   . HOH B 2 .   ? 8.147   -11.263 5.590   1.00 35.04 ? 2134 HOH A O   1 
HETATM 1728 O O   . HOH B 2 .   ? -4.463  -24.094 -5.055  1.00 33.18 ? 2135 HOH A O   1 
HETATM 1729 O O   . HOH B 2 .   ? -10.572 -18.076 -5.485  1.00 70.24 ? 2136 HOH A O   1 
HETATM 1730 O O   . HOH B 2 .   ? -5.981  -27.966 -5.599  1.00 51.68 ? 2137 HOH A O   1 
HETATM 1731 O O   . HOH B 2 .   ? -0.616  -28.686 7.529   1.00 60.94 ? 2138 HOH A O   1 
HETATM 1732 O O   . HOH B 2 .   ? -0.732  -30.118 -0.576  1.00 28.32 ? 2139 HOH A O   1 
HETATM 1733 O O   . HOH B 2 .   ? 10.029  -25.611 6.717   1.00 48.89 ? 2140 HOH A O   1 
HETATM 1734 O O   . HOH B 2 .   ? 9.057   -10.157 11.602  1.00 52.20 ? 2141 HOH A O   1 
HETATM 1735 O O   . HOH B 2 .   ? 3.737   -13.323 10.696  1.00 44.76 ? 2142 HOH A O   1 
HETATM 1736 O O   . HOH B 2 .   ? 7.881   -11.554 2.764   1.00 38.10 ? 2143 HOH A O   1 
HETATM 1737 O O   . HOH B 2 .   ? 5.158   -6.451  -1.258  1.00 36.43 ? 2144 HOH A O   1 
HETATM 1738 O O   . HOH B 2 .   ? 6.020   -12.714 -8.546  1.00 46.69 ? 2145 HOH A O   1 
HETATM 1739 O O   . HOH B 2 .   ? 2.068   -8.068  3.550   1.00 30.47 ? 2146 HOH A O   1 
HETATM 1740 O O   . HOH B 2 .   ? -8.720  -10.495 5.965   1.00 34.26 ? 2147 HOH A O   1 
HETATM 1741 O O   . HOH B 2 .   ? -11.755 -5.615  -4.698  1.00 44.75 ? 2148 HOH A O   1 
HETATM 1742 O O   . HOH B 2 .   ? -6.030  -7.787  -4.285  1.00 31.61 ? 2149 HOH A O   1 
HETATM 1743 O O   . HOH B 2 .   ? -4.350  -0.859  -5.514  1.00 28.12 ? 2150 HOH A O   1 
HETATM 1744 O O   . HOH B 2 .   ? -12.848 -0.908  -12.275 1.00 35.36 ? 2151 HOH A O   1 
HETATM 1745 O O   . HOH B 2 .   ? -14.134 -1.017  -7.598  1.00 61.41 ? 2152 HOH A O   1 
HETATM 1746 O O   . HOH B 2 .   ? -13.187 -3.512  -6.878  1.00 55.15 ? 2153 HOH A O   1 
# 
loop_
_pdbx_poly_seq_scheme.asym_id 
_pdbx_poly_seq_scheme.entity_id 
_pdbx_poly_seq_scheme.seq_id 
_pdbx_poly_seq_scheme.mon_id 
_pdbx_poly_seq_scheme.ndb_seq_num 
_pdbx_poly_seq_scheme.pdb_seq_num 
_pdbx_poly_seq_scheme.auth_seq_num 
_pdbx_poly_seq_scheme.pdb_mon_id 
_pdbx_poly_seq_scheme.auth_mon_id 
_pdbx_poly_seq_scheme.pdb_strand_id 
_pdbx_poly_seq_scheme.pdb_ins_code 
_pdbx_poly_seq_scheme.hetero 
A 1 1   MET 1   607 ?   ?   ?   A . n 
A 1 2   ARG 2   608 ?   ?   ?   A . n 
A 1 3   SER 3   609 ?   ?   ?   A . n 
A 1 4   VAL 4   610 ?   ?   ?   A . n 
A 1 5   LEU 5   611 ?   ?   ?   A . n 
A 1 6   ARG 6   612 ?   ?   ?   A . n 
A 1 7   LYS 7   613 ?   ?   ?   A . n 
A 1 8   ALA 8   614 ?   ?   ?   A . n 
A 1 9   GLY 9   615 ?   ?   ?   A . n 
A 1 10  SER 10  616 616 SER SER A . n 
A 1 11  PRO 11  617 617 PRO PRO A . n 
A 1 12  ARG 12  618 618 ARG ARG A . n 
A 1 13  LYS 13  619 619 LYS LYS A . n 
A 1 14  ALA 14  620 620 ALA ALA A . n 
A 1 15  ARG 15  621 621 ARG ARG A . n 
A 1 16  ARG 16  622 622 ARG ARG A . n 
A 1 17  ALA 17  623 623 ALA ALA A . n 
A 1 18  ARG 18  624 624 ARG ARG A . n 
A 1 19  LEU 19  625 625 LEU LEU A . n 
A 1 20  ASN 20  626 626 ASN ASN A . n 
A 1 21  PRO 21  627 627 PRO PRO A . n 
A 1 22  LEU 22  628 628 LEU LEU A . n 
A 1 23  VAL 23  629 629 VAL VAL A . n 
A 1 24  LEU 24  630 630 LEU LEU A . n 
A 1 25  LEU 25  631 631 LEU LEU A . n 
A 1 26  LEU 26  632 632 LEU LEU A . n 
A 1 27  ASP 27  633 633 ASP ASP A . n 
A 1 28  ALA 28  634 634 ALA ALA A . n 
A 1 29  ALA 29  635 635 ALA ALA A . n 
A 1 30  LEU 30  636 636 LEU LEU A . n 
A 1 31  THR 31  637 637 THR THR A . n 
A 1 32  GLY 32  638 638 GLY GLY A . n 
A 1 33  GLU 33  639 639 GLU GLU A . n 
A 1 34  LEU 34  640 640 LEU LEU A . n 
A 1 35  GLU 35  641 641 GLU GLU A . n 
A 1 36  VAL 36  642 642 VAL VAL A . n 
A 1 37  VAL 37  643 643 VAL VAL A . n 
A 1 38  GLN 38  644 644 GLN GLN A . n 
A 1 39  GLN 39  645 645 GLN GLN A . n 
A 1 40  ALA 40  646 646 ALA ALA A . n 
A 1 41  VAL 41  647 647 VAL VAL A . n 
A 1 42  LYS 42  648 648 LYS LYS A . n 
A 1 43  GLU 43  649 649 GLU GLU A . n 
A 1 44  MET 44  650 650 MET MET A . n 
A 1 45  ASN 45  651 651 ASN ASN A . n 
A 1 46  ASP 46  652 652 ASP ASP A . n 
A 1 47  PRO 47  653 653 PRO PRO A . n 
A 1 48  SER 48  654 654 SER SER A . n 
A 1 49  GLN 49  655 655 GLN GLN A . n 
A 1 50  PRO 50  656 656 PRO PRO A . n 
A 1 51  ASN 51  657 657 ASN ASN A . n 
A 1 52  GLU 52  658 658 GLU GLU A . n 
A 1 53  GLU 53  659 659 GLU GLU A . n 
A 1 54  GLY 54  660 660 GLY GLY A . n 
A 1 55  ILE 55  661 661 ILE ILE A . n 
A 1 56  THR 56  662 662 THR THR A . n 
A 1 57  ALA 57  663 663 ALA ALA A . n 
A 1 58  LEU 58  664 664 LEU LEU A . n 
A 1 59  HIS 59  665 665 HIS HIS A . n 
A 1 60  ASN 60  666 666 ASN ASN A . n 
A 1 61  ALA 61  667 667 ALA ALA A . n 
A 1 62  ILE 62  668 668 ILE ILE A . n 
A 1 63  CYS 63  669 669 CYS CYS A . n 
A 1 64  GLY 64  670 670 GLY GLY A . n 
A 1 65  ALA 65  671 671 ALA ALA A . n 
A 1 66  ASN 66  672 672 ASN ASN A . n 
A 1 67  TYR 67  673 673 TYR TYR A . n 
A 1 68  SER 68  674 674 SER SER A . n 
A 1 69  ILE 69  675 675 ILE ILE A . n 
A 1 70  VAL 70  676 676 VAL VAL A . n 
A 1 71  ASP 71  677 677 ASP ASP A . n 
A 1 72  PHE 72  678 678 PHE PHE A . n 
A 1 73  LEU 73  679 679 LEU LEU A . n 
A 1 74  ILE 74  680 680 ILE ILE A . n 
A 1 75  THR 75  681 681 THR THR A . n 
A 1 76  ALA 76  682 682 ALA ALA A . n 
A 1 77  GLY 77  683 683 GLY GLY A . n 
A 1 78  ALA 78  684 684 ALA ALA A . n 
A 1 79  ASN 79  685 685 ASN ASN A . n 
A 1 80  VAL 80  686 686 VAL VAL A . n 
A 1 81  ASN 81  687 687 ASN ASN A . n 
A 1 82  SER 82  688 688 SER SER A . n 
A 1 83  PRO 83  689 689 PRO PRO A . n 
A 1 84  ASP 84  690 690 ASP ASP A . n 
A 1 85  SER 85  691 691 SER SER A . n 
A 1 86  HIS 86  692 692 HIS HIS A . n 
A 1 87  GLY 87  693 693 GLY GLY A . n 
A 1 88  TRP 88  694 694 TRP TRP A . n 
A 1 89  THR 89  695 695 THR THR A . n 
A 1 90  PRO 90  696 696 PRO PRO A . n 
A 1 91  LEU 91  697 697 LEU LEU A . n 
A 1 92  HIS 92  698 698 HIS HIS A . n 
A 1 93  CYS 93  699 699 CYS CYS A . n 
A 1 94  ALA 94  700 700 ALA ALA A . n 
A 1 95  ALA 95  701 701 ALA ALA A . n 
A 1 96  SER 96  702 702 SER SER A . n 
A 1 97  CYS 97  703 703 CYS CYS A . n 
A 1 98  ASN 98  704 704 ASN ASN A . n 
A 1 99  ASP 99  705 705 ASP ASP A . n 
A 1 100 THR 100 706 706 THR THR A . n 
A 1 101 VAL 101 707 707 VAL VAL A . n 
A 1 102 ILE 102 708 708 ILE ILE A . n 
A 1 103 CYS 103 709 709 CYS CYS A . n 
A 1 104 MET 104 710 710 MET MET A . n 
A 1 105 ALA 105 711 711 ALA ALA A . n 
A 1 106 LEU 106 712 712 LEU LEU A . n 
A 1 107 VAL 107 713 713 VAL VAL A . n 
A 1 108 GLN 108 714 714 GLN GLN A . n 
A 1 109 HIS 109 715 715 HIS HIS A . n 
A 1 110 GLY 110 716 716 GLY GLY A . n 
A 1 111 ALA 111 717 717 ALA ALA A . n 
A 1 112 ALA 112 718 718 ALA ALA A . n 
A 1 113 ILE 113 719 719 ILE ILE A . n 
A 1 114 PHE 114 720 720 PHE PHE A . n 
A 1 115 ALA 115 721 721 ALA ALA A . n 
A 1 116 THR 116 722 722 THR THR A . n 
A 1 117 THR 117 723 723 THR THR A . n 
A 1 118 LEU 118 724 724 LEU LEU A . n 
A 1 119 SER 119 725 725 SER SER A . n 
A 1 120 ASP 120 726 726 ASP ASP A . n 
A 1 121 GLY 121 727 727 GLY GLY A . n 
A 1 122 ALA 122 728 728 ALA ALA A . n 
A 1 123 THR 123 729 729 THR THR A . n 
A 1 124 ALA 124 730 730 ALA ALA A . n 
A 1 125 PHE 125 731 731 PHE PHE A . n 
A 1 126 GLU 126 732 732 GLU GLU A . n 
A 1 127 LYS 127 733 733 LYS LYS A . n 
A 1 128 CYS 128 734 734 CYS CYS A . n 
A 1 129 ASP 129 735 735 ASP ASP A . n 
A 1 130 PRO 130 736 736 PRO PRO A . n 
A 1 131 TYR 131 737 737 TYR TYR A . n 
A 1 132 ARG 132 738 738 ARG ARG A . n 
A 1 133 GLU 133 739 739 GLU GLU A . n 
A 1 134 GLY 134 740 740 GLY GLY A . n 
A 1 135 TYR 135 741 741 TYR TYR A . n 
A 1 136 ALA 136 742 742 ALA ALA A . n 
A 1 137 ASP 137 743 743 ASP ASP A . n 
A 1 138 CYS 138 744 744 CYS CYS A . n 
A 1 139 ALA 139 745 745 ALA ALA A . n 
A 1 140 THR 140 746 746 THR THR A . n 
A 1 141 TYR 141 747 747 TYR TYR A . n 
A 1 142 LEU 142 748 748 LEU LEU A . n 
A 1 143 ALA 143 749 749 ALA ALA A . n 
A 1 144 ASP 144 750 750 ASP ASP A . n 
A 1 145 VAL 145 751 751 VAL VAL A . n 
A 1 146 GLU 146 752 752 GLU GLU A . n 
A 1 147 GLN 147 753 753 GLN GLN A . n 
A 1 148 SER 148 754 754 SER SER A . n 
A 1 149 MET 149 755 755 MET MET A . n 
A 1 150 GLY 150 756 756 GLY GLY A . n 
A 1 151 LEU 151 757 757 LEU LEU A . n 
A 1 152 MET 152 758 758 MET MET A . n 
A 1 153 ASN 153 759 759 ASN ASN A . n 
A 1 154 SER 154 760 760 SER SER A . n 
A 1 155 GLY 155 761 761 GLY GLY A . n 
A 1 156 ALA 156 762 762 ALA ALA A . n 
A 1 157 VAL 157 763 763 VAL VAL A . n 
A 1 158 TYR 158 764 764 TYR TYR A . n 
A 1 159 ALA 159 765 765 ALA ALA A . n 
A 1 160 LEU 160 766 766 LEU LEU A . n 
A 1 161 TRP 161 767 767 TRP TRP A . n 
A 1 162 ASP 162 768 768 ASP ASP A . n 
A 1 163 TYR 163 769 769 TYR TYR A . n 
A 1 164 SER 164 770 770 SER SER A . n 
A 1 165 ALA 165 771 771 ALA ALA A . n 
A 1 166 GLU 166 772 772 GLU GLU A . n 
A 1 167 PHE 167 773 773 PHE PHE A . n 
A 1 168 GLY 168 774 774 GLY GLY A . n 
A 1 169 ASP 169 775 775 ASP ASP A . n 
A 1 170 GLU 170 776 776 GLU GLU A . n 
A 1 171 LEU 171 777 777 LEU LEU A . n 
A 1 172 SER 172 778 778 SER SER A . n 
A 1 173 PHE 173 779 779 PHE PHE A . n 
A 1 174 ARG 174 780 780 ARG ARG A . n 
A 1 175 GLU 175 781 781 GLU GLU A . n 
A 1 176 GLY 176 782 782 GLY GLY A . n 
A 1 177 GLU 177 783 783 GLU GLU A . n 
A 1 178 SER 178 784 784 SER SER A . n 
A 1 179 VAL 179 785 785 VAL VAL A . n 
A 1 180 THR 180 786 786 THR THR A . n 
A 1 181 VAL 181 787 787 VAL VAL A . n 
A 1 182 LEU 182 788 788 LEU LEU A . n 
A 1 183 ARG 183 789 789 ARG ARG A . n 
A 1 184 ARG 184 790 790 ARG ARG A . n 
A 1 185 ASP 185 791 791 ASP ASP A . n 
A 1 186 GLY 186 792 792 GLY GLY A . n 
A 1 187 PRO 187 793 793 PRO PRO A . n 
A 1 188 GLU 188 794 794 GLU GLU A . n 
A 1 189 GLU 189 795 795 GLU GLU A . n 
A 1 190 THR 190 796 796 THR THR A . n 
A 1 191 ASP 191 797 797 ASP ASP A . n 
A 1 192 TRP 192 798 798 TRP TRP A . n 
A 1 193 TRP 193 799 799 TRP TRP A . n 
A 1 194 TRP 194 800 800 TRP TRP A . n 
A 1 195 ALA 195 801 801 ALA ALA A . n 
A 1 196 ALA 196 802 802 ALA ALA A . n 
A 1 197 LEU 197 803 803 LEU LEU A . n 
A 1 198 HIS 198 804 804 HIS HIS A . n 
A 1 199 GLY 199 805 805 GLY GLY A . n 
A 1 200 GLN 200 806 806 GLN GLN A . n 
A 1 201 GLU 201 807 807 GLU GLU A . n 
A 1 202 GLY 202 808 808 GLY GLY A . n 
A 1 203 TYR 203 809 809 TYR TYR A . n 
A 1 204 VAL 204 810 810 VAL VAL A . n 
A 1 205 PRO 205 811 811 PRO PRO A . n 
A 1 206 ARG 206 812 812 ARG ARG A . n 
A 1 207 ASN 207 813 813 ASN ASN A . n 
A 1 208 TYR 208 814 814 TYR TYR A . n 
A 1 209 PHE 209 815 815 PHE PHE A . n 
A 1 210 GLY 210 816 816 GLY GLY A . n 
A 1 211 LEU 211 817 817 LEU LEU A . n 
A 1 212 PHE 212 818 818 PHE PHE A . n 
A 1 213 PRO 213 819 819 PRO PRO A . n 
A 1 214 ARG 214 820 820 ARG ARG A . n 
A 1 215 VAL 215 821 821 VAL VAL A . n 
A 1 216 LYS 216 822 822 LYS LYS A . n 
A 1 217 PRO 217 823 823 PRO PRO A . n 
A 1 218 GLN 218 824 ?   ?   ?   A . n 
A 1 219 ARG 219 825 ?   ?   ?   A . n 
A 1 220 SER 220 826 ?   ?   ?   A . n 
A 1 221 LYS 221 827 ?   ?   ?   A . n 
A 1 222 VAL 222 828 ?   ?   ?   A . n 
A 1 223 LYS 223 829 ?   ?   ?   A . n 
A 1 224 HIS 224 830 ?   ?   ?   A . n 
A 1 225 HIS 225 831 ?   ?   ?   A . n 
A 1 226 HIS 226 832 ?   ?   ?   A . n 
A 1 227 HIS 227 833 ?   ?   ?   A . n 
A 1 228 HIS 228 834 ?   ?   ?   A . n 
A 1 229 HIS 229 835 ?   ?   ?   A . n 
# 
loop_
_pdbx_nonpoly_scheme.asym_id 
_pdbx_nonpoly_scheme.entity_id 
_pdbx_nonpoly_scheme.mon_id 
_pdbx_nonpoly_scheme.ndb_seq_num 
_pdbx_nonpoly_scheme.pdb_seq_num 
_pdbx_nonpoly_scheme.auth_seq_num 
_pdbx_nonpoly_scheme.pdb_mon_id 
_pdbx_nonpoly_scheme.auth_mon_id 
_pdbx_nonpoly_scheme.pdb_strand_id 
_pdbx_nonpoly_scheme.pdb_ins_code 
B 2 HOH 1   2001 2001 HOH HOH A . 
B 2 HOH 2   2002 2002 HOH HOH A . 
B 2 HOH 3   2003 2003 HOH HOH A . 
B 2 HOH 4   2004 2004 HOH HOH A . 
B 2 HOH 5   2005 2005 HOH HOH A . 
B 2 HOH 6   2006 2006 HOH HOH A . 
B 2 HOH 7   2007 2007 HOH HOH A . 
B 2 HOH 8   2008 2008 HOH HOH A . 
B 2 HOH 9   2009 2009 HOH HOH A . 
B 2 HOH 10  2010 2010 HOH HOH A . 
B 2 HOH 11  2011 2011 HOH HOH A . 
B 2 HOH 12  2012 2012 HOH HOH A . 
B 2 HOH 13  2013 2013 HOH HOH A . 
B 2 HOH 14  2014 2014 HOH HOH A . 
B 2 HOH 15  2015 2015 HOH HOH A . 
B 2 HOH 16  2016 2016 HOH HOH A . 
B 2 HOH 17  2017 2017 HOH HOH A . 
B 2 HOH 18  2018 2018 HOH HOH A . 
B 2 HOH 19  2019 2019 HOH HOH A . 
B 2 HOH 20  2020 2020 HOH HOH A . 
B 2 HOH 21  2021 2021 HOH HOH A . 
B 2 HOH 22  2022 2022 HOH HOH A . 
B 2 HOH 23  2023 2023 HOH HOH A . 
B 2 HOH 24  2024 2024 HOH HOH A . 
B 2 HOH 25  2025 2025 HOH HOH A . 
B 2 HOH 26  2026 2026 HOH HOH A . 
B 2 HOH 27  2027 2027 HOH HOH A . 
B 2 HOH 28  2028 2028 HOH HOH A . 
B 2 HOH 29  2029 2029 HOH HOH A . 
B 2 HOH 30  2030 2030 HOH HOH A . 
B 2 HOH 31  2031 2031 HOH HOH A . 
B 2 HOH 32  2032 2032 HOH HOH A . 
B 2 HOH 33  2033 2033 HOH HOH A . 
B 2 HOH 34  2034 2034 HOH HOH A . 
B 2 HOH 35  2035 2035 HOH HOH A . 
B 2 HOH 36  2036 2036 HOH HOH A . 
B 2 HOH 37  2037 2037 HOH HOH A . 
B 2 HOH 38  2038 2038 HOH HOH A . 
B 2 HOH 39  2039 2039 HOH HOH A . 
B 2 HOH 40  2040 2040 HOH HOH A . 
B 2 HOH 41  2041 2041 HOH HOH A . 
B 2 HOH 42  2042 2042 HOH HOH A . 
B 2 HOH 43  2043 2043 HOH HOH A . 
B 2 HOH 44  2044 2044 HOH HOH A . 
B 2 HOH 45  2045 2045 HOH HOH A . 
B 2 HOH 46  2046 2046 HOH HOH A . 
B 2 HOH 47  2047 2047 HOH HOH A . 
B 2 HOH 48  2048 2048 HOH HOH A . 
B 2 HOH 49  2049 2049 HOH HOH A . 
B 2 HOH 50  2050 2050 HOH HOH A . 
B 2 HOH 51  2051 2051 HOH HOH A . 
B 2 HOH 52  2052 2052 HOH HOH A . 
B 2 HOH 53  2053 2053 HOH HOH A . 
B 2 HOH 54  2054 2054 HOH HOH A . 
B 2 HOH 55  2055 2055 HOH HOH A . 
B 2 HOH 56  2056 2056 HOH HOH A . 
B 2 HOH 57  2057 2057 HOH HOH A . 
B 2 HOH 58  2058 2058 HOH HOH A . 
B 2 HOH 59  2059 2059 HOH HOH A . 
B 2 HOH 60  2060 2060 HOH HOH A . 
B 2 HOH 61  2061 2061 HOH HOH A . 
B 2 HOH 62  2062 2062 HOH HOH A . 
B 2 HOH 63  2063 2063 HOH HOH A . 
B 2 HOH 64  2064 2064 HOH HOH A . 
B 2 HOH 65  2065 2065 HOH HOH A . 
B 2 HOH 66  2066 2066 HOH HOH A . 
B 2 HOH 67  2067 2067 HOH HOH A . 
B 2 HOH 68  2068 2068 HOH HOH A . 
B 2 HOH 69  2069 2069 HOH HOH A . 
B 2 HOH 70  2070 2070 HOH HOH A . 
B 2 HOH 71  2071 2071 HOH HOH A . 
B 2 HOH 72  2072 2072 HOH HOH A . 
B 2 HOH 73  2073 2073 HOH HOH A . 
B 2 HOH 74  2074 2074 HOH HOH A . 
B 2 HOH 75  2075 2075 HOH HOH A . 
B 2 HOH 76  2076 2076 HOH HOH A . 
B 2 HOH 77  2077 2077 HOH HOH A . 
B 2 HOH 78  2078 2078 HOH HOH A . 
B 2 HOH 79  2079 2079 HOH HOH A . 
B 2 HOH 80  2080 2080 HOH HOH A . 
B 2 HOH 81  2081 2081 HOH HOH A . 
B 2 HOH 82  2082 2082 HOH HOH A . 
B 2 HOH 83  2083 2083 HOH HOH A . 
B 2 HOH 84  2084 2084 HOH HOH A . 
B 2 HOH 85  2085 2085 HOH HOH A . 
B 2 HOH 86  2086 2086 HOH HOH A . 
B 2 HOH 87  2087 2087 HOH HOH A . 
B 2 HOH 88  2088 2088 HOH HOH A . 
B 2 HOH 89  2089 2089 HOH HOH A . 
B 2 HOH 90  2090 2090 HOH HOH A . 
B 2 HOH 91  2091 2091 HOH HOH A . 
B 2 HOH 92  2092 2092 HOH HOH A . 
B 2 HOH 93  2093 2093 HOH HOH A . 
B 2 HOH 94  2094 2094 HOH HOH A . 
B 2 HOH 95  2095 2095 HOH HOH A . 
B 2 HOH 96  2096 2096 HOH HOH A . 
B 2 HOH 97  2097 2097 HOH HOH A . 
B 2 HOH 98  2098 2098 HOH HOH A . 
B 2 HOH 99  2099 2099 HOH HOH A . 
B 2 HOH 100 2100 2100 HOH HOH A . 
B 2 HOH 101 2101 2101 HOH HOH A . 
B 2 HOH 102 2102 2102 HOH HOH A . 
B 2 HOH 103 2103 2103 HOH HOH A . 
B 2 HOH 104 2104 2104 HOH HOH A . 
B 2 HOH 105 2105 2105 HOH HOH A . 
B 2 HOH 106 2106 2106 HOH HOH A . 
B 2 HOH 107 2107 2107 HOH HOH A . 
B 2 HOH 108 2108 2108 HOH HOH A . 
B 2 HOH 109 2109 2109 HOH HOH A . 
B 2 HOH 110 2110 2110 HOH HOH A . 
B 2 HOH 111 2111 2111 HOH HOH A . 
B 2 HOH 112 2112 2112 HOH HOH A . 
B 2 HOH 113 2113 2113 HOH HOH A . 
B 2 HOH 114 2114 2114 HOH HOH A . 
B 2 HOH 115 2115 2115 HOH HOH A . 
B 2 HOH 116 2116 2116 HOH HOH A . 
B 2 HOH 117 2117 2117 HOH HOH A . 
B 2 HOH 118 2118 2118 HOH HOH A . 
B 2 HOH 119 2119 2119 HOH HOH A . 
B 2 HOH 120 2120 2120 HOH HOH A . 
B 2 HOH 121 2121 2121 HOH HOH A . 
B 2 HOH 122 2122 2122 HOH HOH A . 
B 2 HOH 123 2123 2123 HOH HOH A . 
B 2 HOH 124 2124 2124 HOH HOH A . 
B 2 HOH 125 2125 2125 HOH HOH A . 
B 2 HOH 126 2126 2126 HOH HOH A . 
B 2 HOH 127 2127 2127 HOH HOH A . 
B 2 HOH 128 2128 2128 HOH HOH A . 
B 2 HOH 129 2129 2129 HOH HOH A . 
B 2 HOH 130 2130 2130 HOH HOH A . 
B 2 HOH 131 2131 2131 HOH HOH A . 
B 2 HOH 132 2132 2132 HOH HOH A . 
B 2 HOH 133 2133 2133 HOH HOH A . 
B 2 HOH 134 2134 2134 HOH HOH A . 
B 2 HOH 135 2135 2135 HOH HOH A . 
B 2 HOH 136 2136 2136 HOH HOH A . 
B 2 HOH 137 2137 2137 HOH HOH A . 
B 2 HOH 138 2138 2138 HOH HOH A . 
B 2 HOH 139 2139 2139 HOH HOH A . 
B 2 HOH 140 2140 2140 HOH HOH A . 
B 2 HOH 141 2141 2141 HOH HOH A . 
B 2 HOH 142 2142 2142 HOH HOH A . 
B 2 HOH 143 2143 2143 HOH HOH A . 
B 2 HOH 144 2144 2144 HOH HOH A . 
B 2 HOH 145 2145 2145 HOH HOH A . 
B 2 HOH 146 2146 2146 HOH HOH A . 
B 2 HOH 147 2147 2147 HOH HOH A . 
B 2 HOH 148 2148 2148 HOH HOH A . 
B 2 HOH 149 2149 2149 HOH HOH A . 
B 2 HOH 150 2150 2150 HOH HOH A . 
B 2 HOH 151 2151 2151 HOH HOH A . 
B 2 HOH 152 2152 2152 HOH HOH A . 
B 2 HOH 153 2153 2153 HOH HOH A . 
# 
_pdbx_struct_assembly.id                   1 
_pdbx_struct_assembly.details              author_and_software_defined_assembly 
_pdbx_struct_assembly.method_details       PQS 
_pdbx_struct_assembly.oligomeric_details   monomeric 
_pdbx_struct_assembly.oligomeric_count     1 
# 
_pdbx_struct_assembly_gen.assembly_id       1 
_pdbx_struct_assembly_gen.oper_expression   1 
_pdbx_struct_assembly_gen.asym_id_list      A,B 
# 
_pdbx_struct_oper_list.id                   1 
_pdbx_struct_oper_list.type                 'identity operation' 
_pdbx_struct_oper_list.name                 1_555 
_pdbx_struct_oper_list.symmetry_operation   x,y,z 
_pdbx_struct_oper_list.matrix[1][1]         1.0000000000 
_pdbx_struct_oper_list.matrix[1][2]         0.0000000000 
_pdbx_struct_oper_list.matrix[1][3]         0.0000000000 
_pdbx_struct_oper_list.vector[1]            0.0000000000 
_pdbx_struct_oper_list.matrix[2][1]         0.0000000000 
_pdbx_struct_oper_list.matrix[2][2]         1.0000000000 
_pdbx_struct_oper_list.matrix[2][3]         0.0000000000 
_pdbx_struct_oper_list.vector[2]            0.0000000000 
_pdbx_struct_oper_list.matrix[3][1]         0.0000000000 
_pdbx_struct_oper_list.matrix[3][2]         0.0000000000 
_pdbx_struct_oper_list.matrix[3][3]         1.0000000000 
_pdbx_struct_oper_list.vector[3]            0.0000000000 
# 
_pdbx_struct_special_symmetry.id              1 
_pdbx_struct_special_symmetry.PDB_model_num   1 
_pdbx_struct_special_symmetry.auth_asym_id    A 
_pdbx_struct_special_symmetry.auth_comp_id    HOH 
_pdbx_struct_special_symmetry.auth_seq_id     2116 
_pdbx_struct_special_symmetry.PDB_ins_code    ? 
_pdbx_struct_special_symmetry.label_asym_id   B 
_pdbx_struct_special_symmetry.label_comp_id   HOH 
_pdbx_struct_special_symmetry.label_seq_id    . 
# 
loop_
_pdbx_audit_revision_history.ordinal 
_pdbx_audit_revision_history.data_content_type 
_pdbx_audit_revision_history.major_revision 
_pdbx_audit_revision_history.minor_revision 
_pdbx_audit_revision_history.revision_date 
1 'Structure model' 1 0 2008-02-05 
2 'Structure model' 1 1 2011-05-08 
3 'Structure model' 1 2 2011-07-13 
4 'Structure model' 1 3 2023-12-13 
# 
_pdbx_audit_revision_details.ordinal             1 
_pdbx_audit_revision_details.revision_ordinal    1 
_pdbx_audit_revision_details.data_content_type   'Structure model' 
_pdbx_audit_revision_details.provider            repository 
_pdbx_audit_revision_details.type                'Initial release' 
_pdbx_audit_revision_details.description         ? 
_pdbx_audit_revision_details.details             ? 
# 
loop_
_pdbx_audit_revision_group.ordinal 
_pdbx_audit_revision_group.revision_ordinal 
_pdbx_audit_revision_group.data_content_type 
_pdbx_audit_revision_group.group 
1 2 'Structure model' 'Version format compliance' 
2 3 'Structure model' 'Version format compliance' 
3 4 'Structure model' 'Data collection'           
4 4 'Structure model' 'Database references'       
5 4 'Structure model' Other                       
6 4 'Structure model' 'Refinement description'    
# 
loop_
_pdbx_audit_revision_category.ordinal 
_pdbx_audit_revision_category.revision_ordinal 
_pdbx_audit_revision_category.data_content_type 
_pdbx_audit_revision_category.category 
1 4 'Structure model' chem_comp_atom                
2 4 'Structure model' chem_comp_bond                
3 4 'Structure model' database_2                    
4 4 'Structure model' pdbx_database_status          
5 4 'Structure model' pdbx_initial_refinement_model 
# 
loop_
_pdbx_audit_revision_item.ordinal 
_pdbx_audit_revision_item.revision_ordinal 
_pdbx_audit_revision_item.data_content_type 
_pdbx_audit_revision_item.item 
1 4 'Structure model' '_database_2.pdbx_DOI'                 
2 4 'Structure model' '_database_2.pdbx_database_accession'  
3 4 'Structure model' '_pdbx_database_status.status_code_sf' 
# 
loop_
_software.name 
_software.classification 
_software.version 
_software.citation_id 
_software.pdbx_ordinal 
CNS       refinement       1.1 ? 1 
DENZO     'data reduction' .   ? 2 
SCALEPACK 'data scaling'   .   ? 3 
CNS       phasing          .   ? 4 
# 
loop_
_pdbx_validate_torsion.id 
_pdbx_validate_torsion.PDB_model_num 
_pdbx_validate_torsion.auth_comp_id 
_pdbx_validate_torsion.auth_asym_id 
_pdbx_validate_torsion.auth_seq_id 
_pdbx_validate_torsion.PDB_ins_code 
_pdbx_validate_torsion.label_alt_id 
_pdbx_validate_torsion.phi 
_pdbx_validate_torsion.psi 
1 1 ASN A 685 ? ? -58.08  103.62 
2 1 ASP A 726 ? ? 46.76   -0.86  
3 1 LEU A 757 ? ? -129.85 -54.77 
4 1 ASP A 791 ? ? -77.25  33.27  
# 
_pdbx_distant_solvent_atoms.id                                1 
_pdbx_distant_solvent_atoms.PDB_model_num                     1 
_pdbx_distant_solvent_atoms.auth_atom_id                      O 
_pdbx_distant_solvent_atoms.label_alt_id                      ? 
_pdbx_distant_solvent_atoms.auth_asym_id                      A 
_pdbx_distant_solvent_atoms.auth_comp_id                      HOH 
_pdbx_distant_solvent_atoms.auth_seq_id                       2020 
_pdbx_distant_solvent_atoms.PDB_ins_code                      ? 
_pdbx_distant_solvent_atoms.neighbor_macromolecule_distance   7.00 
_pdbx_distant_solvent_atoms.neighbor_ligand_distance          . 
# 
loop_
_pdbx_unobs_or_zero_occ_atoms.id 
_pdbx_unobs_or_zero_occ_atoms.PDB_model_num 
_pdbx_unobs_or_zero_occ_atoms.polymer_flag 
_pdbx_unobs_or_zero_occ_atoms.occupancy_flag 
_pdbx_unobs_or_zero_occ_atoms.auth_asym_id 
_pdbx_unobs_or_zero_occ_atoms.auth_comp_id 
_pdbx_unobs_or_zero_occ_atoms.auth_seq_id 
_pdbx_unobs_or_zero_occ_atoms.PDB_ins_code 
_pdbx_unobs_or_zero_occ_atoms.auth_atom_id 
_pdbx_unobs_or_zero_occ_atoms.label_alt_id 
_pdbx_unobs_or_zero_occ_atoms.label_asym_id 
_pdbx_unobs_or_zero_occ_atoms.label_comp_id 
_pdbx_unobs_or_zero_occ_atoms.label_seq_id 
_pdbx_unobs_or_zero_occ_atoms.label_atom_id 
1 1 Y 1 A PRO 823 ? CA ? A PRO 217 CA 
2 1 Y 1 A PRO 823 ? C  ? A PRO 217 C  
3 1 Y 1 A PRO 823 ? O  ? A PRO 217 O  
4 1 Y 1 A PRO 823 ? CB ? A PRO 217 CB 
5 1 Y 1 A PRO 823 ? CG ? A PRO 217 CG 
6 1 Y 1 A PRO 823 ? CD ? A PRO 217 CD 
# 
loop_
_pdbx_unobs_or_zero_occ_residues.id 
_pdbx_unobs_or_zero_occ_residues.PDB_model_num 
_pdbx_unobs_or_zero_occ_residues.polymer_flag 
_pdbx_unobs_or_zero_occ_residues.occupancy_flag 
_pdbx_unobs_or_zero_occ_residues.auth_asym_id 
_pdbx_unobs_or_zero_occ_residues.auth_comp_id 
_pdbx_unobs_or_zero_occ_residues.auth_seq_id 
_pdbx_unobs_or_zero_occ_residues.PDB_ins_code 
_pdbx_unobs_or_zero_occ_residues.label_asym_id 
_pdbx_unobs_or_zero_occ_residues.label_comp_id 
_pdbx_unobs_or_zero_occ_residues.label_seq_id 
1  1 Y 1 A MET 607 ? A MET 1   
2  1 Y 1 A ARG 608 ? A ARG 2   
3  1 Y 1 A SER 609 ? A SER 3   
4  1 Y 1 A VAL 610 ? A VAL 4   
5  1 Y 1 A LEU 611 ? A LEU 5   
6  1 Y 1 A ARG 612 ? A ARG 6   
7  1 Y 1 A LYS 613 ? A LYS 7   
8  1 Y 1 A ALA 614 ? A ALA 8   
9  1 Y 1 A GLY 615 ? A GLY 9   
10 1 Y 1 A GLN 824 ? A GLN 218 
11 1 Y 1 A ARG 825 ? A ARG 219 
12 1 Y 1 A SER 826 ? A SER 220 
13 1 Y 1 A LYS 827 ? A LYS 221 
14 1 Y 1 A VAL 828 ? A VAL 222 
15 1 Y 1 A LYS 829 ? A LYS 223 
16 1 Y 1 A HIS 830 ? A HIS 224 
17 1 Y 1 A HIS 831 ? A HIS 225 
18 1 Y 1 A HIS 832 ? A HIS 226 
19 1 Y 1 A HIS 833 ? A HIS 227 
20 1 Y 1 A HIS 834 ? A HIS 228 
21 1 Y 1 A HIS 835 ? A HIS 229 
# 
loop_
_chem_comp_atom.comp_id 
_chem_comp_atom.atom_id 
_chem_comp_atom.type_symbol 
_chem_comp_atom.pdbx_aromatic_flag 
_chem_comp_atom.pdbx_stereo_config 
_chem_comp_atom.pdbx_ordinal 
ALA N    N N N 1   
ALA CA   C N S 2   
ALA C    C N N 3   
ALA O    O N N 4   
ALA CB   C N N 5   
ALA OXT  O N N 6   
ALA H    H N N 7   
ALA H2   H N N 8   
ALA HA   H N N 9   
ALA HB1  H N N 10  
ALA HB2  H N N 11  
ALA HB3  H N N 12  
ALA HXT  H N N 13  
ARG N    N N N 14  
ARG CA   C N S 15  
ARG C    C N N 16  
ARG O    O N N 17  
ARG CB   C N N 18  
ARG CG   C N N 19  
ARG CD   C N N 20  
ARG NE   N N N 21  
ARG CZ   C N N 22  
ARG NH1  N N N 23  
ARG NH2  N N N 24  
ARG OXT  O N N 25  
ARG H    H N N 26  
ARG H2   H N N 27  
ARG HA   H N N 28  
ARG HB2  H N N 29  
ARG HB3  H N N 30  
ARG HG2  H N N 31  
ARG HG3  H N N 32  
ARG HD2  H N N 33  
ARG HD3  H N N 34  
ARG HE   H N N 35  
ARG HH11 H N N 36  
ARG HH12 H N N 37  
ARG HH21 H N N 38  
ARG HH22 H N N 39  
ARG HXT  H N N 40  
ASN N    N N N 41  
ASN CA   C N S 42  
ASN C    C N N 43  
ASN O    O N N 44  
ASN CB   C N N 45  
ASN CG   C N N 46  
ASN OD1  O N N 47  
ASN ND2  N N N 48  
ASN OXT  O N N 49  
ASN H    H N N 50  
ASN H2   H N N 51  
ASN HA   H N N 52  
ASN HB2  H N N 53  
ASN HB3  H N N 54  
ASN HD21 H N N 55  
ASN HD22 H N N 56  
ASN HXT  H N N 57  
ASP N    N N N 58  
ASP CA   C N S 59  
ASP C    C N N 60  
ASP O    O N N 61  
ASP CB   C N N 62  
ASP CG   C N N 63  
ASP OD1  O N N 64  
ASP OD2  O N N 65  
ASP OXT  O N N 66  
ASP H    H N N 67  
ASP H2   H N N 68  
ASP HA   H N N 69  
ASP HB2  H N N 70  
ASP HB3  H N N 71  
ASP HD2  H N N 72  
ASP HXT  H N N 73  
CYS N    N N N 74  
CYS CA   C N R 75  
CYS C    C N N 76  
CYS O    O N N 77  
CYS CB   C N N 78  
CYS SG   S N N 79  
CYS OXT  O N N 80  
CYS H    H N N 81  
CYS H2   H N N 82  
CYS HA   H N N 83  
CYS HB2  H N N 84  
CYS HB3  H N N 85  
CYS HG   H N N 86  
CYS HXT  H N N 87  
GLN N    N N N 88  
GLN CA   C N S 89  
GLN C    C N N 90  
GLN O    O N N 91  
GLN CB   C N N 92  
GLN CG   C N N 93  
GLN CD   C N N 94  
GLN OE1  O N N 95  
GLN NE2  N N N 96  
GLN OXT  O N N 97  
GLN H    H N N 98  
GLN H2   H N N 99  
GLN HA   H N N 100 
GLN HB2  H N N 101 
GLN HB3  H N N 102 
GLN HG2  H N N 103 
GLN HG3  H N N 104 
GLN HE21 H N N 105 
GLN HE22 H N N 106 
GLN HXT  H N N 107 
GLU N    N N N 108 
GLU CA   C N S 109 
GLU C    C N N 110 
GLU O    O N N 111 
GLU CB   C N N 112 
GLU CG   C N N 113 
GLU CD   C N N 114 
GLU OE1  O N N 115 
GLU OE2  O N N 116 
GLU OXT  O N N 117 
GLU H    H N N 118 
GLU H2   H N N 119 
GLU HA   H N N 120 
GLU HB2  H N N 121 
GLU HB3  H N N 122 
GLU HG2  H N N 123 
GLU HG3  H N N 124 
GLU HE2  H N N 125 
GLU HXT  H N N 126 
GLY N    N N N 127 
GLY CA   C N N 128 
GLY C    C N N 129 
GLY O    O N N 130 
GLY OXT  O N N 131 
GLY H    H N N 132 
GLY H2   H N N 133 
GLY HA2  H N N 134 
GLY HA3  H N N 135 
GLY HXT  H N N 136 
HIS N    N N N 137 
HIS CA   C N S 138 
HIS C    C N N 139 
HIS O    O N N 140 
HIS CB   C N N 141 
HIS CG   C Y N 142 
HIS ND1  N Y N 143 
HIS CD2  C Y N 144 
HIS CE1  C Y N 145 
HIS NE2  N Y N 146 
HIS OXT  O N N 147 
HIS H    H N N 148 
HIS H2   H N N 149 
HIS HA   H N N 150 
HIS HB2  H N N 151 
HIS HB3  H N N 152 
HIS HD1  H N N 153 
HIS HD2  H N N 154 
HIS HE1  H N N 155 
HIS HE2  H N N 156 
HIS HXT  H N N 157 
HOH O    O N N 158 
HOH H1   H N N 159 
HOH H2   H N N 160 
ILE N    N N N 161 
ILE CA   C N S 162 
ILE C    C N N 163 
ILE O    O N N 164 
ILE CB   C N S 165 
ILE CG1  C N N 166 
ILE CG2  C N N 167 
ILE CD1  C N N 168 
ILE OXT  O N N 169 
ILE H    H N N 170 
ILE H2   H N N 171 
ILE HA   H N N 172 
ILE HB   H N N 173 
ILE HG12 H N N 174 
ILE HG13 H N N 175 
ILE HG21 H N N 176 
ILE HG22 H N N 177 
ILE HG23 H N N 178 
ILE HD11 H N N 179 
ILE HD12 H N N 180 
ILE HD13 H N N 181 
ILE HXT  H N N 182 
LEU N    N N N 183 
LEU CA   C N S 184 
LEU C    C N N 185 
LEU O    O N N 186 
LEU CB   C N N 187 
LEU CG   C N N 188 
LEU CD1  C N N 189 
LEU CD2  C N N 190 
LEU OXT  O N N 191 
LEU H    H N N 192 
LEU H2   H N N 193 
LEU HA   H N N 194 
LEU HB2  H N N 195 
LEU HB3  H N N 196 
LEU HG   H N N 197 
LEU HD11 H N N 198 
LEU HD12 H N N 199 
LEU HD13 H N N 200 
LEU HD21 H N N 201 
LEU HD22 H N N 202 
LEU HD23 H N N 203 
LEU HXT  H N N 204 
LYS N    N N N 205 
LYS CA   C N S 206 
LYS C    C N N 207 
LYS O    O N N 208 
LYS CB   C N N 209 
LYS CG   C N N 210 
LYS CD   C N N 211 
LYS CE   C N N 212 
LYS NZ   N N N 213 
LYS OXT  O N N 214 
LYS H    H N N 215 
LYS H2   H N N 216 
LYS HA   H N N 217 
LYS HB2  H N N 218 
LYS HB3  H N N 219 
LYS HG2  H N N 220 
LYS HG3  H N N 221 
LYS HD2  H N N 222 
LYS HD3  H N N 223 
LYS HE2  H N N 224 
LYS HE3  H N N 225 
LYS HZ1  H N N 226 
LYS HZ2  H N N 227 
LYS HZ3  H N N 228 
LYS HXT  H N N 229 
MET N    N N N 230 
MET CA   C N S 231 
MET C    C N N 232 
MET O    O N N 233 
MET CB   C N N 234 
MET CG   C N N 235 
MET SD   S N N 236 
MET CE   C N N 237 
MET OXT  O N N 238 
MET H    H N N 239 
MET H2   H N N 240 
MET HA   H N N 241 
MET HB2  H N N 242 
MET HB3  H N N 243 
MET HG2  H N N 244 
MET HG3  H N N 245 
MET HE1  H N N 246 
MET HE2  H N N 247 
MET HE3  H N N 248 
MET HXT  H N N 249 
PHE N    N N N 250 
PHE CA   C N S 251 
PHE C    C N N 252 
PHE O    O N N 253 
PHE CB   C N N 254 
PHE CG   C Y N 255 
PHE CD1  C Y N 256 
PHE CD2  C Y N 257 
PHE CE1  C Y N 258 
PHE CE2  C Y N 259 
PHE CZ   C Y N 260 
PHE OXT  O N N 261 
PHE H    H N N 262 
PHE H2   H N N 263 
PHE HA   H N N 264 
PHE HB2  H N N 265 
PHE HB3  H N N 266 
PHE HD1  H N N 267 
PHE HD2  H N N 268 
PHE HE1  H N N 269 
PHE HE2  H N N 270 
PHE HZ   H N N 271 
PHE HXT  H N N 272 
PRO N    N N N 273 
PRO CA   C N S 274 
PRO C    C N N 275 
PRO O    O N N 276 
PRO CB   C N N 277 
PRO CG   C N N 278 
PRO CD   C N N 279 
PRO OXT  O N N 280 
PRO H    H N N 281 
PRO HA   H N N 282 
PRO HB2  H N N 283 
PRO HB3  H N N 284 
PRO HG2  H N N 285 
PRO HG3  H N N 286 
PRO HD2  H N N 287 
PRO HD3  H N N 288 
PRO HXT  H N N 289 
SER N    N N N 290 
SER CA   C N S 291 
SER C    C N N 292 
SER O    O N N 293 
SER CB   C N N 294 
SER OG   O N N 295 
SER OXT  O N N 296 
SER H    H N N 297 
SER H2   H N N 298 
SER HA   H N N 299 
SER HB2  H N N 300 
SER HB3  H N N 301 
SER HG   H N N 302 
SER HXT  H N N 303 
THR N    N N N 304 
THR CA   C N S 305 
THR C    C N N 306 
THR O    O N N 307 
THR CB   C N R 308 
THR OG1  O N N 309 
THR CG2  C N N 310 
THR OXT  O N N 311 
THR H    H N N 312 
THR H2   H N N 313 
THR HA   H N N 314 
THR HB   H N N 315 
THR HG1  H N N 316 
THR HG21 H N N 317 
THR HG22 H N N 318 
THR HG23 H N N 319 
THR HXT  H N N 320 
TRP N    N N N 321 
TRP CA   C N S 322 
TRP C    C N N 323 
TRP O    O N N 324 
TRP CB   C N N 325 
TRP CG   C Y N 326 
TRP CD1  C Y N 327 
TRP CD2  C Y N 328 
TRP NE1  N Y N 329 
TRP CE2  C Y N 330 
TRP CE3  C Y N 331 
TRP CZ2  C Y N 332 
TRP CZ3  C Y N 333 
TRP CH2  C Y N 334 
TRP OXT  O N N 335 
TRP H    H N N 336 
TRP H2   H N N 337 
TRP HA   H N N 338 
TRP HB2  H N N 339 
TRP HB3  H N N 340 
TRP HD1  H N N 341 
TRP HE1  H N N 342 
TRP HE3  H N N 343 
TRP HZ2  H N N 344 
TRP HZ3  H N N 345 
TRP HH2  H N N 346 
TRP HXT  H N N 347 
TYR N    N N N 348 
TYR CA   C N S 349 
TYR C    C N N 350 
TYR O    O N N 351 
TYR CB   C N N 352 
TYR CG   C Y N 353 
TYR CD1  C Y N 354 
TYR CD2  C Y N 355 
TYR CE1  C Y N 356 
TYR CE2  C Y N 357 
TYR CZ   C Y N 358 
TYR OH   O N N 359 
TYR OXT  O N N 360 
TYR H    H N N 361 
TYR H2   H N N 362 
TYR HA   H N N 363 
TYR HB2  H N N 364 
TYR HB3  H N N 365 
TYR HD1  H N N 366 
TYR HD2  H N N 367 
TYR HE1  H N N 368 
TYR HE2  H N N 369 
TYR HH   H N N 370 
TYR HXT  H N N 371 
VAL N    N N N 372 
VAL CA   C N S 373 
VAL C    C N N 374 
VAL O    O N N 375 
VAL CB   C N N 376 
VAL CG1  C N N 377 
VAL CG2  C N N 378 
VAL OXT  O N N 379 
VAL H    H N N 380 
VAL H2   H N N 381 
VAL HA   H N N 382 
VAL HB   H N N 383 
VAL HG11 H N N 384 
VAL HG12 H N N 385 
VAL HG13 H N N 386 
VAL HG21 H N N 387 
VAL HG22 H N N 388 
VAL HG23 H N N 389 
VAL HXT  H N N 390 
# 
loop_
_chem_comp_bond.comp_id 
_chem_comp_bond.atom_id_1 
_chem_comp_bond.atom_id_2 
_chem_comp_bond.value_order 
_chem_comp_bond.pdbx_aromatic_flag 
_chem_comp_bond.pdbx_stereo_config 
_chem_comp_bond.pdbx_ordinal 
ALA N   CA   sing N N 1   
ALA N   H    sing N N 2   
ALA N   H2   sing N N 3   
ALA CA  C    sing N N 4   
ALA CA  CB   sing N N 5   
ALA CA  HA   sing N N 6   
ALA C   O    doub N N 7   
ALA C   OXT  sing N N 8   
ALA CB  HB1  sing N N 9   
ALA CB  HB2  sing N N 10  
ALA CB  HB3  sing N N 11  
ALA OXT HXT  sing N N 12  
ARG N   CA   sing N N 13  
ARG N   H    sing N N 14  
ARG N   H2   sing N N 15  
ARG CA  C    sing N N 16  
ARG CA  CB   sing N N 17  
ARG CA  HA   sing N N 18  
ARG C   O    doub N N 19  
ARG C   OXT  sing N N 20  
ARG CB  CG   sing N N 21  
ARG CB  HB2  sing N N 22  
ARG CB  HB3  sing N N 23  
ARG CG  CD   sing N N 24  
ARG CG  HG2  sing N N 25  
ARG CG  HG3  sing N N 26  
ARG CD  NE   sing N N 27  
ARG CD  HD2  sing N N 28  
ARG CD  HD3  sing N N 29  
ARG NE  CZ   sing N N 30  
ARG NE  HE   sing N N 31  
ARG CZ  NH1  sing N N 32  
ARG CZ  NH2  doub N N 33  
ARG NH1 HH11 sing N N 34  
ARG NH1 HH12 sing N N 35  
ARG NH2 HH21 sing N N 36  
ARG NH2 HH22 sing N N 37  
ARG OXT HXT  sing N N 38  
ASN N   CA   sing N N 39  
ASN N   H    sing N N 40  
ASN N   H2   sing N N 41  
ASN CA  C    sing N N 42  
ASN CA  CB   sing N N 43  
ASN CA  HA   sing N N 44  
ASN C   O    doub N N 45  
ASN C   OXT  sing N N 46  
ASN CB  CG   sing N N 47  
ASN CB  HB2  sing N N 48  
ASN CB  HB3  sing N N 49  
ASN CG  OD1  doub N N 50  
ASN CG  ND2  sing N N 51  
ASN ND2 HD21 sing N N 52  
ASN ND2 HD22 sing N N 53  
ASN OXT HXT  sing N N 54  
ASP N   CA   sing N N 55  
ASP N   H    sing N N 56  
ASP N   H2   sing N N 57  
ASP CA  C    sing N N 58  
ASP CA  CB   sing N N 59  
ASP CA  HA   sing N N 60  
ASP C   O    doub N N 61  
ASP C   OXT  sing N N 62  
ASP CB  CG   sing N N 63  
ASP CB  HB2  sing N N 64  
ASP CB  HB3  sing N N 65  
ASP CG  OD1  doub N N 66  
ASP CG  OD2  sing N N 67  
ASP OD2 HD2  sing N N 68  
ASP OXT HXT  sing N N 69  
CYS N   CA   sing N N 70  
CYS N   H    sing N N 71  
CYS N   H2   sing N N 72  
CYS CA  C    sing N N 73  
CYS CA  CB   sing N N 74  
CYS CA  HA   sing N N 75  
CYS C   O    doub N N 76  
CYS C   OXT  sing N N 77  
CYS CB  SG   sing N N 78  
CYS CB  HB2  sing N N 79  
CYS CB  HB3  sing N N 80  
CYS SG  HG   sing N N 81  
CYS OXT HXT  sing N N 82  
GLN N   CA   sing N N 83  
GLN N   H    sing N N 84  
GLN N   H2   sing N N 85  
GLN CA  C    sing N N 86  
GLN CA  CB   sing N N 87  
GLN CA  HA   sing N N 88  
GLN C   O    doub N N 89  
GLN C   OXT  sing N N 90  
GLN CB  CG   sing N N 91  
GLN CB  HB2  sing N N 92  
GLN CB  HB3  sing N N 93  
GLN CG  CD   sing N N 94  
GLN CG  HG2  sing N N 95  
GLN CG  HG3  sing N N 96  
GLN CD  OE1  doub N N 97  
GLN CD  NE2  sing N N 98  
GLN NE2 HE21 sing N N 99  
GLN NE2 HE22 sing N N 100 
GLN OXT HXT  sing N N 101 
GLU N   CA   sing N N 102 
GLU N   H    sing N N 103 
GLU N   H2   sing N N 104 
GLU CA  C    sing N N 105 
GLU CA  CB   sing N N 106 
GLU CA  HA   sing N N 107 
GLU C   O    doub N N 108 
GLU C   OXT  sing N N 109 
GLU CB  CG   sing N N 110 
GLU CB  HB2  sing N N 111 
GLU CB  HB3  sing N N 112 
GLU CG  CD   sing N N 113 
GLU CG  HG2  sing N N 114 
GLU CG  HG3  sing N N 115 
GLU CD  OE1  doub N N 116 
GLU CD  OE2  sing N N 117 
GLU OE2 HE2  sing N N 118 
GLU OXT HXT  sing N N 119 
GLY N   CA   sing N N 120 
GLY N   H    sing N N 121 
GLY N   H2   sing N N 122 
GLY CA  C    sing N N 123 
GLY CA  HA2  sing N N 124 
GLY CA  HA3  sing N N 125 
GLY C   O    doub N N 126 
GLY C   OXT  sing N N 127 
GLY OXT HXT  sing N N 128 
HIS N   CA   sing N N 129 
HIS N   H    sing N N 130 
HIS N   H2   sing N N 131 
HIS CA  C    sing N N 132 
HIS CA  CB   sing N N 133 
HIS CA  HA   sing N N 134 
HIS C   O    doub N N 135 
HIS C   OXT  sing N N 136 
HIS CB  CG   sing N N 137 
HIS CB  HB2  sing N N 138 
HIS CB  HB3  sing N N 139 
HIS CG  ND1  sing Y N 140 
HIS CG  CD2  doub Y N 141 
HIS ND1 CE1  doub Y N 142 
HIS ND1 HD1  sing N N 143 
HIS CD2 NE2  sing Y N 144 
HIS CD2 HD2  sing N N 145 
HIS CE1 NE2  sing Y N 146 
HIS CE1 HE1  sing N N 147 
HIS NE2 HE2  sing N N 148 
HIS OXT HXT  sing N N 149 
HOH O   H1   sing N N 150 
HOH O   H2   sing N N 151 
ILE N   CA   sing N N 152 
ILE N   H    sing N N 153 
ILE N   H2   sing N N 154 
ILE CA  C    sing N N 155 
ILE CA  CB   sing N N 156 
ILE CA  HA   sing N N 157 
ILE C   O    doub N N 158 
ILE C   OXT  sing N N 159 
ILE CB  CG1  sing N N 160 
ILE CB  CG2  sing N N 161 
ILE CB  HB   sing N N 162 
ILE CG1 CD1  sing N N 163 
ILE CG1 HG12 sing N N 164 
ILE CG1 HG13 sing N N 165 
ILE CG2 HG21 sing N N 166 
ILE CG2 HG22 sing N N 167 
ILE CG2 HG23 sing N N 168 
ILE CD1 HD11 sing N N 169 
ILE CD1 HD12 sing N N 170 
ILE CD1 HD13 sing N N 171 
ILE OXT HXT  sing N N 172 
LEU N   CA   sing N N 173 
LEU N   H    sing N N 174 
LEU N   H2   sing N N 175 
LEU CA  C    sing N N 176 
LEU CA  CB   sing N N 177 
LEU CA  HA   sing N N 178 
LEU C   O    doub N N 179 
LEU C   OXT  sing N N 180 
LEU CB  CG   sing N N 181 
LEU CB  HB2  sing N N 182 
LEU CB  HB3  sing N N 183 
LEU CG  CD1  sing N N 184 
LEU CG  CD2  sing N N 185 
LEU CG  HG   sing N N 186 
LEU CD1 HD11 sing N N 187 
LEU CD1 HD12 sing N N 188 
LEU CD1 HD13 sing N N 189 
LEU CD2 HD21 sing N N 190 
LEU CD2 HD22 sing N N 191 
LEU CD2 HD23 sing N N 192 
LEU OXT HXT  sing N N 193 
LYS N   CA   sing N N 194 
LYS N   H    sing N N 195 
LYS N   H2   sing N N 196 
LYS CA  C    sing N N 197 
LYS CA  CB   sing N N 198 
LYS CA  HA   sing N N 199 
LYS C   O    doub N N 200 
LYS C   OXT  sing N N 201 
LYS CB  CG   sing N N 202 
LYS CB  HB2  sing N N 203 
LYS CB  HB3  sing N N 204 
LYS CG  CD   sing N N 205 
LYS CG  HG2  sing N N 206 
LYS CG  HG3  sing N N 207 
LYS CD  CE   sing N N 208 
LYS CD  HD2  sing N N 209 
LYS CD  HD3  sing N N 210 
LYS CE  NZ   sing N N 211 
LYS CE  HE2  sing N N 212 
LYS CE  HE3  sing N N 213 
LYS NZ  HZ1  sing N N 214 
LYS NZ  HZ2  sing N N 215 
LYS NZ  HZ3  sing N N 216 
LYS OXT HXT  sing N N 217 
MET N   CA   sing N N 218 
MET N   H    sing N N 219 
MET N   H2   sing N N 220 
MET CA  C    sing N N 221 
MET CA  CB   sing N N 222 
MET CA  HA   sing N N 223 
MET C   O    doub N N 224 
MET C   OXT  sing N N 225 
MET CB  CG   sing N N 226 
MET CB  HB2  sing N N 227 
MET CB  HB3  sing N N 228 
MET CG  SD   sing N N 229 
MET CG  HG2  sing N N 230 
MET CG  HG3  sing N N 231 
MET SD  CE   sing N N 232 
MET CE  HE1  sing N N 233 
MET CE  HE2  sing N N 234 
MET CE  HE3  sing N N 235 
MET OXT HXT  sing N N 236 
PHE N   CA   sing N N 237 
PHE N   H    sing N N 238 
PHE N   H2   sing N N 239 
PHE CA  C    sing N N 240 
PHE CA  CB   sing N N 241 
PHE CA  HA   sing N N 242 
PHE C   O    doub N N 243 
PHE C   OXT  sing N N 244 
PHE CB  CG   sing N N 245 
PHE CB  HB2  sing N N 246 
PHE CB  HB3  sing N N 247 
PHE CG  CD1  doub Y N 248 
PHE CG  CD2  sing Y N 249 
PHE CD1 CE1  sing Y N 250 
PHE CD1 HD1  sing N N 251 
PHE CD2 CE2  doub Y N 252 
PHE CD2 HD2  sing N N 253 
PHE CE1 CZ   doub Y N 254 
PHE CE1 HE1  sing N N 255 
PHE CE2 CZ   sing Y N 256 
PHE CE2 HE2  sing N N 257 
PHE CZ  HZ   sing N N 258 
PHE OXT HXT  sing N N 259 
PRO N   CA   sing N N 260 
PRO N   CD   sing N N 261 
PRO N   H    sing N N 262 
PRO CA  C    sing N N 263 
PRO CA  CB   sing N N 264 
PRO CA  HA   sing N N 265 
PRO C   O    doub N N 266 
PRO C   OXT  sing N N 267 
PRO CB  CG   sing N N 268 
PRO CB  HB2  sing N N 269 
PRO CB  HB3  sing N N 270 
PRO CG  CD   sing N N 271 
PRO CG  HG2  sing N N 272 
PRO CG  HG3  sing N N 273 
PRO CD  HD2  sing N N 274 
PRO CD  HD3  sing N N 275 
PRO OXT HXT  sing N N 276 
SER N   CA   sing N N 277 
SER N   H    sing N N 278 
SER N   H2   sing N N 279 
SER CA  C    sing N N 280 
SER CA  CB   sing N N 281 
SER CA  HA   sing N N 282 
SER C   O    doub N N 283 
SER C   OXT  sing N N 284 
SER CB  OG   sing N N 285 
SER CB  HB2  sing N N 286 
SER CB  HB3  sing N N 287 
SER OG  HG   sing N N 288 
SER OXT HXT  sing N N 289 
THR N   CA   sing N N 290 
THR N   H    sing N N 291 
THR N   H2   sing N N 292 
THR CA  C    sing N N 293 
THR CA  CB   sing N N 294 
THR CA  HA   sing N N 295 
THR C   O    doub N N 296 
THR C   OXT  sing N N 297 
THR CB  OG1  sing N N 298 
THR CB  CG2  sing N N 299 
THR CB  HB   sing N N 300 
THR OG1 HG1  sing N N 301 
THR CG2 HG21 sing N N 302 
THR CG2 HG22 sing N N 303 
THR CG2 HG23 sing N N 304 
THR OXT HXT  sing N N 305 
TRP N   CA   sing N N 306 
TRP N   H    sing N N 307 
TRP N   H2   sing N N 308 
TRP CA  C    sing N N 309 
TRP CA  CB   sing N N 310 
TRP CA  HA   sing N N 311 
TRP C   O    doub N N 312 
TRP C   OXT  sing N N 313 
TRP CB  CG   sing N N 314 
TRP CB  HB2  sing N N 315 
TRP CB  HB3  sing N N 316 
TRP CG  CD1  doub Y N 317 
TRP CG  CD2  sing Y N 318 
TRP CD1 NE1  sing Y N 319 
TRP CD1 HD1  sing N N 320 
TRP CD2 CE2  doub Y N 321 
TRP CD2 CE3  sing Y N 322 
TRP NE1 CE2  sing Y N 323 
TRP NE1 HE1  sing N N 324 
TRP CE2 CZ2  sing Y N 325 
TRP CE3 CZ3  doub Y N 326 
TRP CE3 HE3  sing N N 327 
TRP CZ2 CH2  doub Y N 328 
TRP CZ2 HZ2  sing N N 329 
TRP CZ3 CH2  sing Y N 330 
TRP CZ3 HZ3  sing N N 331 
TRP CH2 HH2  sing N N 332 
TRP OXT HXT  sing N N 333 
TYR N   CA   sing N N 334 
TYR N   H    sing N N 335 
TYR N   H2   sing N N 336 
TYR CA  C    sing N N 337 
TYR CA  CB   sing N N 338 
TYR CA  HA   sing N N 339 
TYR C   O    doub N N 340 
TYR C   OXT  sing N N 341 
TYR CB  CG   sing N N 342 
TYR CB  HB2  sing N N 343 
TYR CB  HB3  sing N N 344 
TYR CG  CD1  doub Y N 345 
TYR CG  CD2  sing Y N 346 
TYR CD1 CE1  sing Y N 347 
TYR CD1 HD1  sing N N 348 
TYR CD2 CE2  doub Y N 349 
TYR CD2 HD2  sing N N 350 
TYR CE1 CZ   doub Y N 351 
TYR CE1 HE1  sing N N 352 
TYR CE2 CZ   sing Y N 353 
TYR CE2 HE2  sing N N 354 
TYR CZ  OH   sing N N 355 
TYR OH  HH   sing N N 356 
TYR OXT HXT  sing N N 357 
VAL N   CA   sing N N 358 
VAL N   H    sing N N 359 
VAL N   H2   sing N N 360 
VAL CA  C    sing N N 361 
VAL CA  CB   sing N N 362 
VAL CA  HA   sing N N 363 
VAL C   O    doub N N 364 
VAL C   OXT  sing N N 365 
VAL CB  CG1  sing N N 366 
VAL CB  CG2  sing N N 367 
VAL CB  HB   sing N N 368 
VAL CG1 HG11 sing N N 369 
VAL CG1 HG12 sing N N 370 
VAL CG1 HG13 sing N N 371 
VAL CG2 HG21 sing N N 372 
VAL CG2 HG22 sing N N 373 
VAL CG2 HG23 sing N N 374 
VAL OXT HXT  sing N N 375 
# 
_pdbx_entity_nonpoly.entity_id   2 
_pdbx_entity_nonpoly.name        water 
_pdbx_entity_nonpoly.comp_id     HOH 
# 
_pdbx_initial_refinement_model.id               1 
_pdbx_initial_refinement_model.entity_id_list   ? 
_pdbx_initial_refinement_model.type             'experimental model' 
_pdbx_initial_refinement_model.source_name      PDB 
_pdbx_initial_refinement_model.accession_code   1YCS 
_pdbx_initial_refinement_model.details          'PDB ENTRY 1YCS' 
# 
